data_6DFW
#
_entry.id   6DFW
#
_cell.length_a   93.094
_cell.length_b   102.044
_cell.length_c   136.001
_cell.angle_alpha   90.00
_cell.angle_beta   107.83
_cell.angle_gamma   90.00
#
_symmetry.space_group_name_H-M   'P 1 21 1'
#
loop_
_entity.id
_entity.type
_entity.pdbx_description
1 polymer 'H-2 class II histocompatibility antigen, A-D alpha chain'
2 polymer 'H2-Ab1 protein'
3 polymer '8F10 alpha chain'
4 polymer '8F10 beta chain'
#
loop_
_entity_poly.entity_id
_entity_poly.type
_entity_poly.pdbx_seq_one_letter_code
_entity_poly.pdbx_strand_id
1 'polypeptide(L)'
;DIEADHVGFYGTTVYQSPGDIGQYTHEFDGDELFYVDLDKKKTVWRLPEFGQLILFEPQGGLQNIAAEKHNLGILTKRSN
FTPATNEAPQATVFPKSPVLLGQPNTLICFVDNIFPPVINITWLRNSKSVTDGVYETSFLVNRDHSFHKLSYLTFIPSDD
DIYDCKVEHWGLEEPVLKHWEPE
;
A,C
2 'polypeptide(L)'
;HLVERLYLVCGGEGAGGGSLVGGSGGGSERHFVHQFKGECYFTNGTQRIRLVTRYIYNREEYLRFDSDVGEYRAVTELGR
HSAEYYNKQYLERTRAELDTACRHNYEETEVPTSLRRLEQPNVAISLSRTEALNHHNTLVCSVTDFYPAKIKVRWFRNGQ
EETVGVSSTQLIRNGDWTFQVLVMLEMTPHQGEVYTCHVEHPSLKSPITVEWRAQGGLVPR
;
B,D
3 'polypeptide(L)'
;MEQVEQLPSILRVQEGSSASINCSYEDSASNYFPWYKQEPGENPKLIIDIRSNMERKQTQGLIVLLDKKAKRFSLHITDT
QPGDSAMYFCAASRRGSGGSNYKLTFGKGTLLTVTPNIQNPDPAVYQLRDSKSSDKSVCLFTDFDSQTNVSQSKDSDVYI
TDKCVLDMRSMDFKSNSAVAWSNKSDFACANAFNNSIIPEDTFFPSPESS
;
E,G
4 'polypeptide(L)'
;MAVTQSPRNKVAVTGGKVTLSCDQTNNHNNMYWYRQDTGHGLRLIHYSYGAGSTEKGDIPDGYKASRPSQKEFSLILELA
TPSQTSVYFCASGGLGGDEQYFGPGTRLTVLEDLKNVFPPEVAVFEPSEAEISHTQKATLVCLATGFYPDHVELSWWVNG
KEVHSGVCTDPQPLKEQPALNDSRYALSSRLRVSATFWQNPRNHFRCQVQFYGLSENDEWTQDRAKPVTQIVSAEAWGRA
D
;
F,H
#
# COMPACT_ATOMS: atom_id res chain seq x y z
N ASP A 1 12.22 29.94 25.62
CA ASP A 1 12.50 30.14 24.19
C ASP A 1 13.52 29.07 23.71
N ILE A 2 13.09 27.84 23.36
CA ILE A 2 11.75 27.20 23.60
C ILE A 2 11.91 25.67 23.97
N GLU A 3 12.01 25.38 25.28
CA GLU A 3 12.32 24.03 25.88
C GLU A 3 11.62 22.83 25.20
N ALA A 4 12.39 21.80 24.78
CA ALA A 4 11.85 20.61 24.05
C ALA A 4 12.90 19.55 23.72
N ASP A 5 12.45 18.29 23.60
CA ASP A 5 13.34 17.18 23.22
C ASP A 5 13.50 17.05 21.73
N HIS A 6 12.45 17.34 20.98
CA HIS A 6 12.50 17.19 19.53
C HIS A 6 11.64 18.22 18.86
N VAL A 7 12.19 18.77 17.76
CA VAL A 7 11.60 19.80 16.86
C VAL A 7 11.40 19.27 15.42
N GLY A 8 10.15 19.18 14.96
CA GLY A 8 9.84 18.85 13.57
C GLY A 8 9.40 20.10 12.81
N PHE A 9 10.33 20.75 12.10
CA PHE A 9 10.02 21.71 11.03
C PHE A 9 9.46 20.99 9.77
N TYR A 10 8.11 20.78 9.86
CA TYR A 10 7.35 20.11 8.80
C TYR A 10 6.55 21.14 8.05
N GLY A 11 6.81 21.21 6.75
CA GLY A 11 6.42 22.39 5.97
C GLY A 11 7.32 23.58 6.32
N THR A 12 8.13 23.94 5.33
CA THR A 12 8.94 25.14 5.37
C THR A 12 9.15 25.52 3.93
N THR A 13 8.17 26.39 3.49
CA THR A 13 8.26 27.15 2.20
C THR A 13 8.96 28.43 2.39
N VAL A 14 9.68 28.76 1.32
CA VAL A 14 10.32 30.07 1.21
C VAL A 14 10.23 30.59 -0.24
N TYR A 15 9.77 31.84 -0.44
CA TYR A 15 9.67 32.47 -1.81
C TYR A 15 10.19 33.87 -1.88
N GLN A 16 11.03 34.12 -2.90
CA GLN A 16 11.64 35.40 -3.06
C GLN A 16 11.66 35.78 -4.50
N SER A 17 11.33 37.06 -4.71
CA SER A 17 11.22 37.67 -6.00
C SER A 17 11.83 39.07 -6.08
N PRO A 18 12.30 39.46 -7.27
CA PRO A 18 12.09 38.79 -8.59
C PRO A 18 12.88 37.52 -8.82
N GLY A 19 12.59 36.83 -9.93
CA GLY A 19 13.37 35.63 -10.36
C GLY A 19 12.69 34.33 -10.00
N ASP A 20 11.61 34.39 -9.21
CA ASP A 20 10.75 33.19 -8.97
C ASP A 20 11.30 32.07 -8.13
N ILE A 21 12.23 32.38 -7.25
CA ILE A 21 12.96 31.41 -6.44
C ILE A 21 12.08 30.84 -5.32
N GLY A 22 11.95 29.50 -5.26
CA GLY A 22 11.25 28.79 -4.17
C GLY A 22 11.95 27.55 -3.53
N GLN A 23 11.57 27.10 -2.33
CA GLN A 23 12.29 26.02 -1.70
C GLN A 23 11.50 25.27 -0.62
N TYR A 24 11.00 24.08 -0.91
CA TYR A 24 10.18 23.43 0.10
C TYR A 24 10.91 22.23 0.80
N THR A 25 11.15 22.33 2.12
CA THR A 25 12.03 21.41 2.86
C THR A 25 11.41 21.16 4.22
N HIS A 26 11.49 19.90 4.65
CA HIS A 26 11.19 19.46 6.01
C HIS A 26 12.54 19.23 6.72
N GLU A 27 12.46 19.36 8.06
CA GLU A 27 13.63 19.13 8.88
C GLU A 27 13.25 18.21 10.04
N PHE A 28 14.24 17.62 10.75
CA PHE A 28 14.04 17.05 12.12
C PHE A 28 15.30 17.23 12.95
N ASP A 29 15.16 17.76 14.17
CA ASP A 29 16.26 18.32 14.96
C ASP A 29 17.45 18.91 14.14
N GLY A 30 17.23 19.40 12.89
CA GLY A 30 18.28 20.26 12.27
C GLY A 30 18.88 19.60 10.98
N ASP A 31 18.19 18.59 10.53
CA ASP A 31 18.85 17.94 9.43
C ASP A 31 17.83 17.72 8.48
N GLU A 32 18.22 17.91 7.20
CA GLU A 32 17.25 17.92 6.14
C GLU A 32 16.62 16.55 5.90
N LEU A 33 15.39 16.36 6.31
CA LEU A 33 14.65 15.15 5.92
C LEU A 33 14.56 14.91 4.39
N PHE A 34 14.13 15.99 3.68
CA PHE A 34 13.89 16.10 2.20
C PHE A 34 13.46 17.48 1.78
N TYR A 35 13.86 17.88 0.57
CA TYR A 35 13.26 18.96 -0.21
C TYR A 35 12.38 18.46 -1.40
N VAL A 36 11.40 19.29 -1.83
CA VAL A 36 10.68 19.06 -3.12
C VAL A 36 11.36 19.90 -4.17
N ASP A 37 11.87 19.20 -5.21
CA ASP A 37 12.36 19.83 -6.43
C ASP A 37 11.14 20.26 -7.24
N LEU A 38 11.17 21.52 -7.70
CA LEU A 38 9.98 22.22 -8.18
C LEU A 38 9.74 22.13 -9.67
N ASP A 39 10.78 21.98 -10.49
CA ASP A 39 10.57 21.73 -11.94
C ASP A 39 9.94 20.39 -12.22
N LYS A 40 10.48 19.34 -11.54
CA LYS A 40 10.18 17.90 -11.80
C LYS A 40 9.11 17.37 -10.91
N LYS A 41 8.92 18.05 -9.77
CA LYS A 41 7.73 17.78 -8.93
C LYS A 41 7.93 16.39 -8.30
N LYS A 42 9.05 16.26 -7.58
CA LYS A 42 9.40 15.04 -6.91
C LYS A 42 10.13 15.35 -5.63
N THR A 43 9.78 14.56 -4.60
CA THR A 43 10.42 14.62 -3.28
C THR A 43 11.84 14.22 -3.51
N VAL A 44 12.75 14.70 -2.69
CA VAL A 44 14.15 14.33 -2.89
C VAL A 44 14.69 14.16 -1.49
N TRP A 45 14.96 12.90 -1.16
CA TRP A 45 15.16 12.55 0.24
C TRP A 45 16.63 12.76 0.54
N ARG A 46 16.98 13.23 1.75
CA ARG A 46 18.38 13.62 1.96
C ARG A 46 19.33 12.42 1.92
N LEU A 47 19.00 11.36 2.73
CA LEU A 47 19.56 9.95 2.76
C LEU A 47 18.45 9.01 2.24
N PRO A 48 18.71 8.45 0.99
CA PRO A 48 17.63 7.75 0.31
C PRO A 48 17.06 6.60 1.15
N GLU A 49 17.84 5.97 2.07
CA GLU A 49 17.31 5.21 3.25
C GLU A 49 15.85 5.61 3.69
N PHE A 50 15.66 6.89 4.04
CA PHE A 50 14.36 7.48 4.35
C PHE A 50 13.33 7.38 3.20
N GLY A 51 13.82 7.34 1.94
CA GLY A 51 12.98 7.11 0.73
C GLY A 51 12.28 5.75 0.62
N GLN A 52 12.77 4.71 1.32
CA GLN A 52 12.15 3.39 1.18
C GLN A 52 10.91 3.31 2.03
N LEU A 53 10.93 3.88 3.24
CA LEU A 53 9.87 3.59 4.21
C LEU A 53 8.66 4.46 4.11
N ILE A 54 8.93 5.78 4.08
CA ILE A 54 7.83 6.81 4.04
C ILE A 54 7.82 7.54 2.70
N LEU A 55 6.65 8.00 2.28
CA LEU A 55 6.54 8.93 1.14
C LEU A 55 5.89 10.25 1.52
N PHE A 56 6.39 11.30 0.83
CA PHE A 56 5.84 12.67 0.83
C PHE A 56 5.31 13.01 -0.50
N GLU A 57 4.04 13.34 -0.56
CA GLU A 57 3.45 13.69 -1.84
C GLU A 57 3.83 15.12 -2.25
N PRO A 58 4.48 15.26 -3.45
CA PRO A 58 5.21 16.52 -3.81
C PRO A 58 4.30 17.70 -4.18
N GLN A 59 3.14 17.42 -4.77
N GLN A 59 3.15 17.40 -4.79
CA GLN A 59 2.12 18.41 -5.02
CA GLN A 59 2.12 18.39 -5.02
C GLN A 59 1.85 19.27 -3.79
C GLN A 59 1.84 19.25 -3.79
N GLY A 60 2.13 18.72 -2.60
CA GLY A 60 1.91 19.44 -1.36
C GLY A 60 3.02 20.41 -1.04
N GLY A 61 4.11 20.34 -1.79
CA GLY A 61 5.12 21.36 -1.68
C GLY A 61 4.66 22.46 -2.63
N LEU A 62 4.21 22.04 -3.80
CA LEU A 62 3.59 22.94 -4.69
C LEU A 62 2.48 23.80 -3.98
N GLN A 63 1.47 23.18 -3.35
CA GLN A 63 0.48 23.98 -2.61
C GLN A 63 1.23 24.97 -1.69
N ASN A 64 1.97 24.53 -0.70
CA ASN A 64 2.58 25.55 0.14
C ASN A 64 3.39 26.65 -0.52
N ILE A 65 3.98 26.31 -1.67
CA ILE A 65 4.65 27.27 -2.60
C ILE A 65 3.66 28.35 -3.15
N ALA A 66 2.65 27.90 -3.88
CA ALA A 66 1.56 28.75 -4.32
C ALA A 66 1.06 29.81 -3.30
N ALA A 67 0.79 29.45 -2.06
CA ALA A 67 0.30 30.40 -1.09
C ALA A 67 1.42 31.31 -0.60
N GLU A 68 2.60 30.98 -1.03
CA GLU A 68 3.66 31.67 -0.39
C GLU A 68 4.09 32.75 -1.29
N LYS A 69 3.76 32.56 -2.58
CA LYS A 69 3.84 33.56 -3.62
C LYS A 69 2.84 34.70 -3.36
N HIS A 70 1.55 34.35 -3.55
CA HIS A 70 0.44 35.12 -3.09
C HIS A 70 0.81 36.07 -1.93
N ASN A 71 1.04 35.60 -0.73
CA ASN A 71 1.35 36.50 0.37
C ASN A 71 2.58 37.35 0.20
N LEU A 72 3.40 37.01 -0.81
CA LEU A 72 4.52 37.90 -1.08
C LEU A 72 3.97 39.15 -1.85
N GLY A 73 3.34 38.89 -3.02
CA GLY A 73 2.27 39.75 -3.59
C GLY A 73 1.73 40.79 -2.61
N ILE A 74 1.00 40.32 -1.61
CA ILE A 74 0.33 41.18 -0.67
C ILE A 74 1.29 41.95 0.22
N LEU A 75 2.35 41.32 0.64
CA LEU A 75 3.07 41.96 1.73
C LEU A 75 4.03 43.02 1.18
N THR A 76 4.54 42.72 -0.02
CA THR A 76 5.62 43.48 -0.60
C THR A 76 5.10 44.90 -0.80
N LYS A 77 3.89 45.02 -1.41
CA LYS A 77 3.07 46.26 -1.38
C LYS A 77 2.97 46.78 0.08
N ARG A 78 2.06 46.26 0.85
CA ARG A 78 1.94 46.56 2.28
C ARG A 78 3.14 47.19 3.01
N SER A 79 4.39 46.73 2.65
CA SER A 79 5.54 47.20 3.43
C SER A 79 6.08 48.45 2.81
N ASN A 80 5.45 48.81 1.72
CA ASN A 80 5.93 49.89 0.87
C ASN A 80 7.21 49.51 0.18
N PHE A 81 7.10 48.37 -0.52
CA PHE A 81 8.20 47.77 -1.24
C PHE A 81 9.52 48.12 -0.60
N THR A 82 9.54 47.87 0.73
CA THR A 82 10.79 47.71 1.49
C THR A 82 11.44 46.45 0.95
N PRO A 83 12.67 46.62 0.49
CA PRO A 83 13.34 45.49 -0.01
C PRO A 83 14.31 44.96 1.07
N ALA A 84 14.72 43.67 0.89
CA ALA A 84 15.46 42.97 1.94
C ALA A 84 16.89 43.43 1.94
N THR A 85 17.48 43.46 3.14
CA THR A 85 18.88 43.93 3.27
C THR A 85 19.97 42.79 3.24
N ASN A 86 20.71 42.80 2.13
CA ASN A 86 21.78 41.86 1.85
C ASN A 86 22.87 41.75 2.90
N GLU A 87 22.98 40.52 3.45
CA GLU A 87 23.82 40.09 4.59
C GLU A 87 25.15 39.54 4.10
N ALA A 88 26.25 39.67 4.90
CA ALA A 88 27.51 38.90 4.57
C ALA A 88 27.52 37.44 5.03
N PRO A 89 27.56 36.46 4.09
CA PRO A 89 27.79 35.09 4.58
C PRO A 89 29.20 34.94 5.21
N GLN A 90 29.32 34.10 6.25
CA GLN A 90 30.61 33.57 6.75
C GLN A 90 30.76 32.11 6.31
N ALA A 91 32.03 31.77 6.01
CA ALA A 91 32.39 30.39 5.73
C ALA A 91 33.42 29.77 6.74
N THR A 92 33.25 28.49 7.08
CA THR A 92 34.32 27.68 7.71
C THR A 92 34.39 26.42 6.88
N VAL A 93 35.63 26.07 6.54
CA VAL A 93 35.90 24.76 5.93
C VAL A 93 36.40 23.73 7.00
N PHE A 94 35.83 22.55 6.98
CA PHE A 94 36.38 21.45 7.78
C PHE A 94 36.24 20.07 7.06
N PRO A 95 36.93 18.99 7.61
CA PRO A 95 36.87 17.59 7.08
C PRO A 95 36.17 16.63 7.98
N LYS A 96 35.43 15.69 7.26
CA LYS A 96 34.73 14.76 8.04
C LYS A 96 35.60 13.79 9.04
N SER A 97 36.59 13.02 8.48
CA SER A 97 37.33 12.16 9.37
C SER A 97 38.71 12.72 9.46
N PRO A 98 39.51 12.35 10.52
CA PRO A 98 40.87 12.86 10.51
C PRO A 98 41.56 12.65 9.13
N VAL A 99 42.66 13.50 8.88
CA VAL A 99 43.23 13.48 7.53
C VAL A 99 44.42 12.54 7.40
N LEU A 100 44.39 11.68 6.38
CA LEU A 100 45.46 10.62 6.19
C LEU A 100 45.72 10.26 4.70
N LEU A 101 46.99 10.37 4.29
CA LEU A 101 47.37 10.33 2.92
C LEU A 101 46.89 9.14 2.06
N GLY A 102 46.00 9.36 1.17
CA GLY A 102 45.87 8.28 0.06
C GLY A 102 44.48 7.80 0.34
N GLN A 103 43.98 8.04 1.80
CA GLN A 103 42.61 7.63 2.09
C GLN A 103 41.56 8.65 1.80
N PRO A 104 40.44 8.25 1.15
CA PRO A 104 39.62 9.35 0.69
C PRO A 104 38.87 9.95 1.87
N ASN A 105 38.69 11.27 1.83
CA ASN A 105 37.85 12.01 2.78
C ASN A 105 36.81 12.84 2.00
N THR A 106 36.15 13.67 2.81
CA THR A 106 35.24 14.69 2.41
C THR A 106 35.65 15.99 3.17
N LEU A 107 36.03 16.99 2.26
CA LEU A 107 35.95 18.49 2.58
C LEU A 107 34.57 19.05 2.69
N ILE A 108 34.35 19.76 3.79
CA ILE A 108 33.03 20.34 4.02
C ILE A 108 33.07 21.91 4.00
N CYS A 109 32.22 22.56 3.21
CA CYS A 109 32.13 24.03 3.29
C CYS A 109 30.77 24.40 3.79
N PHE A 110 30.83 25.00 4.97
CA PHE A 110 29.60 25.37 5.58
C PHE A 110 29.54 26.88 5.63
N VAL A 111 28.42 27.43 5.09
CA VAL A 111 28.21 28.85 5.01
C VAL A 111 26.97 29.16 5.88
N ASP A 112 27.14 30.07 6.84
N ASP A 112 27.14 30.07 6.82
CA ASP A 112 26.00 30.55 7.61
CA ASP A 112 25.99 30.56 7.57
C ASP A 112 25.81 32.09 7.43
C ASP A 112 25.83 32.11 7.49
N ASN A 113 24.70 32.65 7.95
CA ASN A 113 24.37 34.11 7.81
C ASN A 113 24.10 34.57 6.38
N ILE A 114 23.61 33.62 5.59
CA ILE A 114 23.13 33.84 4.24
C ILE A 114 21.79 34.54 4.36
N PHE A 115 21.63 35.60 3.55
CA PHE A 115 20.31 36.30 3.25
C PHE A 115 20.50 37.37 2.23
N PRO A 116 19.76 37.33 1.11
CA PRO A 116 18.81 36.26 0.78
C PRO A 116 19.39 34.81 0.49
N PRO A 117 18.48 33.84 0.42
CA PRO A 117 18.71 32.58 -0.17
C PRO A 117 19.11 32.61 -1.64
N VAL A 118 20.01 33.52 -1.95
CA VAL A 118 20.91 33.18 -3.05
C VAL A 118 22.32 33.44 -2.64
N ILE A 119 23.14 32.39 -2.93
CA ILE A 119 24.59 32.27 -2.78
C ILE A 119 25.16 31.44 -3.93
N ASN A 120 26.47 31.71 -4.17
CA ASN A 120 27.34 30.80 -4.87
C ASN A 120 28.62 30.25 -4.13
N ILE A 121 28.68 28.89 -3.99
CA ILE A 121 29.64 28.16 -3.13
C ILE A 121 30.39 27.18 -4.05
N THR A 122 31.69 27.41 -4.22
CA THR A 122 32.47 26.65 -5.22
C THR A 122 33.86 26.13 -4.63
N TRP A 123 34.51 25.19 -5.36
CA TRP A 123 35.75 24.59 -4.87
C TRP A 123 36.99 24.80 -5.76
N LEU A 124 38.10 25.09 -5.06
CA LEU A 124 39.47 25.27 -5.62
C LEU A 124 40.53 24.31 -5.11
N ARG A 125 41.26 23.73 -6.06
CA ARG A 125 42.43 22.86 -5.83
C ARG A 125 43.66 23.48 -6.48
N ASN A 126 44.54 24.04 -5.64
CA ASN A 126 45.69 24.82 -6.08
C ASN A 126 45.24 25.89 -7.07
N SER A 127 44.07 26.46 -6.75
CA SER A 127 43.43 27.55 -7.47
C SER A 127 42.94 27.26 -8.89
N LYS A 128 42.99 26.03 -9.34
CA LYS A 128 42.18 25.65 -10.47
C LYS A 128 40.77 25.18 -9.96
N SER A 129 39.71 25.40 -10.76
CA SER A 129 38.31 25.17 -10.30
C SER A 129 37.98 23.71 -10.36
N VAL A 130 37.07 23.29 -9.50
CA VAL A 130 36.66 21.86 -9.32
C VAL A 130 35.12 21.74 -9.32
N THR A 131 34.60 20.74 -10.07
CA THR A 131 33.16 20.38 -9.93
C THR A 131 32.84 18.89 -9.64
N ASP A 132 33.78 17.99 -9.95
CA ASP A 132 33.44 16.56 -9.90
C ASP A 132 33.53 16.11 -8.47
N GLY A 133 32.52 15.30 -8.10
CA GLY A 133 32.30 14.92 -6.69
C GLY A 133 31.96 16.11 -5.77
N VAL A 134 31.11 17.04 -6.31
CA VAL A 134 30.42 18.02 -5.45
C VAL A 134 28.89 17.79 -5.30
N TYR A 135 28.53 17.98 -4.03
CA TYR A 135 27.20 17.90 -3.53
C TYR A 135 27.05 19.18 -2.70
N GLU A 136 25.86 19.85 -2.83
CA GLU A 136 25.50 21.00 -2.03
C GLU A 136 24.10 20.82 -1.47
N THR A 137 23.85 21.38 -0.26
CA THR A 137 22.55 21.16 0.49
C THR A 137 21.30 21.91 -0.03
N SER A 138 20.28 22.02 0.82
CA SER A 138 19.29 23.05 0.62
C SER A 138 19.66 24.34 1.36
N PHE A 139 18.67 25.22 1.52
CA PHE A 139 18.90 26.30 2.45
C PHE A 139 18.30 25.83 3.75
N LEU A 140 19.03 26.14 4.81
CA LEU A 140 18.58 25.63 6.04
C LEU A 140 18.34 26.76 6.99
N VAL A 141 17.14 26.77 7.54
CA VAL A 141 16.69 27.86 8.40
C VAL A 141 17.56 28.11 9.63
N ASN A 142 17.53 29.35 10.15
CA ASN A 142 18.08 29.65 11.50
C ASN A 142 17.01 30.27 12.47
N ARG A 143 17.44 30.98 13.50
CA ARG A 143 16.52 31.72 14.35
C ARG A 143 16.16 33.09 13.69
N ASP A 144 17.17 33.91 13.43
CA ASP A 144 17.00 35.26 12.87
C ASP A 144 16.67 35.17 11.39
N HIS A 145 15.97 34.10 11.05
CA HIS A 145 15.36 33.91 9.78
C HIS A 145 16.27 34.15 8.59
N SER A 146 17.61 34.14 8.81
CA SER A 146 18.59 33.86 7.73
C SER A 146 18.44 32.41 7.20
N PHE A 147 19.49 32.00 6.52
CA PHE A 147 19.77 30.58 6.24
C PHE A 147 21.25 30.24 6.38
N HIS A 148 21.52 28.95 6.57
CA HIS A 148 22.89 28.34 6.35
C HIS A 148 22.83 27.23 5.29
N LYS A 149 23.99 27.01 4.66
CA LYS A 149 24.09 26.14 3.52
C LYS A 149 25.49 25.55 3.53
N LEU A 150 25.62 24.22 3.28
CA LEU A 150 26.94 23.51 3.17
C LEU A 150 27.20 22.77 1.80
N SER A 151 28.41 22.93 1.29
CA SER A 151 28.76 22.03 0.20
C SER A 151 29.92 21.02 0.51
N TYR A 152 29.78 19.82 -0.04
CA TYR A 152 30.71 18.75 0.20
C TYR A 152 31.67 18.42 -0.97
N LEU A 153 32.95 18.25 -0.62
CA LEU A 153 33.98 17.81 -1.57
C LEU A 153 34.54 16.43 -1.24
N THR A 154 34.35 15.50 -2.18
CA THR A 154 35.10 14.26 -2.42
C THR A 154 36.57 14.64 -2.76
N PHE A 155 37.53 14.51 -1.84
CA PHE A 155 38.98 14.48 -2.25
C PHE A 155 39.73 13.18 -1.90
N ILE A 156 41.07 13.15 -2.05
CA ILE A 156 41.93 12.07 -1.49
C ILE A 156 43.24 12.72 -0.95
N PRO A 157 43.40 13.08 0.37
CA PRO A 157 44.46 14.02 0.82
C PRO A 157 45.88 13.70 0.15
N SER A 158 46.79 14.67 0.27
CA SER A 158 47.99 14.58 -0.54
C SER A 158 48.96 15.63 -0.10
N ASP A 159 49.68 16.19 -1.13
CA ASP A 159 50.80 17.09 -0.95
C ASP A 159 51.45 17.56 -2.26
N ASP A 160 51.59 18.87 -2.37
CA ASP A 160 50.93 19.76 -1.45
C ASP A 160 49.71 20.11 -2.24
N ASP A 161 48.58 19.57 -1.84
CA ASP A 161 47.34 20.10 -2.35
C ASP A 161 46.88 21.27 -1.48
N ILE A 162 46.48 22.38 -2.10
CA ILE A 162 45.91 23.50 -1.37
C ILE A 162 44.43 23.72 -1.80
N TYR A 163 43.53 23.83 -0.81
CA TYR A 163 42.07 23.75 -1.01
C TYR A 163 41.36 25.01 -0.59
N ASP A 164 40.75 25.71 -1.57
CA ASP A 164 39.93 26.88 -1.26
C ASP A 164 38.40 26.73 -1.58
N CYS A 165 37.65 27.07 -0.50
CA CYS A 165 36.20 27.28 -0.57
C CYS A 165 35.80 28.74 -0.87
N LYS A 166 35.10 28.98 -1.99
CA LYS A 166 34.84 30.35 -2.53
C LYS A 166 33.39 30.72 -2.48
N VAL A 167 33.12 31.85 -1.81
CA VAL A 167 31.73 32.34 -1.74
C VAL A 167 31.43 33.67 -2.49
N GLU A 168 30.43 33.57 -3.36
CA GLU A 168 29.82 34.68 -4.04
C GLU A 168 28.39 34.89 -3.50
N HIS A 169 28.11 36.12 -3.06
CA HIS A 169 26.79 36.49 -2.55
C HIS A 169 26.71 37.98 -2.54
N TRP A 170 25.53 38.50 -2.91
CA TRP A 170 25.37 39.93 -3.20
C TRP A 170 25.80 40.79 -2.03
N GLY A 171 25.70 40.29 -0.78
CA GLY A 171 26.17 41.04 0.41
C GLY A 171 27.70 41.27 0.45
N LEU A 172 28.41 40.65 -0.49
CA LEU A 172 29.86 40.77 -0.55
C LEU A 172 30.32 41.54 -1.77
N GLU A 173 30.94 42.68 -1.47
CA GLU A 173 31.82 43.45 -2.40
C GLU A 173 32.55 42.52 -3.39
N GLU A 174 33.38 41.63 -2.82
CA GLU A 174 34.37 40.79 -3.54
C GLU A 174 34.30 39.31 -3.08
N PRO A 175 34.29 38.29 -4.00
CA PRO A 175 34.17 36.86 -3.51
C PRO A 175 35.07 36.48 -2.30
N VAL A 176 34.50 35.90 -1.26
CA VAL A 176 35.34 35.46 -0.13
C VAL A 176 36.03 34.11 -0.45
N LEU A 177 37.33 34.04 -0.15
CA LEU A 177 38.06 32.77 -0.24
C LEU A 177 38.30 32.10 1.12
N LYS A 178 37.76 30.90 1.30
CA LYS A 178 38.09 30.06 2.44
C LYS A 178 39.18 29.03 2.17
N HIS A 179 40.30 29.28 2.84
CA HIS A 179 41.50 28.53 2.55
C HIS A 179 41.70 27.44 3.59
N TRP A 180 41.96 26.21 3.09
CA TRP A 180 42.21 24.99 3.89
C TRP A 180 43.33 24.07 3.36
N GLU A 181 44.16 23.59 4.31
CA GLU A 181 45.32 22.75 4.00
C GLU A 181 45.60 21.59 5.00
N PRO A 182 45.73 20.32 4.50
CA PRO A 182 46.06 19.19 5.41
C PRO A 182 47.51 19.14 5.91
N LEU B 2 4.07 1.73 2.53
CA LEU B 2 4.29 3.23 2.38
C LEU B 2 3.30 4.09 3.19
N VAL B 3 3.76 4.48 4.38
CA VAL B 3 3.03 5.41 5.26
C VAL B 3 3.36 6.85 4.83
N GLU B 4 2.33 7.72 4.66
CA GLU B 4 2.48 9.11 4.09
C GLU B 4 2.92 10.24 5.06
N ARG B 5 3.91 11.04 4.66
CA ARG B 5 4.27 12.21 5.46
C ARG B 5 3.41 13.50 5.11
N LEU B 6 2.78 14.03 6.16
CA LEU B 6 1.83 15.12 6.05
C LEU B 6 2.51 16.43 6.37
N TYR B 7 2.26 17.45 5.46
CA TYR B 7 2.72 18.86 5.64
C TYR B 7 1.79 19.75 6.40
N LEU B 8 2.41 20.66 7.18
CA LEU B 8 1.65 21.67 7.90
C LEU B 8 1.18 22.67 6.83
N VAL B 9 -0.06 23.22 6.90
CA VAL B 9 -0.55 24.13 5.83
C VAL B 9 -0.36 25.60 6.16
N CYS B 10 0.16 26.29 5.13
CA CYS B 10 0.42 27.72 5.06
C CYS B 10 -0.81 28.29 4.49
N GLY B 11 -1.38 29.28 5.16
CA GLY B 11 -2.65 29.94 4.70
C GLY B 11 -2.56 31.24 3.87
N GLY B 12 -3.20 31.24 2.70
CA GLY B 12 -3.25 32.43 1.86
C GLY B 12 -3.79 33.73 2.49
N GLU B 13 -3.97 34.78 1.66
CA GLU B 13 -4.43 36.10 2.12
C GLU B 13 -5.74 36.57 1.48
N GLY B 14 -6.11 37.84 1.73
CA GLY B 14 -7.30 38.52 1.15
C GLY B 14 -7.01 39.38 -0.11
N GLU B 29 17.12 44.29 -8.96
CA GLU B 29 18.31 44.61 -7.88
C GLU B 29 17.75 45.09 -6.57
N ARG B 30 16.60 44.76 -6.36
CA ARG B 30 15.92 44.90 -5.03
C ARG B 30 15.26 43.56 -4.87
N HIS B 31 15.18 43.02 -3.65
CA HIS B 31 14.70 41.68 -3.55
C HIS B 31 13.78 41.66 -2.43
N PHE B 32 12.70 40.91 -2.67
CA PHE B 32 11.67 40.76 -1.63
C PHE B 32 11.51 39.31 -1.26
N VAL B 33 11.29 38.98 0.02
CA VAL B 33 11.41 37.57 0.51
C VAL B 33 10.36 37.21 1.54
N HIS B 34 9.74 35.98 1.24
CA HIS B 34 8.68 35.52 2.20
C HIS B 34 8.92 34.07 2.76
N GLN B 35 8.80 33.92 4.08
CA GLN B 35 9.09 32.64 4.64
C GLN B 35 7.83 32.16 5.28
N PHE B 36 7.59 30.82 5.21
CA PHE B 36 6.69 30.03 6.11
C PHE B 36 7.40 28.99 6.91
N LYS B 37 7.38 29.20 8.22
CA LYS B 37 8.02 28.29 9.13
C LYS B 37 6.93 27.64 10.02
N GLY B 38 6.45 26.46 9.61
CA GLY B 38 5.63 25.58 10.50
C GLY B 38 6.53 24.65 11.32
N GLU B 39 6.22 24.52 12.61
CA GLU B 39 7.14 23.95 13.63
C GLU B 39 6.45 23.18 14.79
N CYS B 40 6.72 21.88 14.90
CA CYS B 40 6.20 21.01 15.97
C CYS B 40 7.21 20.89 17.13
N TYR B 41 6.84 21.31 18.33
CA TYR B 41 7.74 21.17 19.47
C TYR B 41 7.32 19.97 20.32
N PHE B 42 8.10 18.88 20.21
CA PHE B 42 7.88 17.71 21.07
C PHE B 42 8.73 17.80 22.31
N THR B 43 8.12 17.33 23.39
CA THR B 43 8.77 17.08 24.70
C THR B 43 8.15 15.80 25.33
N ASN B 44 9.01 14.85 25.74
CA ASN B 44 8.60 13.68 26.52
C ASN B 44 7.65 12.70 25.76
N GLY B 45 8.08 12.28 24.58
CA GLY B 45 7.23 11.50 23.68
C GLY B 45 6.41 12.48 22.84
N THR B 46 5.10 12.26 22.85
CA THR B 46 4.10 13.17 22.27
C THR B 46 3.19 13.69 23.40
N GLN B 47 3.72 13.72 24.63
CA GLN B 47 2.90 13.94 25.83
C GLN B 47 2.38 15.37 25.93
N ARG B 48 3.23 16.32 25.50
CA ARG B 48 2.84 17.73 25.38
C ARG B 48 3.54 18.34 24.17
N ILE B 49 2.86 18.16 23.01
CA ILE B 49 3.17 18.83 21.74
C ILE B 49 2.76 20.36 21.79
N ARG B 50 3.57 21.21 21.13
CA ARG B 50 3.32 22.65 20.92
C ARG B 50 3.52 22.91 19.42
N LEU B 51 2.44 23.39 18.78
CA LEU B 51 2.45 23.81 17.37
C LEU B 51 2.74 25.31 17.26
N VAL B 52 3.69 25.70 16.41
CA VAL B 52 3.99 27.15 16.10
C VAL B 52 4.18 27.41 14.59
N THR B 53 3.27 28.18 14.00
CA THR B 53 3.43 28.67 12.64
C THR B 53 3.79 30.19 12.69
N ARG B 54 4.78 30.60 11.87
CA ARG B 54 5.21 31.97 11.77
C ARG B 54 5.29 32.22 10.30
N TYR B 55 4.99 33.50 9.98
CA TYR B 55 4.87 34.11 8.65
C TYR B 55 5.76 35.33 8.66
N ILE B 56 6.63 35.41 7.65
CA ILE B 56 7.77 36.32 7.69
C ILE B 56 7.90 37.10 6.40
N TYR B 57 7.94 38.43 6.59
CA TYR B 57 8.40 39.31 5.53
C TYR B 57 9.89 39.64 5.75
N ASN B 58 10.64 39.34 4.66
CA ASN B 58 12.11 39.46 4.70
C ASN B 58 12.81 38.84 5.97
N ARG B 59 12.90 39.61 7.06
CA ARG B 59 13.25 38.88 8.33
C ARG B 59 12.25 39.15 9.42
N GLU B 60 11.43 40.20 9.24
CA GLU B 60 10.35 40.50 10.17
C GLU B 60 9.28 39.38 10.24
N GLU B 61 9.05 38.94 11.48
CA GLU B 61 8.00 38.00 11.75
C GLU B 61 6.80 38.87 12.02
N TYR B 62 5.80 38.78 11.14
CA TYR B 62 4.61 39.65 11.18
C TYR B 62 3.35 39.00 11.79
N LEU B 63 3.08 37.75 11.45
CA LEU B 63 1.94 37.00 12.00
C LEU B 63 2.33 35.49 12.32
N ARG B 64 1.96 35.05 13.54
CA ARG B 64 2.37 33.78 14.19
C ARG B 64 1.27 33.09 15.02
N PHE B 65 0.75 31.97 14.51
CA PHE B 65 -0.08 31.05 15.31
C PHE B 65 0.81 30.32 16.28
N ASP B 66 0.36 30.18 17.52
CA ASP B 66 1.03 29.40 18.51
C ASP B 66 -0.07 28.73 19.32
N SER B 67 0.07 27.41 19.49
CA SER B 67 -0.93 26.55 20.14
C SER B 67 -1.20 26.90 21.61
N ASP B 68 -0.18 27.45 22.29
CA ASP B 68 -0.25 27.80 23.74
C ASP B 68 -1.15 29.02 23.97
N VAL B 69 -1.18 29.92 22.98
CA VAL B 69 -2.15 31.03 22.93
C VAL B 69 -3.49 30.60 22.26
N GLY B 70 -3.42 29.89 21.13
CA GLY B 70 -4.57 29.16 20.62
C GLY B 70 -5.28 29.80 19.46
N GLU B 71 -4.90 31.06 19.19
CA GLU B 71 -5.36 31.86 18.04
C GLU B 71 -4.11 32.43 17.31
N TYR B 72 -4.35 33.01 16.14
CA TYR B 72 -3.34 33.78 15.41
C TYR B 72 -3.26 35.20 16.00
N ARG B 73 -2.03 35.70 16.11
CA ARG B 73 -1.79 37.05 16.61
C ARG B 73 -0.78 37.73 15.72
N ALA B 74 -0.89 39.05 15.61
CA ALA B 74 0.16 39.85 14.94
C ALA B 74 1.38 39.91 15.87
N VAL B 75 2.54 40.20 15.30
CA VAL B 75 3.80 40.21 16.07
C VAL B 75 4.55 41.53 15.84
N THR B 76 4.30 42.08 14.63
CA THR B 76 4.60 43.47 14.22
C THR B 76 3.36 44.13 13.57
N GLU B 77 3.29 45.46 13.75
CA GLU B 77 2.34 46.30 13.06
C GLU B 77 2.01 45.81 11.62
N LEU B 78 2.97 45.24 10.88
CA LEU B 78 2.68 44.76 9.53
C LEU B 78 1.66 43.60 9.47
N GLY B 79 1.33 43.02 10.63
CA GLY B 79 0.41 41.89 10.63
C GLY B 79 -0.94 42.13 11.27
N ARG B 80 -1.11 43.35 11.81
CA ARG B 80 -2.38 43.83 12.41
C ARG B 80 -3.62 43.48 11.61
N HIS B 81 -3.55 43.64 10.30
CA HIS B 81 -4.73 43.31 9.50
C HIS B 81 -4.84 41.82 9.17
N SER B 82 -3.67 41.23 8.91
CA SER B 82 -3.54 39.79 8.68
C SER B 82 -4.20 38.93 9.79
N ALA B 83 -4.02 39.32 11.06
CA ALA B 83 -4.54 38.57 12.22
C ALA B 83 -5.99 38.18 12.04
N GLU B 84 -6.83 39.19 12.01
CA GLU B 84 -8.28 38.99 11.92
C GLU B 84 -8.69 37.99 10.83
N TYR B 85 -7.97 38.03 9.71
CA TYR B 85 -8.47 37.34 8.55
C TYR B 85 -8.29 35.87 8.75
N TYR B 86 -7.06 35.52 9.13
CA TYR B 86 -6.62 34.11 9.29
C TYR B 86 -7.48 33.46 10.39
N ASN B 87 -7.56 34.16 11.51
CA ASN B 87 -8.35 33.67 12.62
C ASN B 87 -9.72 33.22 12.11
N LYS B 88 -10.22 33.79 10.99
CA LYS B 88 -11.53 33.41 10.46
C LYS B 88 -11.43 32.28 9.45
N GLN B 89 -10.46 32.35 8.55
CA GLN B 89 -10.52 31.42 7.45
C GLN B 89 -9.81 30.11 7.70
N TYR B 90 -8.87 30.11 8.65
CA TYR B 90 -8.13 28.90 9.00
C TYR B 90 -8.48 28.51 10.43
N LEU B 91 -7.67 28.88 11.43
CA LEU B 91 -7.94 28.65 12.91
C LEU B 91 -8.66 27.33 13.41
N GLU B 92 -9.87 27.03 12.92
CA GLU B 92 -10.31 25.62 12.71
C GLU B 92 -9.16 24.97 11.91
N ARG B 93 -9.10 23.66 11.71
CA ARG B 93 -8.02 23.17 10.81
C ARG B 93 -6.56 23.49 11.27
N THR B 94 -6.33 24.64 11.92
CA THR B 94 -4.99 25.00 12.39
C THR B 94 -4.74 24.57 13.84
N ARG B 95 -5.78 24.68 14.66
CA ARG B 95 -5.78 24.03 15.97
C ARG B 95 -5.71 22.48 15.81
N ALA B 96 -6.48 22.01 14.83
CA ALA B 96 -6.54 20.65 14.37
C ALA B 96 -5.21 20.11 13.84
N GLU B 97 -4.34 20.94 13.28
CA GLU B 97 -3.12 20.42 12.66
C GLU B 97 -2.22 19.67 13.67
N LEU B 98 -2.18 20.20 14.89
CA LEU B 98 -1.37 19.62 15.99
C LEU B 98 -1.74 18.14 16.17
N ASP B 99 -3.04 17.89 16.20
CA ASP B 99 -3.56 16.57 16.37
C ASP B 99 -3.66 15.75 15.08
N THR B 100 -3.15 16.23 13.94
CA THR B 100 -3.35 15.48 12.69
C THR B 100 -2.14 15.49 11.75
N ALA B 101 -1.12 16.27 12.13
CA ALA B 101 0.15 16.22 11.42
C ALA B 101 1.31 16.87 12.19
N CYS B 102 1.08 17.29 13.42
CA CYS B 102 2.23 17.27 14.32
C CYS B 102 2.40 15.81 14.89
N ARG B 103 1.32 15.29 15.48
CA ARG B 103 1.25 13.96 16.04
C ARG B 103 1.48 12.96 14.90
N HIS B 104 0.47 12.69 14.06
CA HIS B 104 0.61 11.64 13.02
C HIS B 104 1.95 11.68 12.35
N ASN B 105 2.50 12.86 12.10
CA ASN B 105 3.86 12.87 11.61
C ASN B 105 4.87 12.11 12.55
N TYR B 106 4.92 12.50 13.81
CA TYR B 106 5.82 11.92 14.80
C TYR B 106 5.57 10.41 15.04
N GLU B 107 4.37 10.08 15.47
CA GLU B 107 4.01 8.73 15.80
C GLU B 107 3.85 7.81 14.59
N GLU B 108 4.43 8.14 13.43
CA GLU B 108 4.29 7.23 12.26
C GLU B 108 5.38 7.31 11.20
N THR B 109 6.31 8.24 11.40
CA THR B 109 7.40 8.45 10.44
C THR B 109 8.69 8.81 11.13
N GLU B 110 8.61 9.38 12.34
CA GLU B 110 9.82 9.74 13.10
C GLU B 110 10.31 8.55 13.98
N VAL B 111 9.35 7.98 14.70
CA VAL B 111 9.45 6.68 15.30
C VAL B 111 10.09 5.77 14.25
N PRO B 112 9.37 5.33 13.16
CA PRO B 112 10.13 4.41 12.25
C PRO B 112 11.31 4.95 11.41
N THR B 113 11.72 6.21 11.59
CA THR B 113 13.02 6.61 11.03
C THR B 113 13.99 7.25 12.02
N SER B 114 13.91 8.57 12.19
CA SER B 114 14.94 9.34 12.92
C SER B 114 15.13 8.91 14.36
N LEU B 115 14.04 8.68 15.05
CA LEU B 115 14.13 8.33 16.42
C LEU B 115 14.70 6.90 16.60
N ARG B 116 15.04 6.29 15.45
CA ARG B 116 15.54 4.92 15.33
C ARG B 116 16.86 4.92 14.48
N ARG B 117 17.52 6.08 14.29
CA ARG B 117 18.93 6.06 13.77
C ARG B 117 19.91 5.86 14.96
N LEU B 118 20.87 4.91 14.83
CA LEU B 118 21.95 4.90 15.85
C LEU B 118 23.38 5.38 15.47
N GLU B 119 23.71 5.39 14.17
CA GLU B 119 25.13 5.49 13.69
C GLU B 119 26.28 5.40 14.74
N GLN B 120 26.88 4.17 14.81
CA GLN B 120 28.20 3.79 15.51
C GLN B 120 29.25 5.02 15.40
N PRO B 121 29.79 5.66 16.49
CA PRO B 121 30.86 6.62 16.41
C PRO B 121 32.14 6.25 15.65
N ASN B 122 33.37 6.76 16.01
CA ASN B 122 34.55 6.54 15.21
C ASN B 122 35.85 7.28 15.68
N VAL B 123 36.47 6.59 16.69
CA VAL B 123 37.61 7.17 17.49
C VAL B 123 38.95 6.85 16.85
N ALA B 124 39.84 7.85 16.88
CA ALA B 124 41.24 7.77 16.28
C ALA B 124 42.10 8.84 16.99
N ILE B 125 43.34 8.49 17.38
CA ILE B 125 44.27 9.48 17.97
C ILE B 125 45.43 9.71 17.05
N SER B 126 46.10 10.85 17.24
CA SER B 126 47.35 11.27 16.52
C SER B 126 47.98 12.57 17.15
N LEU B 127 49.30 12.71 16.90
CA LEU B 127 50.08 13.91 17.28
C LEU B 127 49.82 15.01 16.25
N SER B 128 49.45 16.20 16.74
CA SER B 128 49.02 17.29 15.85
C SER B 128 50.22 17.96 15.16
N ARG B 129 51.02 18.70 15.94
CA ARG B 129 52.27 19.31 15.41
C ARG B 129 53.32 18.19 15.26
N HIS B 136 57.44 19.02 23.72
CA HIS B 136 56.07 19.17 24.19
C HIS B 136 55.11 19.36 22.99
N ASN B 137 54.26 18.36 22.72
CA ASN B 137 53.29 18.49 21.59
C ASN B 137 51.79 18.49 21.99
N THR B 138 50.92 18.11 21.05
CA THR B 138 49.48 17.98 21.32
C THR B 138 48.88 16.72 20.68
N LEU B 139 47.99 16.07 21.44
CA LEU B 139 47.33 14.85 20.99
C LEU B 139 45.90 15.17 20.75
N VAL B 140 45.39 14.61 19.65
CA VAL B 140 44.03 14.90 19.13
C VAL B 140 43.20 13.60 19.08
N CYS B 141 42.31 13.44 20.07
CA CYS B 141 41.34 12.39 19.96
C CYS B 141 40.23 12.81 18.97
N SER B 142 40.01 12.05 17.91
CA SER B 142 39.11 12.50 16.82
C SER B 142 37.86 11.69 16.62
N VAL B 143 36.84 12.05 17.42
CA VAL B 143 35.59 11.28 17.49
C VAL B 143 34.65 11.72 16.37
N THR B 144 34.44 10.86 15.36
CA THR B 144 33.72 11.20 14.14
C THR B 144 32.38 10.44 14.05
N ASP B 145 31.67 10.64 12.91
CA ASP B 145 30.52 9.85 12.43
C ASP B 145 29.29 9.34 13.28
N PHE B 146 29.13 9.99 14.51
CA PHE B 146 28.02 9.52 15.35
C PHE B 146 26.62 10.09 15.09
N TYR B 147 25.60 9.58 15.79
CA TYR B 147 24.21 10.12 15.75
C TYR B 147 23.43 9.28 16.71
N PRO B 148 22.64 9.81 17.67
CA PRO B 148 22.56 11.16 18.14
C PRO B 148 23.82 11.90 18.54
N ALA B 149 23.58 13.19 18.85
CA ALA B 149 24.58 14.13 19.25
C ALA B 149 25.11 13.89 20.68
N LYS B 150 24.33 13.17 21.48
CA LYS B 150 24.71 12.95 22.86
C LYS B 150 25.97 12.02 22.97
N ILE B 151 27.04 12.57 23.58
CA ILE B 151 28.37 11.94 23.64
C ILE B 151 29.28 12.48 24.74
N LYS B 152 30.12 11.59 25.27
CA LYS B 152 31.09 11.90 26.32
C LYS B 152 32.47 11.34 25.96
N VAL B 153 33.49 12.14 26.24
CA VAL B 153 34.85 11.91 25.71
C VAL B 153 35.90 12.38 26.74
N ARG B 154 36.66 11.44 27.35
CA ARG B 154 37.62 11.82 28.42
C ARG B 154 39.04 11.48 28.00
N TRP B 155 39.99 12.11 28.73
CA TRP B 155 41.41 11.81 28.49
C TRP B 155 42.12 11.12 29.71
N PHE B 156 42.40 9.79 29.59
CA PHE B 156 43.17 9.06 30.60
C PHE B 156 44.61 8.87 30.11
N ARG B 157 45.53 9.59 30.77
CA ARG B 157 46.95 9.23 30.74
C ARG B 157 47.18 8.50 32.04
N ASN B 158 47.66 7.25 31.88
CA ASN B 158 47.87 6.27 32.94
C ASN B 158 46.70 6.22 33.97
N GLY B 159 45.61 5.56 33.55
CA GLY B 159 44.55 5.14 34.47
C GLY B 159 43.59 6.17 35.09
N GLN B 160 44.10 7.35 35.42
CA GLN B 160 43.25 8.47 35.90
C GLN B 160 42.95 9.52 34.83
N GLU B 161 41.89 10.30 35.09
CA GLU B 161 41.41 11.28 34.12
C GLU B 161 42.24 12.59 34.22
N GLU B 162 42.67 13.12 33.07
CA GLU B 162 43.45 14.35 33.02
C GLU B 162 42.47 15.53 32.80
N THR B 163 42.46 16.49 33.75
CA THR B 163 41.61 17.71 33.66
C THR B 163 42.27 18.77 32.77
N VAL B 164 43.53 19.11 33.10
CA VAL B 164 44.23 20.25 32.50
C VAL B 164 44.88 19.95 31.15
N GLY B 165 44.92 20.94 30.28
CA GLY B 165 45.46 20.79 28.93
C GLY B 165 44.47 20.14 28.00
N VAL B 166 43.23 19.99 28.46
CA VAL B 166 42.15 19.53 27.58
C VAL B 166 41.33 20.69 26.93
N SER B 167 41.41 20.78 25.61
CA SER B 167 40.72 21.85 24.88
C SER B 167 39.85 21.30 23.79
N SER B 168 38.61 20.98 24.14
CA SER B 168 37.68 20.58 23.09
C SER B 168 37.06 21.69 22.13
N THR B 169 36.71 21.22 20.94
CA THR B 169 35.92 21.96 20.02
C THR B 169 34.43 21.91 20.44
N GLN B 170 33.67 22.67 19.66
CA GLN B 170 32.23 22.61 19.66
C GLN B 170 31.82 21.27 19.01
N LEU B 171 30.53 20.93 19.08
CA LEU B 171 30.13 19.67 18.51
C LEU B 171 29.76 19.87 17.04
N ILE B 172 30.78 19.90 16.16
CA ILE B 172 30.48 19.95 14.68
C ILE B 172 29.30 19.08 14.12
N ARG B 173 28.60 19.54 13.09
CA ARG B 173 27.38 18.88 12.59
C ARG B 173 27.50 18.82 11.10
N ASN B 174 27.70 17.68 10.55
CA ASN B 174 28.35 17.63 9.24
C ASN B 174 27.07 17.78 8.26
N GLY B 175 25.92 17.59 8.98
CA GLY B 175 24.65 17.63 8.26
C GLY B 175 24.48 16.64 7.11
N ASP B 176 24.76 15.40 7.44
CA ASP B 176 24.26 14.22 6.71
C ASP B 176 23.68 13.25 7.72
N TRP B 177 23.50 13.75 8.97
CA TRP B 177 22.96 13.01 10.10
C TRP B 177 24.12 12.29 10.82
N THR B 178 25.17 13.09 11.05
CA THR B 178 26.36 12.63 11.76
C THR B 178 26.83 13.77 12.63
N PHE B 179 27.93 13.49 13.37
CA PHE B 179 28.59 14.48 14.16
C PHE B 179 30.13 14.35 14.15
N GLN B 180 30.78 15.23 14.87
CA GLN B 180 32.20 15.02 15.08
C GLN B 180 32.50 16.03 16.12
N VAL B 181 33.67 15.84 16.74
CA VAL B 181 34.12 16.59 17.92
C VAL B 181 35.55 16.17 18.04
N LEU B 182 36.43 17.09 18.38
CA LEU B 182 37.84 16.82 18.55
C LEU B 182 38.20 17.27 19.93
N VAL B 183 38.74 16.36 20.76
CA VAL B 183 39.18 16.72 22.11
C VAL B 183 40.66 16.80 22.07
N MET B 184 41.26 17.81 22.68
CA MET B 184 42.70 17.98 22.50
C MET B 184 43.44 17.95 23.82
N LEU B 185 44.47 17.08 23.91
CA LEU B 185 45.34 17.04 25.08
C LEU B 185 46.73 17.55 24.77
N GLU B 186 47.13 18.58 25.54
CA GLU B 186 48.47 19.18 25.51
C GLU B 186 49.32 18.44 26.52
N MET B 187 50.34 17.77 26.01
CA MET B 187 51.18 16.86 26.81
C MET B 187 52.65 16.91 26.42
N THR B 188 53.46 16.19 27.18
CA THR B 188 54.86 16.04 26.89
C THR B 188 55.28 14.57 27.18
N PRO B 189 55.52 13.78 26.10
CA PRO B 189 55.96 12.36 26.16
C PRO B 189 57.28 12.03 26.92
N HIS B 190 57.15 11.42 28.11
CA HIS B 190 58.25 10.78 28.81
C HIS B 190 58.22 9.34 28.31
N GLN B 191 59.29 8.57 28.63
CA GLN B 191 59.37 7.08 28.48
C GLN B 191 58.51 6.53 27.31
N GLY B 192 57.73 5.46 27.56
CA GLY B 192 56.52 5.15 26.76
C GLY B 192 55.37 5.07 27.77
N GLU B 193 54.32 5.87 27.53
CA GLU B 193 53.19 5.97 28.48
C GLU B 193 51.84 5.48 27.86
N VAL B 194 50.92 5.06 28.76
CA VAL B 194 49.54 4.61 28.38
C VAL B 194 48.56 5.82 28.32
N TYR B 195 48.31 6.37 27.11
CA TYR B 195 47.27 7.37 26.86
C TYR B 195 45.96 6.75 26.39
N THR B 196 44.87 7.30 26.91
CA THR B 196 43.48 6.83 26.66
C THR B 196 42.29 7.85 26.39
N CYS B 197 41.98 8.07 25.11
CA CYS B 197 40.70 8.59 24.74
C CYS B 197 39.61 7.52 25.04
N HIS B 198 38.81 7.73 26.10
CA HIS B 198 37.63 6.90 26.47
C HIS B 198 36.29 7.60 26.10
N VAL B 199 35.44 6.86 25.32
CA VAL B 199 34.28 7.46 24.55
C VAL B 199 32.90 6.68 24.71
N GLU B 200 32.02 7.42 25.50
CA GLU B 200 30.61 6.98 25.67
C GLU B 200 29.53 7.79 24.82
N HIS B 201 29.00 7.09 23.82
CA HIS B 201 27.80 7.36 23.08
C HIS B 201 26.65 6.43 23.58
N PRO B 202 25.48 6.45 22.92
CA PRO B 202 24.54 5.36 23.19
C PRO B 202 24.02 4.73 21.85
N SER B 203 25.03 4.55 20.95
CA SER B 203 24.97 3.50 19.94
C SER B 203 26.07 2.55 20.39
N LEU B 204 26.73 2.93 21.49
CA LEU B 204 27.74 2.09 22.08
C LEU B 204 27.21 1.48 23.37
N LYS B 205 26.99 0.14 23.31
CA LYS B 205 26.76 -0.64 24.52
C LYS B 205 28.08 -0.74 25.25
N SER B 206 29.19 -0.65 24.53
CA SER B 206 30.46 -0.67 25.25
C SER B 206 31.44 0.45 24.87
N PRO B 207 31.84 1.22 25.90
CA PRO B 207 32.78 2.37 25.72
C PRO B 207 34.05 2.14 24.86
N ILE B 208 34.10 2.65 23.62
CA ILE B 208 35.35 2.69 22.79
C ILE B 208 36.42 3.41 23.59
N THR B 209 37.59 2.81 23.62
CA THR B 209 38.62 3.44 24.36
C THR B 209 39.86 3.28 23.54
N VAL B 210 40.41 4.38 23.01
CA VAL B 210 41.62 4.27 22.20
C VAL B 210 43.01 4.49 22.91
N GLU B 211 44.03 3.69 22.52
CA GLU B 211 45.36 3.63 23.08
C GLU B 211 46.37 4.51 22.25
N TRP B 212 47.24 5.28 22.98
CA TRP B 212 48.36 5.93 22.25
C TRP B 212 49.76 5.87 22.84
N ARG B 213 50.71 5.28 22.06
CA ARG B 213 52.12 5.05 22.45
C ARG B 213 52.38 5.01 23.97
N GLU C 2 -14.97 1.70 -4.85
CA GLU C 2 -14.33 1.45 -3.52
C GLU C 2 -14.47 2.62 -2.54
N GLN C 3 -14.39 3.86 -3.08
CA GLN C 3 -14.07 5.08 -2.30
C GLN C 3 -15.07 5.60 -1.23
N VAL C 4 -16.23 6.14 -1.66
CA VAL C 4 -17.31 6.62 -0.75
C VAL C 4 -18.68 6.25 -1.31
N GLU C 5 -19.49 5.60 -0.47
CA GLU C 5 -20.93 5.41 -0.74
C GLU C 5 -21.80 6.33 0.18
N GLN C 6 -22.81 6.99 -0.42
CA GLN C 6 -23.64 7.97 0.28
C GLN C 6 -24.73 7.29 1.11
N LEU C 7 -25.96 7.22 0.58
CA LEU C 7 -27.20 6.69 1.25
C LEU C 7 -27.78 7.52 2.44
N PRO C 8 -29.13 7.67 2.52
CA PRO C 8 -30.12 7.18 1.51
C PRO C 8 -30.12 7.94 0.17
N SER C 9 -30.45 7.23 -0.92
CA SER C 9 -30.41 7.77 -2.31
C SER C 9 -31.44 8.86 -2.52
N ILE C 10 -32.72 8.50 -2.31
CA ILE C 10 -33.88 9.43 -2.20
C ILE C 10 -34.47 9.33 -0.75
N LEU C 11 -35.03 10.44 -0.25
CA LEU C 11 -35.59 10.51 1.12
C LEU C 11 -36.71 11.54 1.17
N ARG C 12 -37.81 11.16 1.86
CA ARG C 12 -38.93 12.06 2.20
C ARG C 12 -38.94 12.30 3.71
N VAL C 13 -39.54 13.42 4.14
CA VAL C 13 -39.69 13.72 5.57
C VAL C 13 -40.83 14.72 5.80
N GLN C 14 -41.63 14.51 6.83
CA GLN C 14 -42.70 15.43 7.16
C GLN C 14 -42.16 16.77 7.68
N GLU C 15 -42.69 17.85 7.11
CA GLU C 15 -42.34 19.22 7.50
C GLU C 15 -42.42 19.39 9.02
N GLY C 16 -41.28 19.31 9.70
CA GLY C 16 -41.21 19.43 11.16
C GLY C 16 -40.55 18.27 11.87
N SER C 17 -40.17 17.23 11.10
CA SER C 17 -39.39 16.06 11.59
C SER C 17 -37.87 16.30 11.52
N SER C 18 -37.09 15.34 12.08
CA SER C 18 -35.63 15.32 11.91
C SER C 18 -35.23 14.58 10.61
N ALA C 19 -34.07 14.92 10.03
CA ALA C 19 -33.63 14.30 8.75
C ALA C 19 -32.14 14.02 8.72
N SER C 20 -31.80 12.79 8.30
CA SER C 20 -30.46 12.20 8.49
C SER C 20 -29.86 11.50 7.23
N ILE C 21 -28.59 11.83 6.93
CA ILE C 21 -27.80 11.21 5.82
C ILE C 21 -26.56 10.48 6.35
N ASN C 22 -26.47 9.18 6.08
CA ASN C 22 -25.28 8.37 6.43
C ASN C 22 -24.15 8.47 5.40
N CYS C 23 -22.94 8.07 5.80
CA CYS C 23 -21.80 7.90 4.87
C CYS C 23 -20.68 7.05 5.48
N SER C 24 -19.88 6.47 4.59
CA SER C 24 -18.69 5.70 4.95
C SER C 24 -17.59 5.90 3.88
N TYR C 25 -16.36 5.42 4.18
CA TYR C 25 -15.19 5.67 3.33
C TYR C 25 -14.21 4.53 3.24
N GLU C 26 -13.20 4.69 2.39
CA GLU C 26 -12.08 3.74 2.39
C GLU C 26 -11.21 3.95 3.64
N ASP C 27 -10.44 5.03 3.79
CA ASP C 27 -9.94 5.94 2.77
C ASP C 27 -8.38 6.10 2.92
N SER C 28 -7.73 5.71 4.04
CA SER C 28 -8.25 5.02 5.26
C SER C 28 -8.76 5.97 6.39
N ALA C 29 -7.83 6.52 7.20
CA ALA C 29 -8.11 7.76 7.95
C ALA C 29 -7.81 8.96 7.00
N SER C 30 -8.64 10.00 7.12
CA SER C 30 -8.79 10.97 6.08
C SER C 30 -8.80 12.41 6.55
N ASN C 31 -9.27 12.64 7.78
CA ASN C 31 -9.22 14.02 8.40
C ASN C 31 -9.94 15.19 7.71
N TYR C 32 -10.66 14.94 6.62
CA TYR C 32 -11.62 15.90 6.10
C TYR C 32 -12.81 15.24 5.44
N PHE C 33 -13.96 15.51 6.07
CA PHE C 33 -15.30 15.01 5.68
C PHE C 33 -16.33 16.15 5.84
N PRO C 34 -16.88 16.66 4.69
CA PRO C 34 -17.83 17.73 4.86
C PRO C 34 -19.15 17.56 4.11
N TRP C 35 -19.88 18.67 4.03
CA TRP C 35 -21.21 18.71 3.46
C TRP C 35 -21.57 19.86 2.48
N TYR C 36 -22.43 19.51 1.52
CA TYR C 36 -22.78 20.40 0.46
C TYR C 36 -24.26 20.37 0.10
N LYS C 37 -24.88 21.57 0.11
CA LYS C 37 -26.32 21.83 -0.18
C LYS C 37 -26.55 22.53 -1.56
N GLN C 38 -26.81 21.71 -2.58
CA GLN C 38 -27.18 22.19 -3.90
C GLN C 38 -28.69 22.46 -3.88
N GLU C 39 -28.98 23.75 -3.78
CA GLU C 39 -30.30 24.33 -3.89
C GLU C 39 -30.95 24.01 -5.25
N PRO C 40 -32.29 24.00 -5.32
CA PRO C 40 -32.93 23.49 -6.54
C PRO C 40 -32.50 24.35 -7.72
N GLY C 41 -31.87 23.72 -8.71
CA GLY C 41 -31.36 24.39 -9.93
C GLY C 41 -30.21 25.38 -9.76
N GLU C 42 -29.29 25.06 -8.84
CA GLU C 42 -28.21 25.98 -8.45
C GLU C 42 -26.84 25.31 -8.34
N ASN C 43 -25.90 26.02 -7.72
CA ASN C 43 -24.61 25.44 -7.34
C ASN C 43 -24.62 24.75 -5.95
N PRO C 44 -23.64 23.83 -5.71
CA PRO C 44 -23.33 23.35 -4.38
C PRO C 44 -22.60 24.42 -3.56
N LYS C 45 -23.11 24.71 -2.36
CA LYS C 45 -22.45 25.67 -1.45
C LYS C 45 -22.26 24.97 -0.16
N LEU C 46 -21.13 25.22 0.52
CA LEU C 46 -20.74 24.45 1.72
C LEU C 46 -21.50 24.82 2.97
N ILE C 47 -21.82 23.77 3.73
CA ILE C 47 -22.68 23.84 4.90
C ILE C 47 -21.95 23.48 6.19
N ILE C 48 -21.38 22.28 6.24
CA ILE C 48 -20.60 21.92 7.41
C ILE C 48 -19.53 20.87 7.12
N ASP C 49 -18.45 20.97 7.88
CA ASP C 49 -17.32 20.07 7.75
C ASP C 49 -16.91 19.45 9.07
N ILE C 50 -16.19 18.33 8.99
CA ILE C 50 -15.44 17.83 10.14
C ILE C 50 -14.16 17.08 9.77
N ARG C 51 -13.22 17.12 10.72
CA ARG C 51 -11.91 16.45 10.68
C ARG C 51 -11.90 15.40 11.81
N SER C 52 -10.90 14.51 11.78
CA SER C 52 -10.72 13.43 12.78
C SER C 52 -10.33 13.93 14.16
N ASN C 53 -9.73 15.11 14.25
CA ASN C 53 -9.63 15.91 15.49
C ASN C 53 -10.75 15.66 16.50
N MET C 54 -12.02 15.72 16.07
CA MET C 54 -13.19 15.31 16.93
C MET C 54 -14.23 14.39 16.27
N GLU C 55 -15.31 14.14 17.01
CA GLU C 55 -16.39 13.29 16.52
C GLU C 55 -17.78 13.99 16.49
N ARG C 56 -17.98 15.00 17.35
CA ARG C 56 -19.18 15.87 17.29
C ARG C 56 -18.95 17.39 17.02
N LYS C 57 -19.50 17.91 15.90
CA LYS C 57 -19.68 19.36 15.66
C LYS C 57 -21.14 19.65 15.47
N GLN C 58 -21.60 20.71 16.13
CA GLN C 58 -23.00 21.15 16.01
C GLN C 58 -23.16 22.68 15.91
N THR C 59 -23.50 23.15 14.69
CA THR C 59 -23.36 24.57 14.26
C THR C 59 -24.57 25.19 13.55
N GLN C 60 -25.19 26.14 14.26
CA GLN C 60 -26.28 26.96 13.75
C GLN C 60 -27.33 26.03 13.09
N GLY C 61 -27.96 25.18 13.92
CA GLY C 61 -28.96 24.17 13.51
C GLY C 61 -28.50 22.93 12.73
N LEU C 62 -27.18 22.72 12.66
CA LEU C 62 -26.59 21.64 11.86
C LEU C 62 -25.69 20.68 12.65
N ILE C 63 -26.00 19.38 12.57
CA ILE C 63 -25.44 18.34 13.46
C ILE C 63 -24.72 17.30 12.63
N VAL C 64 -23.41 17.28 12.82
CA VAL C 64 -22.53 16.36 12.10
C VAL C 64 -21.81 15.47 13.10
N LEU C 65 -21.75 14.17 12.76
CA LEU C 65 -21.06 13.15 13.56
C LEU C 65 -20.09 12.28 12.74
N LEU C 66 -18.95 11.97 13.37
CA LEU C 66 -17.95 11.03 12.86
C LEU C 66 -17.67 9.87 13.83
N ASP C 67 -17.62 8.63 13.33
CA ASP C 67 -16.90 7.57 14.03
C ASP C 67 -15.76 7.11 13.15
N LYS C 68 -14.55 7.47 13.57
CA LYS C 68 -13.34 7.27 12.80
C LYS C 68 -13.08 5.76 12.52
N LYS C 69 -13.14 4.94 13.57
CA LYS C 69 -12.78 3.51 13.48
C LYS C 69 -13.79 2.68 12.69
N ALA C 70 -15.02 3.20 12.61
CA ALA C 70 -16.10 2.58 11.86
C ALA C 70 -16.00 2.87 10.37
N LYS C 71 -15.13 3.82 10.04
CA LYS C 71 -15.12 4.49 8.73
C LYS C 71 -16.57 4.91 8.38
N ARG C 72 -17.10 5.87 9.17
CA ARG C 72 -18.54 6.16 9.24
C ARG C 72 -18.79 7.57 9.79
N PHE C 73 -19.48 8.38 8.99
CA PHE C 73 -19.99 9.69 9.41
C PHE C 73 -21.27 10.08 8.70
N SER C 74 -21.92 11.12 9.21
CA SER C 74 -23.33 11.30 8.97
C SER C 74 -23.86 12.66 9.40
N LEU C 75 -25.05 13.00 8.91
CA LEU C 75 -25.63 14.34 9.03
C LEU C 75 -27.09 14.31 9.47
N HIS C 76 -27.40 15.15 10.46
CA HIS C 76 -28.73 15.24 11.07
C HIS C 76 -29.19 16.72 11.14
N ILE C 77 -30.50 16.96 10.98
CA ILE C 77 -31.16 18.29 11.23
C ILE C 77 -32.32 18.15 12.23
N THR C 78 -32.63 19.22 12.98
CA THR C 78 -33.83 19.30 13.83
C THR C 78 -34.95 20.12 13.13
N ASP C 79 -36.21 19.96 13.61
CA ASP C 79 -37.45 20.65 13.16
C ASP C 79 -37.37 21.34 11.80
N THR C 80 -37.38 20.48 10.77
CA THR C 80 -37.19 20.87 9.36
C THR C 80 -38.30 21.78 8.77
N GLN C 81 -38.09 22.20 7.53
CA GLN C 81 -39.04 23.03 6.75
C GLN C 81 -39.09 22.47 5.29
N PRO C 82 -39.62 23.26 4.30
CA PRO C 82 -39.16 23.05 2.91
C PRO C 82 -37.80 23.68 2.64
N GLY C 83 -37.45 24.73 3.40
CA GLY C 83 -36.20 25.49 3.22
C GLY C 83 -34.92 24.65 3.26
N ASP C 84 -35.05 23.41 3.76
CA ASP C 84 -33.95 22.48 3.84
C ASP C 84 -34.17 21.27 2.92
N SER C 85 -34.98 21.47 1.88
CA SER C 85 -35.15 20.46 0.83
C SER C 85 -34.21 20.75 -0.34
N ALA C 86 -33.02 20.14 -0.28
CA ALA C 86 -31.97 20.26 -1.31
C ALA C 86 -31.33 18.91 -1.65
N MET C 87 -30.67 18.83 -2.81
CA MET C 87 -29.78 17.68 -3.12
C MET C 87 -28.51 17.86 -2.28
N TYR C 88 -28.36 17.07 -1.21
CA TYR C 88 -27.18 17.16 -0.29
C TYR C 88 -25.99 16.29 -0.72
N PHE C 89 -24.78 16.80 -0.54
CA PHE C 89 -23.64 16.15 -1.12
C PHE C 89 -22.52 15.83 -0.12
N CYS C 90 -22.18 14.53 -0.06
CA CYS C 90 -21.24 13.92 0.90
C CYS C 90 -19.87 13.64 0.32
N ALA C 91 -18.82 14.27 0.84
CA ALA C 91 -17.46 14.00 0.35
C ALA C 91 -16.45 13.88 1.47
N ALA C 92 -15.26 13.38 1.15
CA ALA C 92 -14.26 13.01 2.17
C ALA C 92 -12.86 12.99 1.58
N SER C 93 -11.84 13.36 2.36
CA SER C 93 -10.51 13.59 1.75
C SER C 93 -9.36 13.66 2.73
N ARG C 94 -8.15 13.29 2.24
CA ARG C 94 -6.94 13.37 3.06
C ARG C 94 -6.53 14.81 3.30
N ARG C 95 -6.87 15.28 4.53
CA ARG C 95 -6.92 16.73 4.90
C ARG C 95 -5.89 17.53 4.21
N GLY C 96 -4.68 16.97 4.12
CA GLY C 96 -3.50 17.71 3.71
C GLY C 96 -2.31 17.63 4.66
N SER C 97 -1.17 17.13 4.16
CA SER C 97 -0.92 16.79 2.76
C SER C 97 -1.78 15.85 1.89
N GLY C 98 -1.47 15.91 0.61
CA GLY C 98 -2.05 15.10 -0.43
C GLY C 98 -1.49 15.76 -1.70
N GLY C 99 -1.48 15.05 -2.82
CA GLY C 99 -1.88 13.67 -2.82
C GLY C 99 -2.67 13.19 -4.03
N SER C 100 -2.85 11.87 -4.03
CA SER C 100 -3.72 11.19 -4.93
C SER C 100 -5.15 11.49 -4.45
N ASN C 101 -5.38 11.26 -3.16
CA ASN C 101 -6.62 11.55 -2.49
C ASN C 101 -6.45 12.89 -1.79
N TYR C 102 -5.73 13.80 -2.44
CA TYR C 102 -5.75 15.21 -1.99
C TYR C 102 -7.16 15.69 -1.60
N LYS C 103 -7.95 16.13 -2.60
CA LYS C 103 -9.29 16.54 -2.30
C LYS C 103 -10.35 15.93 -3.20
N LEU C 104 -11.48 15.60 -2.54
CA LEU C 104 -12.87 15.38 -3.05
C LEU C 104 -13.07 14.87 -4.50
N THR C 105 -13.56 13.63 -4.77
CA THR C 105 -14.43 12.67 -3.99
C THR C 105 -15.95 12.91 -4.25
N PHE C 106 -16.76 13.04 -3.19
CA PHE C 106 -18.21 13.22 -3.32
C PHE C 106 -18.86 11.89 -3.64
N GLY C 107 -19.68 11.40 -2.70
CA GLY C 107 -20.57 10.25 -2.93
C GLY C 107 -21.70 10.55 -3.91
N LYS C 108 -22.51 9.54 -4.22
CA LYS C 108 -23.56 9.64 -5.25
C LYS C 108 -24.64 10.76 -5.06
N GLY C 109 -24.94 11.14 -3.81
CA GLY C 109 -25.87 12.25 -3.54
C GLY C 109 -27.08 11.82 -2.75
N THR C 110 -27.88 12.79 -2.31
CA THR C 110 -29.21 12.51 -1.73
C THR C 110 -30.26 13.43 -2.36
N ASN C 120 -55.78 24.38 7.29
CA ASN C 120 -56.86 24.34 6.30
C ASN C 120 -56.62 23.30 5.19
N PRO C 121 -56.62 21.99 5.55
CA PRO C 121 -56.63 20.99 4.48
C PRO C 121 -58.00 21.10 3.81
N ASP C 122 -58.06 21.87 2.72
CA ASP C 122 -59.33 22.41 2.19
C ASP C 122 -59.41 22.34 0.65
N PRO C 123 -59.77 21.16 0.07
CA PRO C 123 -59.82 20.95 -1.40
C PRO C 123 -60.78 21.87 -2.21
N ALA C 124 -60.38 22.12 -3.46
CA ALA C 124 -61.16 22.85 -4.47
C ALA C 124 -60.61 22.53 -5.88
N VAL C 125 -61.46 22.70 -6.89
CA VAL C 125 -61.11 22.55 -8.32
C VAL C 125 -61.77 23.74 -9.08
N TYR C 126 -61.02 24.83 -9.26
CA TYR C 126 -61.52 26.07 -9.92
C TYR C 126 -61.24 26.08 -11.42
N GLN C 127 -62.01 26.92 -12.13
CA GLN C 127 -61.82 27.15 -13.57
C GLN C 127 -60.91 28.36 -13.85
N LEU C 128 -60.29 28.36 -15.04
CA LEU C 128 -59.54 29.52 -15.55
C LEU C 128 -59.68 29.58 -17.08
N ARG C 129 -59.97 30.78 -17.60
CA ARG C 129 -60.13 31.02 -19.06
C ARG C 129 -58.97 31.87 -19.71
N ASP C 130 -59.02 32.01 -21.04
CA ASP C 130 -58.04 32.78 -21.84
C ASP C 130 -58.49 34.25 -21.97
N SER C 131 -57.50 35.17 -21.98
CA SER C 131 -57.73 36.60 -22.28
C SER C 131 -57.32 36.98 -23.71
N ASP C 135 -60.88 31.89 -26.43
CA ASP C 135 -61.30 30.99 -25.34
C ASP C 135 -60.58 29.64 -25.40
N LYS C 136 -60.10 29.20 -24.24
CA LYS C 136 -59.12 28.11 -24.08
C LYS C 136 -59.00 27.85 -22.57
N SER C 137 -59.48 26.69 -22.11
CA SER C 137 -59.55 26.41 -20.66
C SER C 137 -58.65 25.27 -20.19
N VAL C 138 -57.99 25.51 -19.06
CA VAL C 138 -57.44 24.46 -18.20
C VAL C 138 -57.91 24.70 -16.77
N CYS C 139 -58.12 23.60 -16.04
CA CYS C 139 -58.57 23.67 -14.66
C CYS C 139 -57.49 23.14 -13.71
N LEU C 140 -57.81 23.12 -12.41
CA LEU C 140 -56.81 22.97 -11.35
C LEU C 140 -57.18 21.85 -10.32
N PHE C 141 -56.23 21.45 -9.48
CA PHE C 141 -56.52 20.74 -8.24
C PHE C 141 -55.70 21.43 -7.15
N THR C 142 -56.38 21.84 -6.06
CA THR C 142 -55.79 22.75 -5.06
C THR C 142 -56.06 22.44 -3.55
N ASP C 143 -55.07 22.83 -2.72
CA ASP C 143 -55.10 22.87 -1.23
C ASP C 143 -55.16 21.47 -0.56
N PHE C 144 -54.51 20.50 -1.18
CA PHE C 144 -54.36 19.14 -0.64
C PHE C 144 -52.94 18.92 -0.11
N SER C 175 -48.66 26.29 0.16
CA SER C 175 -49.98 26.54 -0.40
C SER C 175 -50.61 25.27 -1.00
N ASN C 176 -49.99 24.74 -2.07
CA ASN C 176 -50.40 23.49 -2.77
C ASN C 176 -51.38 23.59 -3.96
N SER C 177 -50.93 23.15 -5.14
CA SER C 177 -51.72 23.04 -6.40
C SER C 177 -50.91 22.37 -7.54
N ALA C 178 -51.64 21.76 -8.50
CA ALA C 178 -51.02 21.20 -9.74
C ALA C 178 -52.05 21.01 -10.87
N VAL C 179 -51.53 20.83 -12.09
CA VAL C 179 -52.32 20.57 -13.32
C VAL C 179 -51.62 19.50 -14.21
N ALA C 180 -52.45 18.75 -14.96
CA ALA C 180 -52.05 17.96 -16.15
C ALA C 180 -53.32 17.79 -16.97
N TRP C 181 -53.14 17.61 -18.28
CA TRP C 181 -54.28 17.51 -19.23
C TRP C 181 -53.91 16.96 -20.63
N SER C 182 -54.93 16.48 -21.34
CA SER C 182 -54.81 15.79 -22.64
C SER C 182 -56.03 16.09 -23.52
N ALA D 2 -15.20 35.57 -6.94
CA ALA D 2 -16.21 34.57 -7.43
C ALA D 2 -15.80 33.87 -8.73
N VAL D 3 -16.76 33.16 -9.34
CA VAL D 3 -16.39 32.11 -10.30
C VAL D 3 -16.87 32.33 -11.73
N THR D 4 -18.20 32.34 -11.98
CA THR D 4 -18.79 32.56 -13.36
C THR D 4 -18.40 31.48 -14.37
N GLN D 5 -19.01 31.49 -15.56
CA GLN D 5 -18.66 30.55 -16.63
C GLN D 5 -19.56 30.79 -17.81
N SER D 6 -18.96 30.97 -18.97
CA SER D 6 -19.67 31.13 -20.23
C SER D 6 -19.32 29.93 -21.11
N PRO D 7 -20.27 29.31 -21.83
CA PRO D 7 -21.72 29.52 -21.75
C PRO D 7 -22.35 29.24 -20.41
N ARG D 8 -23.63 29.53 -20.30
CA ARG D 8 -24.43 29.18 -19.15
C ARG D 8 -25.46 28.15 -19.61
N ASN D 9 -25.83 28.20 -20.89
CA ASN D 9 -26.55 27.12 -21.64
C ASN D 9 -26.21 27.16 -23.13
N LYS D 10 -25.64 26.08 -23.64
CA LYS D 10 -25.48 25.88 -25.07
C LYS D 10 -26.36 24.74 -25.53
N VAL D 11 -26.76 24.77 -26.79
CA VAL D 11 -27.39 23.64 -27.46
C VAL D 11 -26.49 23.28 -28.63
N ALA D 12 -26.12 22.01 -28.75
CA ALA D 12 -25.05 21.57 -29.68
C ALA D 12 -25.52 20.77 -30.91
N VAL D 13 -24.57 20.50 -31.80
CA VAL D 13 -24.79 19.72 -33.02
C VAL D 13 -23.77 18.55 -33.09
N THR D 14 -24.28 17.30 -33.11
CA THR D 14 -23.43 16.09 -33.13
C THR D 14 -22.34 16.18 -34.19
N GLY D 15 -21.10 16.00 -33.74
CA GLY D 15 -19.92 16.13 -34.60
C GLY D 15 -19.33 17.53 -34.63
N GLY D 16 -19.65 18.34 -33.63
CA GLY D 16 -19.11 19.70 -33.50
C GLY D 16 -18.06 19.82 -32.41
N LYS D 17 -17.51 21.01 -32.24
CA LYS D 17 -16.55 21.26 -31.18
C LYS D 17 -17.23 22.10 -30.11
N VAL D 18 -17.09 21.69 -28.84
CA VAL D 18 -17.65 22.49 -27.72
C VAL D 18 -16.51 22.95 -26.80
N THR D 19 -16.63 24.20 -26.30
CA THR D 19 -15.68 24.79 -25.32
C THR D 19 -16.45 25.56 -24.23
N LEU D 20 -16.28 25.16 -22.97
CA LEU D 20 -16.87 25.88 -21.84
C LEU D 20 -15.73 26.44 -21.01
N SER D 21 -15.67 27.77 -20.87
CA SER D 21 -14.62 28.42 -20.07
C SER D 21 -15.04 28.48 -18.59
N CYS D 22 -14.15 29.01 -17.74
CA CYS D 22 -14.51 29.21 -16.36
C CYS D 22 -14.20 30.56 -15.70
N ASP D 23 -12.92 30.86 -15.52
CA ASP D 23 -12.49 32.16 -14.96
C ASP D 23 -12.89 32.37 -13.52
N GLN D 24 -12.11 31.81 -12.61
CA GLN D 24 -12.24 32.14 -11.20
C GLN D 24 -11.47 33.42 -10.96
N THR D 25 -11.83 34.16 -9.92
CA THR D 25 -11.10 35.39 -9.59
C THR D 25 -10.56 35.38 -8.18
N ASN D 26 -10.60 34.22 -7.53
CA ASN D 26 -10.19 34.08 -6.12
C ASN D 26 -8.67 33.92 -5.91
N ASN D 27 -7.92 33.99 -7.00
CA ASN D 27 -6.47 33.74 -7.06
C ASN D 27 -6.15 32.29 -6.75
N HIS D 28 -7.15 31.42 -6.84
CA HIS D 28 -7.01 30.05 -6.39
C HIS D 28 -6.20 29.19 -7.32
N ASN D 29 -5.68 28.13 -6.71
CA ASN D 29 -4.62 27.24 -7.12
C ASN D 29 -5.14 26.10 -8.03
N ASN D 30 -6.21 25.44 -7.56
CA ASN D 30 -6.76 24.24 -8.18
C ASN D 30 -8.21 24.45 -8.60
N MET D 31 -8.52 23.95 -9.80
CA MET D 31 -9.81 24.15 -10.48
C MET D 31 -10.32 22.81 -11.02
N TYR D 32 -11.64 22.63 -11.05
CA TYR D 32 -12.19 21.34 -11.47
C TYR D 32 -13.48 21.49 -12.24
N TRP D 33 -13.61 20.66 -13.29
CA TRP D 33 -14.85 20.47 -14.06
C TRP D 33 -15.61 19.19 -13.61
N TYR D 34 -16.74 19.37 -12.94
CA TYR D 34 -17.63 18.27 -12.61
C TYR D 34 -18.79 18.19 -13.60
N ARG D 35 -19.36 17.01 -13.81
CA ARG D 35 -20.62 16.89 -14.54
C ARG D 35 -21.73 16.30 -13.66
N GLN D 36 -22.78 17.06 -13.45
CA GLN D 36 -23.87 16.56 -12.63
C GLN D 36 -25.02 16.08 -13.51
N ASP D 37 -25.23 14.77 -13.51
CA ASP D 37 -26.33 14.10 -14.23
C ASP D 37 -27.17 13.37 -13.19
N THR D 38 -28.49 13.59 -13.19
CA THR D 38 -29.37 12.90 -12.26
C THR D 38 -29.33 11.35 -12.48
N GLY D 39 -29.05 10.61 -11.41
CA GLY D 39 -28.74 9.19 -11.48
C GLY D 39 -27.29 8.87 -11.13
N HIS D 40 -26.36 9.65 -11.69
CA HIS D 40 -24.90 9.34 -11.63
C HIS D 40 -24.08 10.29 -10.73
N GLY D 41 -24.72 11.33 -10.22
CA GLY D 41 -24.18 12.13 -9.12
C GLY D 41 -23.42 13.39 -9.50
N LEU D 42 -22.23 13.52 -8.92
CA LEU D 42 -21.29 14.63 -9.23
C LEU D 42 -19.89 14.11 -9.59
N ARG D 43 -19.76 13.72 -10.86
CA ARG D 43 -18.59 13.06 -11.41
C ARG D 43 -17.52 14.06 -11.93
N LEU D 44 -16.26 13.70 -11.73
CA LEU D 44 -15.18 14.60 -12.01
C LEU D 44 -14.58 14.28 -13.38
N ILE D 45 -14.55 15.28 -14.26
CA ILE D 45 -14.14 15.10 -15.66
C ILE D 45 -12.62 15.21 -15.79
N HIS D 46 -12.11 16.38 -15.40
CA HIS D 46 -10.70 16.66 -15.37
C HIS D 46 -10.53 17.71 -14.29
N TYR D 47 -9.28 18.12 -14.09
CA TYR D 47 -8.94 19.11 -13.10
C TYR D 47 -7.55 19.61 -13.34
N SER D 48 -7.09 20.43 -12.41
CA SER D 48 -5.75 20.96 -12.42
C SER D 48 -5.33 21.48 -11.06
N TYR D 49 -3.99 21.59 -10.91
CA TYR D 49 -3.37 22.17 -9.73
C TYR D 49 -2.69 23.50 -10.05
N GLY D 50 -2.71 23.92 -11.31
CA GLY D 50 -1.99 25.13 -11.73
C GLY D 50 -2.05 25.46 -13.20
N ALA D 51 -1.67 26.72 -13.51
CA ALA D 51 -1.51 27.19 -14.87
C ALA D 51 -0.57 26.29 -15.67
N GLY D 52 -1.14 25.48 -16.55
CA GLY D 52 -0.33 24.63 -17.39
C GLY D 52 -0.82 23.20 -17.49
N SER D 53 -0.86 22.51 -16.35
CA SER D 53 -1.15 21.08 -16.31
C SER D 53 -2.60 20.69 -16.05
N THR D 54 -3.03 19.60 -16.66
CA THR D 54 -4.40 19.08 -16.58
C THR D 54 -4.39 17.55 -16.32
N GLU D 55 -4.96 17.13 -15.20
CA GLU D 55 -4.97 15.72 -14.84
C GLU D 55 -6.31 15.07 -15.14
N LYS D 56 -6.33 13.78 -15.54
CA LYS D 56 -7.57 12.98 -15.77
C LYS D 56 -8.33 12.76 -14.45
N GLY D 57 -9.65 12.76 -14.53
CA GLY D 57 -10.51 12.83 -13.35
C GLY D 57 -11.13 11.49 -13.04
N ASP D 58 -12.45 11.40 -13.13
CA ASP D 58 -13.16 10.12 -12.99
C ASP D 58 -13.72 9.67 -14.33
N ILE D 59 -14.21 10.61 -15.14
CA ILE D 59 -14.96 10.24 -16.33
C ILE D 59 -14.51 10.96 -17.59
N PRO D 60 -13.20 10.90 -17.87
CA PRO D 60 -12.60 11.73 -18.91
C PRO D 60 -12.71 11.18 -20.35
N ASP D 61 -13.70 10.32 -20.60
CA ASP D 61 -13.81 9.70 -21.92
C ASP D 61 -14.56 10.62 -22.89
N GLY D 62 -13.86 11.07 -23.93
CA GLY D 62 -14.36 12.08 -24.87
C GLY D 62 -14.18 13.53 -24.42
N TYR D 63 -13.56 13.74 -23.26
CA TYR D 63 -13.38 15.08 -22.63
C TYR D 63 -11.90 15.49 -22.53
N LYS D 64 -11.39 16.21 -23.53
CA LYS D 64 -9.98 16.63 -23.52
C LYS D 64 -9.93 17.99 -22.85
N ALA D 65 -9.35 18.09 -21.64
CA ALA D 65 -9.39 19.36 -20.87
C ALA D 65 -8.08 20.18 -20.84
N SER D 66 -8.25 21.53 -20.80
CA SER D 66 -7.18 22.52 -20.96
C SER D 66 -7.25 23.69 -19.96
N ARG D 67 -6.09 24.17 -19.50
CA ARG D 67 -6.04 25.31 -18.59
C ARG D 67 -4.83 26.21 -18.88
N PRO D 68 -5.01 27.26 -19.69
CA PRO D 68 -3.93 28.18 -20.01
C PRO D 68 -3.42 29.10 -18.88
N SER D 69 -4.20 29.38 -17.83
CA SER D 69 -3.70 30.25 -16.77
C SER D 69 -4.48 30.14 -15.50
N GLN D 70 -4.01 30.90 -14.50
CA GLN D 70 -4.56 30.92 -13.16
C GLN D 70 -6.06 31.07 -13.17
N LYS D 71 -6.52 31.98 -14.03
CA LYS D 71 -7.88 32.46 -14.10
C LYS D 71 -8.73 31.45 -14.85
N GLU D 72 -8.24 31.04 -16.01
CA GLU D 72 -9.02 30.27 -16.97
C GLU D 72 -8.81 28.76 -16.92
N PHE D 73 -9.92 28.01 -16.94
CA PHE D 73 -9.90 26.54 -17.10
C PHE D 73 -11.04 26.10 -18.02
N SER D 74 -10.65 25.52 -19.17
CA SER D 74 -11.58 25.17 -20.25
C SER D 74 -11.74 23.67 -20.55
N LEU D 75 -12.99 23.25 -20.56
CA LEU D 75 -13.37 21.87 -20.84
C LEU D 75 -13.65 21.74 -22.33
N ILE D 76 -12.97 20.81 -22.99
CA ILE D 76 -13.15 20.62 -24.43
C ILE D 76 -13.69 19.25 -24.82
N LEU D 77 -14.77 19.28 -25.59
CA LEU D 77 -15.41 18.10 -26.11
C LEU D 77 -15.13 18.08 -27.61
N GLU D 78 -14.02 17.43 -27.98
CA GLU D 78 -13.55 17.35 -29.38
C GLU D 78 -14.69 17.00 -30.37
N LEU D 79 -15.38 15.88 -30.12
CA LEU D 79 -16.43 15.37 -31.01
C LEU D 79 -17.71 15.05 -30.21
N ALA D 80 -18.80 15.75 -30.52
CA ALA D 80 -20.07 15.60 -29.79
C ALA D 80 -20.74 14.24 -30.07
N THR D 81 -21.48 13.76 -29.07
CA THR D 81 -22.49 12.68 -29.21
C THR D 81 -23.66 12.96 -28.23
N PRO D 82 -24.87 12.38 -28.50
CA PRO D 82 -26.04 12.64 -27.64
C PRO D 82 -25.78 12.40 -26.15
N SER D 83 -24.91 11.44 -25.82
CA SER D 83 -24.61 11.07 -24.43
C SER D 83 -23.70 12.06 -23.68
N GLN D 84 -23.18 13.06 -24.38
CA GLN D 84 -22.43 14.13 -23.74
C GLN D 84 -23.36 15.15 -23.07
N THR D 85 -24.66 14.92 -23.22
CA THR D 85 -25.69 15.84 -22.72
C THR D 85 -25.86 15.78 -21.22
N SER D 86 -25.59 16.91 -20.57
CA SER D 86 -25.76 17.07 -19.13
C SER D 86 -25.62 18.53 -18.67
N VAL D 87 -25.64 18.69 -17.34
CA VAL D 87 -25.22 19.91 -16.64
C VAL D 87 -23.68 19.87 -16.56
N TYR D 88 -23.05 21.01 -16.33
CA TYR D 88 -21.61 21.08 -16.14
C TYR D 88 -21.24 22.17 -15.19
N PHE D 89 -20.42 21.85 -14.19
CA PHE D 89 -20.03 22.80 -13.15
C PHE D 89 -18.53 23.05 -13.07
N CYS D 90 -18.18 24.20 -12.53
CA CYS D 90 -16.83 24.58 -12.31
C CYS D 90 -16.66 24.88 -10.84
N ALA D 91 -15.43 24.76 -10.36
CA ALA D 91 -15.12 25.04 -8.99
C ALA D 91 -13.64 25.28 -8.77
N SER D 92 -13.34 26.28 -7.95
CA SER D 92 -11.96 26.62 -7.64
C SER D 92 -11.71 26.53 -6.14
N GLY D 93 -10.48 26.19 -5.77
CA GLY D 93 -10.01 26.27 -4.39
C GLY D 93 -8.46 26.23 -4.28
N GLY D 94 -7.98 26.82 -3.20
CA GLY D 94 -6.58 26.82 -2.97
C GLY D 94 -6.13 27.67 -1.85
N LEU D 95 -4.93 28.23 -2.03
CA LEU D 95 -4.19 29.05 -1.08
C LEU D 95 -4.75 29.49 0.28
N GLY D 96 -4.81 28.66 1.30
CA GLY D 96 -4.66 27.25 1.22
C GLY D 96 -5.90 26.66 1.89
N GLY D 97 -7.03 26.63 1.14
CA GLY D 97 -8.27 25.85 1.45
C GLY D 97 -8.74 26.06 2.88
N ASP D 98 -9.59 25.16 3.45
CA ASP D 98 -10.35 24.09 2.77
C ASP D 98 -11.62 24.81 2.36
N GLU D 99 -12.40 24.26 1.42
CA GLU D 99 -13.68 24.85 0.79
C GLU D 99 -13.64 25.01 -0.72
N GLN D 100 -14.36 24.12 -1.40
CA GLN D 100 -14.44 24.17 -2.84
C GLN D 100 -15.53 25.16 -3.14
N TYR D 101 -15.16 26.17 -3.95
CA TYR D 101 -16.04 27.22 -4.47
C TYR D 101 -16.46 26.89 -5.91
N PHE D 102 -17.71 26.46 -6.05
CA PHE D 102 -18.27 26.00 -7.31
C PHE D 102 -18.85 27.17 -8.13
N GLY D 103 -18.92 26.98 -9.46
CA GLY D 103 -19.52 27.98 -10.38
C GLY D 103 -21.04 27.92 -10.45
N PRO D 104 -21.68 28.90 -11.11
CA PRO D 104 -23.15 28.97 -11.20
C PRO D 104 -23.84 27.82 -11.95
N GLY D 105 -23.14 27.22 -12.92
CA GLY D 105 -23.68 26.08 -13.68
C GLY D 105 -23.78 26.32 -15.16
N THR D 106 -23.92 25.24 -15.93
CA THR D 106 -23.90 25.26 -17.40
C THR D 106 -24.68 24.07 -17.99
N ARG D 107 -25.85 24.35 -18.55
CA ARG D 107 -26.75 23.30 -19.05
C ARG D 107 -26.55 23.02 -20.55
N LEU D 108 -25.86 21.91 -20.88
CA LEU D 108 -25.61 21.55 -22.28
C LEU D 108 -26.61 20.52 -22.80
N THR D 109 -26.80 20.53 -24.12
CA THR D 109 -27.70 19.61 -24.83
C THR D 109 -27.14 19.30 -26.21
N VAL D 110 -26.89 18.03 -26.48
CA VAL D 110 -26.45 17.60 -27.82
C VAL D 110 -27.67 17.04 -28.54
N LEU D 111 -27.64 16.98 -29.87
CA LEU D 111 -28.72 16.35 -30.65
C LEU D 111 -28.16 15.54 -31.80
N GLU D 112 -28.89 14.47 -32.16
CA GLU D 112 -28.51 13.59 -33.29
C GLU D 112 -28.96 14.17 -34.64
N ASP D 113 -30.03 14.96 -34.61
CA ASP D 113 -30.57 15.70 -35.77
C ASP D 113 -31.10 17.07 -35.30
N LEU D 114 -31.48 17.93 -36.25
CA LEU D 114 -31.98 19.25 -35.89
C LEU D 114 -33.49 19.41 -36.11
N LYS D 115 -34.17 18.30 -36.41
CA LYS D 115 -35.58 18.28 -36.87
C LYS D 115 -36.64 18.81 -35.87
N ASN D 116 -36.79 18.16 -34.71
CA ASN D 116 -37.79 18.54 -33.71
C ASN D 116 -37.24 19.54 -32.67
N VAL D 117 -37.06 20.78 -33.11
CA VAL D 117 -36.58 21.89 -32.26
C VAL D 117 -37.50 23.12 -32.41
N PHE D 118 -38.04 23.56 -31.28
CA PHE D 118 -39.06 24.61 -31.27
C PHE D 118 -38.90 25.53 -30.06
N PRO D 119 -39.56 26.73 -30.08
CA PRO D 119 -39.72 27.60 -28.89
C PRO D 119 -41.00 27.27 -28.03
N PRO D 120 -41.26 28.00 -26.92
CA PRO D 120 -42.51 27.79 -26.17
C PRO D 120 -43.57 28.89 -26.30
N GLU D 121 -44.84 28.46 -26.35
CA GLU D 121 -46.00 29.36 -26.49
C GLU D 121 -46.56 29.66 -25.11
N VAL D 122 -46.53 30.94 -24.75
CA VAL D 122 -46.79 31.42 -23.37
C VAL D 122 -48.25 31.88 -23.24
N ALA D 123 -49.04 31.04 -22.55
CA ALA D 123 -50.45 31.31 -22.30
C ALA D 123 -50.68 31.62 -20.81
N VAL D 124 -51.13 32.85 -20.53
CA VAL D 124 -51.45 33.35 -19.18
C VAL D 124 -52.96 33.27 -18.89
N PHE D 125 -53.34 32.55 -17.81
CA PHE D 125 -54.76 32.29 -17.48
C PHE D 125 -55.24 33.05 -16.22
N GLU D 126 -56.50 33.46 -16.28
CA GLU D 126 -57.08 34.34 -15.28
C GLU D 126 -58.02 33.55 -14.36
N PRO D 127 -57.80 33.63 -13.03
CA PRO D 127 -58.58 32.89 -12.01
C PRO D 127 -60.10 33.07 -12.07
N SER D 128 -60.87 32.11 -11.54
CA SER D 128 -62.32 32.21 -11.50
C SER D 128 -62.74 33.23 -10.45
N GLU D 129 -63.88 33.89 -10.71
CA GLU D 129 -64.53 34.75 -9.72
C GLU D 129 -64.96 33.89 -8.53
N ALA D 130 -65.16 32.60 -8.80
CA ALA D 130 -65.42 31.57 -7.80
C ALA D 130 -64.31 31.46 -6.74
N GLU D 131 -63.08 31.84 -7.13
CA GLU D 131 -61.95 31.86 -6.21
C GLU D 131 -61.95 33.10 -5.31
N ILE D 132 -62.16 34.26 -5.92
CA ILE D 132 -62.10 35.58 -5.23
C ILE D 132 -63.17 35.73 -4.12
N SER D 133 -64.36 35.16 -4.35
CA SER D 133 -65.45 35.20 -3.35
C SER D 133 -65.22 34.31 -2.13
N HIS D 134 -64.48 33.21 -2.32
CA HIS D 134 -64.37 32.10 -1.34
C HIS D 134 -63.11 32.17 -0.48
N THR D 135 -61.98 32.39 -1.14
CA THR D 135 -60.68 32.43 -0.46
C THR D 135 -60.20 33.88 -0.23
N GLN D 136 -61.05 34.84 -0.62
CA GLN D 136 -60.80 36.30 -0.53
C GLN D 136 -59.48 36.77 -1.18
N LYS D 137 -58.93 35.97 -2.10
CA LYS D 137 -57.66 36.26 -2.80
C LYS D 137 -57.67 35.71 -4.23
N ALA D 138 -56.58 35.95 -4.97
CA ALA D 138 -56.50 35.64 -6.41
C ALA D 138 -55.22 34.89 -6.84
N THR D 139 -55.40 33.97 -7.80
CA THR D 139 -54.35 33.04 -8.28
C THR D 139 -54.29 32.91 -9.85
N LEU D 140 -53.30 33.53 -10.49
CA LEU D 140 -53.13 33.49 -11.96
C LEU D 140 -52.24 32.32 -12.35
N VAL D 141 -52.54 31.68 -13.49
CA VAL D 141 -51.79 30.46 -13.92
C VAL D 141 -51.13 30.57 -15.32
N CYS D 142 -49.81 30.38 -15.37
CA CYS D 142 -49.04 30.36 -16.64
C CYS D 142 -48.69 28.93 -17.10
N LEU D 143 -48.73 28.78 -18.42
CA LEU D 143 -48.44 27.53 -19.11
C LEU D 143 -47.57 27.82 -20.35
N ALA D 144 -46.70 26.88 -20.69
CA ALA D 144 -45.84 26.96 -21.88
C ALA D 144 -45.65 25.57 -22.47
N THR D 145 -46.08 25.41 -23.72
CA THR D 145 -46.18 24.09 -24.32
C THR D 145 -45.56 24.02 -25.72
N GLY D 146 -45.03 22.84 -26.05
CA GLY D 146 -44.51 22.53 -27.39
C GLY D 146 -43.13 23.08 -27.67
N PHE D 147 -42.21 22.83 -26.75
CA PHE D 147 -40.87 23.35 -26.89
C PHE D 147 -39.80 22.26 -26.74
N TYR D 148 -38.75 22.35 -27.56
CA TYR D 148 -37.61 21.43 -27.52
C TYR D 148 -36.31 22.23 -27.67
N PRO D 149 -35.36 22.12 -26.71
CA PRO D 149 -35.38 21.14 -25.60
C PRO D 149 -35.75 21.68 -24.21
N ASP D 150 -35.77 20.77 -23.23
CA ASP D 150 -36.48 20.96 -21.93
C ASP D 150 -36.04 22.05 -20.94
N HIS D 151 -34.97 22.79 -21.25
CA HIS D 151 -34.49 23.79 -20.30
C HIS D 151 -34.95 25.23 -20.57
N VAL D 152 -35.95 25.68 -19.79
CA VAL D 152 -36.49 27.03 -19.85
C VAL D 152 -36.70 27.60 -18.45
N GLU D 153 -36.40 28.90 -18.32
CA GLU D 153 -36.52 29.67 -17.06
C GLU D 153 -37.70 30.67 -17.12
N LEU D 154 -38.63 30.53 -16.18
CA LEU D 154 -39.90 31.27 -16.18
C LEU D 154 -40.04 32.18 -14.97
N SER D 155 -40.60 33.37 -15.16
CA SER D 155 -40.71 34.30 -14.06
C SER D 155 -41.93 35.18 -14.15
N TRP D 156 -42.13 35.96 -13.09
CA TRP D 156 -43.29 36.81 -12.95
C TRP D 156 -42.96 38.28 -12.71
N TRP D 157 -43.85 39.15 -13.21
CA TRP D 157 -43.58 40.58 -13.36
C TRP D 157 -44.80 41.47 -13.09
N VAL D 158 -44.71 42.26 -12.02
CA VAL D 158 -45.78 43.19 -11.66
C VAL D 158 -45.19 44.60 -11.54
N ASN D 159 -45.78 45.50 -12.33
CA ASN D 159 -45.25 46.86 -12.58
C ASN D 159 -43.79 46.87 -13.07
N GLY D 160 -43.55 46.06 -14.11
CA GLY D 160 -42.23 45.85 -14.72
C GLY D 160 -41.18 45.39 -13.73
N LYS D 161 -41.63 44.79 -12.61
CA LYS D 161 -40.77 44.32 -11.50
C LYS D 161 -40.90 42.80 -11.30
N GLU D 162 -39.77 42.09 -11.22
CA GLU D 162 -39.77 40.65 -10.95
C GLU D 162 -40.23 40.42 -9.53
N VAL D 163 -41.11 39.44 -9.39
CA VAL D 163 -41.73 39.12 -8.10
C VAL D 163 -41.73 37.60 -7.83
N HIS D 164 -41.35 37.25 -6.60
CA HIS D 164 -41.08 35.87 -6.14
C HIS D 164 -42.20 35.27 -5.28
N SER D 165 -42.81 36.09 -4.40
CA SER D 165 -43.91 35.68 -3.50
C SER D 165 -44.97 34.82 -4.20
N GLY D 166 -45.45 33.79 -3.50
CA GLY D 166 -46.55 32.94 -3.97
C GLY D 166 -46.43 32.43 -5.38
N VAL D 167 -45.25 31.92 -5.71
CA VAL D 167 -45.00 31.35 -7.03
C VAL D 167 -44.59 29.89 -6.91
N CYS D 168 -45.44 29.01 -7.42
CA CYS D 168 -45.08 27.63 -7.63
C CYS D 168 -44.83 27.49 -9.12
N THR D 169 -43.97 26.55 -9.48
CA THR D 169 -43.58 26.30 -10.88
C THR D 169 -43.16 24.84 -11.00
N ASP D 170 -43.51 24.21 -12.13
CA ASP D 170 -42.97 22.90 -12.53
C ASP D 170 -41.48 22.79 -12.15
N PRO D 171 -41.15 22.05 -11.06
CA PRO D 171 -39.72 21.95 -10.76
C PRO D 171 -39.02 21.18 -11.89
N GLN D 172 -39.79 20.30 -12.55
CA GLN D 172 -39.46 19.67 -13.84
C GLN D 172 -40.67 19.80 -14.80
N PRO D 173 -40.41 19.89 -16.14
CA PRO D 173 -41.45 19.84 -17.18
C PRO D 173 -42.06 18.44 -17.38
N LEU D 174 -43.00 18.31 -18.32
CA LEU D 174 -43.62 17.02 -18.63
C LEU D 174 -43.63 16.69 -20.12
N LYS D 175 -43.07 15.52 -20.45
CA LYS D 175 -43.11 14.94 -21.80
C LYS D 175 -44.54 14.86 -22.29
N GLU D 176 -44.77 15.32 -23.51
CA GLU D 176 -46.11 15.30 -24.09
C GLU D 176 -46.54 13.85 -24.42
N GLN D 177 -45.75 13.15 -25.22
CA GLN D 177 -45.86 11.70 -25.33
C GLN D 177 -44.57 11.07 -24.74
N PRO D 178 -44.67 10.43 -23.54
CA PRO D 178 -43.49 9.72 -23.00
C PRO D 178 -43.17 8.43 -23.79
N ALA D 179 -44.18 7.95 -24.54
CA ALA D 179 -44.11 6.76 -25.42
C ALA D 179 -43.20 6.94 -26.63
N LEU D 180 -43.29 8.11 -27.26
CA LEU D 180 -42.44 8.49 -28.38
C LEU D 180 -41.11 9.03 -27.85
N ASN D 181 -40.10 9.03 -28.73
CA ASN D 181 -38.71 9.31 -28.35
C ASN D 181 -38.28 10.79 -28.31
N ASP D 182 -39.07 11.68 -28.92
CA ASP D 182 -38.78 13.14 -28.87
C ASP D 182 -39.11 13.71 -27.46
N SER D 183 -40.36 14.01 -27.12
CA SER D 183 -41.48 14.18 -28.04
C SER D 183 -42.12 15.52 -27.71
N ARG D 184 -41.27 16.55 -27.59
CA ARG D 184 -41.65 17.89 -27.12
C ARG D 184 -42.04 17.89 -25.65
N TYR D 185 -41.56 18.90 -24.93
CA TYR D 185 -41.83 19.06 -23.51
C TYR D 185 -42.89 20.14 -23.22
N ALA D 186 -43.43 20.11 -21.99
CA ALA D 186 -44.46 21.05 -21.54
C ALA D 186 -44.15 21.52 -20.13
N LEU D 187 -44.60 22.72 -19.77
CA LEU D 187 -44.32 23.32 -18.45
C LEU D 187 -45.50 24.15 -17.92
N SER D 188 -45.54 24.39 -16.61
CA SER D 188 -46.59 25.23 -15.99
C SER D 188 -46.07 26.13 -14.86
N SER D 189 -46.93 27.03 -14.35
CA SER D 189 -46.62 27.90 -13.21
C SER D 189 -47.86 28.48 -12.52
N ARG D 190 -47.66 29.06 -11.32
CA ARG D 190 -48.71 29.70 -10.52
C ARG D 190 -48.23 31.03 -9.94
N LEU D 191 -49.15 32.00 -9.84
CA LEU D 191 -48.89 33.29 -9.17
C LEU D 191 -50.08 33.65 -8.27
N ARG D 192 -49.82 34.38 -7.18
CA ARG D 192 -50.88 34.77 -6.23
C ARG D 192 -50.60 36.09 -5.51
N VAL D 193 -51.67 36.86 -5.29
CA VAL D 193 -51.73 37.92 -4.27
C VAL D 193 -53.18 38.03 -3.76
N SER D 194 -53.44 39.04 -2.92
CA SER D 194 -54.81 39.39 -2.51
C SER D 194 -55.62 39.92 -3.70
N ALA D 195 -56.96 39.89 -3.58
CA ALA D 195 -57.85 40.39 -4.64
C ALA D 195 -58.20 41.88 -4.52
N THR D 196 -57.26 42.66 -3.98
CA THR D 196 -57.26 44.13 -4.07
C THR D 196 -56.17 44.55 -5.10
N PHE D 197 -55.51 43.54 -5.69
CA PHE D 197 -54.55 43.73 -6.78
C PHE D 197 -55.06 43.20 -8.13
N TRP D 198 -55.70 42.03 -8.08
CA TRP D 198 -56.33 41.46 -9.27
C TRP D 198 -57.72 42.07 -9.61
N GLN D 199 -58.17 43.03 -8.79
CA GLN D 199 -59.33 43.86 -9.15
C GLN D 199 -58.90 45.21 -9.71
N ASN D 200 -57.95 45.84 -9.02
CA ASN D 200 -57.32 47.12 -9.40
C ASN D 200 -56.56 47.07 -10.75
N PRO D 201 -56.89 48.02 -11.68
CA PRO D 201 -56.36 47.97 -13.05
C PRO D 201 -54.85 48.25 -13.15
N ARG D 202 -54.40 49.38 -12.57
CA ARG D 202 -53.02 49.92 -12.69
C ARG D 202 -51.84 48.97 -12.30
N ASN D 203 -52.18 47.79 -11.79
CA ASN D 203 -51.22 46.74 -11.56
C ASN D 203 -51.09 45.90 -12.81
N HIS D 204 -49.83 45.80 -13.26
CA HIS D 204 -49.43 45.23 -14.54
C HIS D 204 -48.71 43.88 -14.33
N PHE D 205 -49.45 42.81 -14.62
CA PHE D 205 -48.97 41.42 -14.49
C PHE D 205 -48.32 40.95 -15.79
N ARG D 206 -47.25 40.17 -15.69
CA ARG D 206 -46.68 39.53 -16.86
C ARG D 206 -45.97 38.21 -16.49
N CYS D 207 -46.36 37.15 -17.17
CA CYS D 207 -45.63 35.90 -17.19
C CYS D 207 -44.57 35.94 -18.29
N GLN D 208 -43.42 35.31 -18.04
CA GLN D 208 -42.27 35.47 -18.91
C GLN D 208 -41.37 34.23 -18.95
N VAL D 209 -41.56 33.40 -19.97
CA VAL D 209 -40.63 32.30 -20.29
C VAL D 209 -39.37 32.94 -20.90
N GLN D 210 -38.20 32.41 -20.51
CA GLN D 210 -36.90 32.63 -21.20
C GLN D 210 -36.54 31.31 -21.85
N PHE D 211 -36.24 31.35 -23.15
CA PHE D 211 -35.91 30.12 -23.82
C PHE D 211 -34.54 30.32 -24.46
N TYR D 212 -33.69 29.28 -24.37
CA TYR D 212 -32.30 29.33 -24.87
C TYR D 212 -32.09 28.36 -26.06
N GLY D 213 -32.79 28.63 -27.16
CA GLY D 213 -32.70 27.83 -28.40
C GLY D 213 -31.43 28.08 -29.19
N LEU D 214 -31.57 28.13 -30.52
CA LEU D 214 -30.43 28.40 -31.38
C LEU D 214 -29.99 29.86 -31.17
N SER D 215 -28.69 30.07 -31.17
CA SER D 215 -28.10 31.40 -31.02
C SER D 215 -28.00 32.12 -32.39
N GLU D 216 -27.02 33.02 -32.52
CA GLU D 216 -26.75 33.74 -33.78
C GLU D 216 -26.34 32.81 -34.95
N ASN D 217 -25.05 32.48 -35.05
CA ASN D 217 -24.48 31.60 -36.10
C ASN D 217 -24.90 30.10 -35.97
N ASP D 218 -26.05 29.77 -36.56
CA ASP D 218 -26.67 28.43 -36.50
C ASP D 218 -27.38 28.10 -37.81
N GLU D 219 -26.76 27.19 -38.59
CA GLU D 219 -27.17 26.90 -39.98
C GLU D 219 -28.61 26.38 -40.08
N TRP D 220 -29.54 27.28 -40.36
CA TRP D 220 -30.97 26.94 -40.40
C TRP D 220 -31.44 26.48 -41.79
N THR D 221 -32.13 25.34 -41.80
CA THR D 221 -32.49 24.61 -43.03
C THR D 221 -33.98 24.71 -43.39
N GLN D 222 -34.86 24.43 -42.44
CA GLN D 222 -36.33 24.44 -42.68
C GLN D 222 -36.89 25.81 -43.07
N ASP D 223 -38.04 25.81 -43.74
CA ASP D 223 -38.67 27.05 -44.18
C ASP D 223 -39.78 27.57 -43.22
N ARG D 224 -39.78 27.07 -41.98
CA ARG D 224 -40.52 27.70 -40.87
C ARG D 224 -39.62 28.76 -40.19
N ALA D 225 -40.22 29.60 -39.35
CA ALA D 225 -39.47 30.67 -38.67
C ALA D 225 -38.35 30.10 -37.81
N LYS D 226 -37.16 30.68 -37.94
CA LYS D 226 -35.98 30.20 -37.22
C LYS D 226 -36.25 30.20 -35.72
N PRO D 227 -36.09 29.03 -35.06
CA PRO D 227 -36.19 28.92 -33.62
C PRO D 227 -34.90 29.45 -32.99
N VAL D 228 -35.01 30.44 -32.10
CA VAL D 228 -33.85 31.10 -31.51
C VAL D 228 -34.00 31.40 -30.01
N THR D 229 -32.89 31.75 -29.35
CA THR D 229 -32.90 32.29 -27.99
C THR D 229 -33.80 33.52 -27.87
N GLN D 230 -34.95 33.36 -27.22
CA GLN D 230 -35.90 34.46 -27.12
C GLN D 230 -36.72 34.42 -25.85
N ILE D 231 -37.02 35.61 -25.35
CA ILE D 231 -38.02 35.80 -24.31
C ILE D 231 -39.38 35.60 -24.99
N VAL D 232 -40.33 34.92 -24.34
CA VAL D 232 -41.73 34.90 -24.82
C VAL D 232 -42.66 35.33 -23.67
N SER D 233 -43.54 36.27 -23.99
CA SER D 233 -44.37 36.94 -22.99
C SER D 233 -45.87 36.72 -23.16
N ALA D 234 -46.62 37.14 -22.12
CA ALA D 234 -48.06 37.33 -22.14
C ALA D 234 -48.41 38.07 -20.85
N GLU D 235 -49.36 38.98 -20.92
CA GLU D 235 -49.67 39.86 -19.79
C GLU D 235 -51.15 39.90 -19.43
N ALA D 236 -51.47 40.63 -18.36
CA ALA D 236 -52.85 40.95 -17.96
C ALA D 236 -52.92 42.21 -17.06
N TRP D 237 -54.09 42.84 -17.04
CA TRP D 237 -54.42 43.90 -16.07
C TRP D 237 -55.52 43.44 -15.11
N GLY D 238 -55.59 44.05 -13.93
CA GLY D 238 -56.68 43.81 -12.98
C GLY D 238 -58.08 44.18 -13.47
N ASP E 1 -13.15 -27.17 -28.59
CA ASP E 1 -11.81 -27.52 -28.01
C ASP E 1 -10.85 -26.28 -28.00
N ILE E 2 -11.07 -25.26 -27.14
CA ILE E 2 -11.96 -25.22 -25.95
C ILE E 2 -12.71 -23.85 -25.84
N GLU E 3 -13.91 -23.75 -26.42
CA GLU E 3 -14.67 -22.47 -26.55
C GLU E 3 -14.67 -21.56 -25.29
N ALA E 4 -14.27 -20.29 -25.47
CA ALA E 4 -14.14 -19.27 -24.37
C ALA E 4 -14.10 -17.79 -24.87
N ASP E 5 -14.69 -16.88 -24.10
CA ASP E 5 -14.67 -15.46 -24.45
C ASP E 5 -13.37 -14.79 -24.07
N HIS E 6 -12.66 -15.34 -23.09
CA HIS E 6 -11.35 -14.84 -22.66
C HIS E 6 -10.55 -15.89 -21.93
N VAL E 7 -9.22 -15.85 -22.15
CA VAL E 7 -8.21 -16.76 -21.57
C VAL E 7 -7.09 -16.02 -20.82
N GLY E 8 -6.82 -16.47 -19.59
CA GLY E 8 -5.79 -15.88 -18.75
C GLY E 8 -4.76 -16.89 -18.25
N PHE E 9 -3.70 -17.07 -19.04
CA PHE E 9 -2.51 -17.79 -18.66
C PHE E 9 -1.75 -17.01 -17.54
N TYR E 10 -2.21 -17.31 -16.30
CA TYR E 10 -1.60 -16.78 -15.08
C TYR E 10 -0.77 -17.87 -14.39
N GLY E 11 0.49 -17.56 -14.08
CA GLY E 11 1.47 -18.59 -13.70
C GLY E 11 1.88 -19.43 -14.92
N THR E 12 3.06 -19.15 -15.48
CA THR E 12 3.62 -19.98 -16.55
C THR E 12 5.09 -19.91 -16.43
N THR E 13 5.57 -21.03 -15.84
CA THR E 13 7.00 -21.39 -15.69
C THR E 13 7.44 -22.29 -16.80
N VAL E 14 8.67 -22.01 -17.26
CA VAL E 14 9.37 -22.94 -18.12
C VAL E 14 10.83 -23.02 -17.61
N TYR E 15 11.23 -24.26 -17.23
CA TYR E 15 12.64 -24.65 -16.88
C TYR E 15 13.24 -25.67 -17.83
N GLN E 16 14.48 -25.35 -18.22
CA GLN E 16 15.24 -26.31 -19.00
C GLN E 16 16.73 -26.41 -18.63
N SER E 17 17.21 -27.67 -18.45
CA SER E 17 18.64 -27.99 -18.27
C SER E 17 19.24 -29.00 -19.37
N PRO E 18 20.56 -28.92 -19.54
CA PRO E 18 21.51 -28.05 -18.76
C PRO E 18 21.48 -26.50 -19.00
N GLY E 19 22.06 -25.72 -18.07
CA GLY E 19 22.37 -24.31 -18.29
C GLY E 19 21.46 -23.41 -17.46
N ASP E 20 20.56 -24.03 -16.67
CA ASP E 20 19.71 -23.30 -15.70
C ASP E 20 18.69 -22.33 -16.27
N ILE E 21 18.23 -22.54 -17.51
CA ILE E 21 17.34 -21.56 -18.19
C ILE E 21 15.91 -21.63 -17.66
N GLY E 22 15.30 -20.45 -17.37
CA GLY E 22 13.92 -20.38 -16.82
C GLY E 22 13.16 -19.11 -17.17
N GLN E 23 11.82 -19.17 -17.25
CA GLN E 23 11.07 -18.00 -17.78
C GLN E 23 9.63 -17.79 -17.28
N TYR E 24 9.45 -16.91 -16.30
CA TYR E 24 8.13 -16.76 -15.70
C TYR E 24 7.29 -15.55 -16.23
N THR E 25 6.21 -15.87 -16.97
CA THR E 25 5.45 -14.90 -17.78
C THR E 25 3.98 -15.10 -17.46
N HIS E 26 3.22 -13.97 -17.39
CA HIS E 26 1.75 -14.00 -17.48
C HIS E 26 1.27 -13.55 -18.86
N GLU E 27 0.05 -14.09 -19.18
CA GLU E 27 -0.55 -13.85 -20.47
C GLU E 27 -2.11 -13.43 -20.40
N PHE E 28 -2.60 -12.55 -21.32
CA PHE E 28 -4.05 -12.43 -21.51
C PHE E 28 -4.41 -12.41 -22.99
N ASP E 29 -5.35 -13.27 -23.40
CA ASP E 29 -5.74 -13.46 -24.82
C ASP E 29 -4.58 -13.49 -25.83
N GLY E 30 -3.38 -13.98 -25.43
CA GLY E 30 -2.23 -14.20 -26.36
C GLY E 30 -1.15 -13.01 -26.33
N ASP E 31 -1.22 -12.26 -25.29
CA ASP E 31 -0.27 -11.13 -25.26
C ASP E 31 0.37 -11.09 -23.94
N GLU E 32 1.69 -10.87 -23.96
CA GLU E 32 2.43 -10.88 -22.71
C GLU E 32 2.11 -9.72 -21.72
N LEU E 33 1.33 -9.99 -20.68
CA LEU E 33 1.22 -9.04 -19.56
C LEU E 33 2.55 -8.57 -18.95
N PHE E 34 3.39 -9.53 -18.60
CA PHE E 34 4.71 -9.30 -17.94
C PHE E 34 5.49 -10.63 -17.76
N TYR E 35 6.82 -10.54 -17.85
CA TYR E 35 7.71 -11.59 -17.36
C TYR E 35 8.36 -11.17 -16.03
N VAL E 36 8.96 -12.13 -15.30
CA VAL E 36 9.81 -11.78 -14.16
C VAL E 36 11.23 -12.01 -14.58
N ASP E 37 12.05 -10.96 -14.42
CA ASP E 37 13.49 -11.10 -14.61
C ASP E 37 13.99 -11.70 -13.30
N LEU E 38 14.82 -12.73 -13.45
CA LEU E 38 15.20 -13.63 -12.35
C LEU E 38 16.47 -13.23 -11.65
N ASP E 39 17.38 -12.53 -12.35
CA ASP E 39 18.61 -11.94 -11.75
C ASP E 39 18.24 -10.83 -10.79
N LYS E 40 17.52 -9.82 -11.30
CA LYS E 40 17.20 -8.63 -10.49
C LYS E 40 15.87 -8.75 -9.71
N LYS E 41 15.15 -9.87 -9.94
CA LYS E 41 13.97 -10.25 -9.12
C LYS E 41 12.92 -9.11 -9.13
N LYS E 42 12.48 -8.75 -10.33
CA LYS E 42 11.62 -7.59 -10.47
C LYS E 42 10.68 -7.85 -11.62
N THR E 43 9.39 -7.45 -11.48
CA THR E 43 8.41 -7.68 -12.57
C THR E 43 8.79 -6.80 -13.73
N VAL E 44 8.48 -7.22 -14.93
CA VAL E 44 8.87 -6.41 -16.04
C VAL E 44 7.66 -6.42 -16.96
N TRP E 45 6.96 -5.27 -16.98
CA TRP E 45 5.67 -5.14 -17.63
C TRP E 45 5.85 -4.89 -19.12
N ARG E 46 4.95 -5.45 -19.97
CA ARG E 46 5.12 -5.35 -21.44
C ARG E 46 4.95 -3.90 -21.92
N LEU E 47 3.77 -3.27 -21.66
CA LEU E 47 3.54 -1.81 -21.87
C LEU E 47 3.44 -1.15 -20.48
N PRO E 48 4.47 -0.27 -20.19
CA PRO E 48 4.69 0.04 -18.78
C PRO E 48 3.47 0.67 -18.15
N GLU E 49 2.60 1.30 -19.00
CA GLU E 49 1.18 1.69 -18.72
C GLU E 49 0.55 0.82 -17.62
N PHE E 50 0.55 -0.50 -17.87
CA PHE E 50 0.06 -1.52 -16.92
C PHE E 50 0.77 -1.52 -15.53
N GLY E 51 2.06 -1.10 -15.55
CA GLY E 51 2.85 -0.92 -14.34
C GLY E 51 2.43 0.13 -13.30
N GLN E 52 1.61 1.09 -13.65
CA GLN E 52 1.35 2.15 -12.69
C GLN E 52 0.27 1.67 -11.74
N LEU E 53 -0.69 0.90 -12.27
CA LEU E 53 -1.92 0.58 -11.52
C LEU E 53 -1.74 -0.67 -10.65
N ILE E 54 -1.32 -1.72 -11.34
CA ILE E 54 -1.28 -3.09 -10.83
C ILE E 54 0.16 -3.51 -10.51
N LEU E 55 0.36 -4.16 -9.36
CA LEU E 55 1.66 -4.86 -9.04
C LEU E 55 1.61 -6.39 -8.94
N PHE E 56 2.63 -7.01 -9.54
CA PHE E 56 2.97 -8.42 -9.36
C PHE E 56 4.22 -8.51 -8.52
N GLU E 57 4.07 -9.07 -7.32
CA GLU E 57 5.24 -9.41 -6.51
C GLU E 57 6.08 -10.57 -7.11
N PRO E 58 7.40 -10.29 -7.33
CA PRO E 58 8.19 -11.16 -8.23
C PRO E 58 8.75 -12.49 -7.54
N GLN E 59 9.06 -12.40 -6.23
CA GLN E 59 9.24 -13.51 -5.39
C GLN E 59 8.27 -14.62 -5.69
N GLY E 60 7.14 -14.31 -6.31
CA GLY E 60 6.20 -15.31 -6.75
C GLY E 60 6.53 -15.97 -8.08
N GLY E 61 7.43 -15.40 -8.86
CA GLY E 61 7.92 -16.10 -10.05
C GLY E 61 9.00 -17.09 -9.61
N LEU E 62 9.87 -16.62 -8.72
CA LEU E 62 10.82 -17.46 -8.05
C LEU E 62 10.12 -18.69 -7.45
N GLN E 63 9.13 -18.52 -6.57
CA GLN E 63 8.37 -19.67 -6.16
C GLN E 63 8.00 -20.59 -7.33
N ASN E 64 7.17 -20.19 -8.27
CA ASN E 64 6.86 -21.17 -9.31
C ASN E 64 8.06 -21.70 -10.05
N ILE E 65 9.18 -20.98 -10.03
CA ILE E 65 10.42 -21.41 -10.71
C ILE E 65 11.06 -22.58 -9.95
N ALA E 66 11.33 -22.38 -8.66
CA ALA E 66 11.93 -23.40 -7.82
C ALA E 66 11.18 -24.75 -7.92
N ALA E 67 9.86 -24.76 -7.95
CA ALA E 67 9.15 -26.00 -8.14
C ALA E 67 9.18 -26.53 -9.56
N GLU E 68 9.67 -25.73 -10.49
CA GLU E 68 9.69 -26.24 -11.83
C GLU E 68 10.95 -27.00 -12.14
N LYS E 69 12.03 -26.61 -11.42
CA LYS E 69 13.35 -27.28 -11.37
C LYS E 69 13.21 -28.68 -10.85
N HIS E 70 12.93 -28.69 -9.54
CA HIS E 70 12.57 -29.86 -8.80
C HIS E 70 11.90 -30.87 -9.73
N ASN E 71 10.75 -30.56 -10.29
CA ASN E 71 10.05 -31.53 -11.12
C ASN E 71 10.79 -32.01 -12.37
N LEU E 72 11.77 -31.17 -12.79
CA LEU E 72 12.54 -31.56 -13.94
C LEU E 72 13.50 -32.68 -13.50
N GLY E 73 14.20 -32.42 -12.39
CA GLY E 73 14.95 -33.47 -11.62
C GLY E 73 14.32 -34.87 -11.65
N ILE E 74 13.17 -34.99 -10.99
CA ILE E 74 12.41 -36.23 -10.93
C ILE E 74 11.97 -36.68 -12.33
N LEU E 75 11.67 -35.76 -13.27
CA LEU E 75 11.10 -36.25 -14.55
C LEU E 75 12.12 -36.85 -15.51
N THR E 76 13.28 -36.19 -15.50
CA THR E 76 14.33 -36.44 -16.43
C THR E 76 14.78 -37.91 -16.25
N LYS E 77 15.10 -38.28 -14.98
CA LYS E 77 15.28 -39.64 -14.47
C LYS E 77 14.11 -40.48 -14.98
N ARG E 78 12.95 -40.36 -14.32
CA ARG E 78 11.73 -41.06 -14.73
C ARG E 78 11.57 -41.40 -16.22
N SER E 79 11.98 -40.46 -17.11
CA SER E 79 11.83 -40.69 -18.55
C SER E 79 12.94 -41.61 -19.10
N ASN E 80 13.85 -42.05 -18.25
CA ASN E 80 15.13 -42.62 -18.70
C ASN E 80 15.93 -41.56 -19.51
N PHE E 81 16.06 -40.40 -18.85
CA PHE E 81 16.77 -39.24 -19.41
C PHE E 81 16.61 -39.09 -20.91
N THR E 82 15.34 -39.08 -21.37
CA THR E 82 15.05 -38.94 -22.79
C THR E 82 15.29 -37.50 -23.09
N PRO E 83 16.12 -37.25 -24.11
CA PRO E 83 16.38 -35.88 -24.43
C PRO E 83 15.39 -35.34 -25.50
N ALA E 84 15.06 -34.04 -25.33
CA ALA E 84 14.09 -33.28 -26.13
C ALA E 84 14.66 -33.06 -27.48
N THR E 85 13.78 -33.30 -28.51
CA THR E 85 14.17 -33.14 -29.92
C THR E 85 14.02 -31.69 -30.51
N ASN E 86 15.18 -31.16 -30.93
CA ASN E 86 15.31 -29.87 -31.52
C ASN E 86 14.56 -29.76 -32.83
N GLU E 87 13.70 -28.71 -32.83
CA GLU E 87 12.69 -28.33 -33.83
C GLU E 87 13.31 -27.28 -34.72
N ALA E 88 12.82 -27.19 -35.99
CA ALA E 88 13.12 -26.02 -36.89
C ALA E 88 12.17 -24.82 -36.67
N PRO E 89 12.71 -23.71 -36.11
CA PRO E 89 11.91 -22.48 -36.11
C PRO E 89 11.58 -21.99 -37.53
N GLN E 90 10.45 -21.28 -37.65
CA GLN E 90 10.10 -20.55 -38.87
C GLN E 90 10.04 -19.08 -38.52
N ALA E 91 10.49 -18.22 -39.45
CA ALA E 91 10.24 -16.72 -39.35
C ALA E 91 9.38 -16.14 -40.47
N THR E 92 8.62 -15.12 -40.11
CA THR E 92 8.16 -14.16 -41.13
C THR E 92 8.54 -12.80 -40.64
N VAL E 93 9.00 -12.01 -41.61
CA VAL E 93 9.20 -10.57 -41.36
C VAL E 93 8.09 -9.64 -41.91
N PHE E 94 7.52 -8.85 -41.02
CA PHE E 94 6.55 -7.96 -41.53
C PHE E 94 6.72 -6.61 -40.81
N PRO E 95 6.28 -5.44 -41.48
CA PRO E 95 6.24 -4.10 -40.83
C PRO E 95 4.86 -3.76 -40.23
N LYS E 96 4.84 -2.97 -39.10
CA LYS E 96 3.57 -2.55 -38.60
C LYS E 96 2.60 -1.69 -39.57
N SER E 97 3.07 -0.47 -39.94
CA SER E 97 2.21 0.36 -40.72
C SER E 97 2.79 0.37 -42.11
N PRO E 98 1.98 0.71 -43.16
CA PRO E 98 2.58 0.63 -44.49
C PRO E 98 3.89 1.45 -44.61
N VAL E 99 4.71 1.14 -45.64
CA VAL E 99 6.09 1.68 -45.67
C VAL E 99 6.16 2.92 -46.55
N LEU E 100 6.52 4.10 -46.00
CA LEU E 100 6.61 5.34 -46.84
C LEU E 100 8.04 5.90 -46.51
N LEU E 101 8.88 6.19 -47.55
CA LEU E 101 10.36 6.27 -47.45
C LEU E 101 10.70 7.22 -46.24
N GLY E 102 11.91 7.66 -45.86
CA GLY E 102 12.30 8.43 -44.60
C GLY E 102 11.39 8.61 -43.32
N GLN E 103 10.20 7.85 -43.39
CA GLN E 103 9.07 8.17 -42.50
C GLN E 103 8.84 7.04 -41.53
N PRO E 104 9.35 7.17 -40.26
CA PRO E 104 9.74 6.03 -39.32
C PRO E 104 8.70 4.92 -39.23
N ASN E 105 9.13 3.65 -39.24
CA ASN E 105 8.23 2.55 -38.96
C ASN E 105 8.98 1.69 -37.96
N THR E 106 8.53 0.44 -37.88
CA THR E 106 9.10 -0.66 -37.14
C THR E 106 8.94 -1.93 -38.05
N LEU E 107 10.15 -2.57 -38.25
CA LEU E 107 10.28 -3.99 -38.74
C LEU E 107 10.00 -4.98 -37.66
N ILE E 108 9.28 -6.06 -38.04
CA ILE E 108 8.93 -7.12 -37.09
C ILE E 108 9.48 -8.49 -37.57
N CYS E 109 10.23 -9.20 -36.71
CA CYS E 109 10.50 -10.64 -36.97
C CYS E 109 9.71 -11.48 -35.97
N PHE E 110 8.79 -12.26 -36.54
CA PHE E 110 8.15 -13.23 -35.70
C PHE E 110 8.55 -14.67 -36.09
N VAL E 111 9.07 -15.38 -35.06
CA VAL E 111 9.54 -16.76 -35.16
C VAL E 111 8.56 -17.64 -34.37
N ASP E 112 7.98 -18.64 -35.05
N ASP E 112 8.01 -18.66 -35.05
CA ASP E 112 7.24 -19.66 -34.33
CA ASP E 112 7.22 -19.69 -34.38
C ASP E 112 8.03 -21.01 -34.39
C ASP E 112 7.71 -21.11 -34.72
N ASN E 113 7.48 -22.08 -33.79
CA ASN E 113 8.05 -23.47 -33.83
C ASN E 113 9.45 -23.59 -33.25
N ILE E 114 9.74 -22.64 -32.37
CA ILE E 114 10.85 -22.73 -31.44
C ILE E 114 10.59 -23.90 -30.49
N PHE E 115 11.58 -24.83 -30.43
CA PHE E 115 11.78 -25.80 -29.25
C PHE E 115 13.14 -26.36 -29.36
N PRO E 116 13.99 -26.29 -28.31
CA PRO E 116 13.69 -25.61 -27.06
C PRO E 116 13.78 -24.08 -27.10
N PRO E 117 13.23 -23.44 -26.04
CA PRO E 117 13.47 -22.12 -25.63
C PRO E 117 14.90 -21.75 -25.43
N VAL E 118 15.69 -22.11 -26.47
CA VAL E 118 16.71 -21.10 -26.82
C VAL E 118 16.81 -20.99 -28.31
N ILE E 119 16.82 -19.69 -28.69
CA ILE E 119 17.03 -19.12 -30.04
C ILE E 119 17.98 -17.89 -29.94
N ASN E 120 18.50 -17.55 -31.16
CA ASN E 120 19.08 -16.24 -31.48
C ASN E 120 18.56 -15.53 -32.75
N ILE E 121 18.01 -14.32 -32.54
CA ILE E 121 17.30 -13.57 -33.57
C ILE E 121 18.10 -12.26 -33.78
N THR E 122 18.40 -11.90 -35.02
CA THR E 122 19.32 -10.79 -35.25
C THR E 122 18.89 -9.97 -36.45
N TRP E 123 19.49 -8.78 -36.62
CA TRP E 123 19.07 -7.90 -37.67
C TRP E 123 20.18 -7.40 -38.61
N LEU E 124 19.94 -7.64 -39.90
CA LEU E 124 20.92 -7.26 -40.93
C LEU E 124 20.42 -6.17 -41.86
N ARG E 125 21.32 -5.22 -42.18
CA ARG E 125 21.04 -4.06 -43.10
C ARG E 125 22.11 -3.97 -44.18
N ASN E 126 21.77 -4.47 -45.37
CA ASN E 126 22.74 -4.54 -46.46
C ASN E 126 23.92 -5.45 -46.04
N SER E 127 23.54 -6.56 -45.37
CA SER E 127 24.44 -7.58 -44.81
C SER E 127 25.38 -7.12 -43.71
N LYS E 128 25.40 -5.83 -43.34
CA LYS E 128 26.02 -5.44 -42.06
C LYS E 128 25.06 -5.61 -40.85
N SER E 129 25.60 -6.11 -39.72
CA SER E 129 24.85 -6.46 -38.52
C SER E 129 24.28 -5.21 -37.83
N VAL E 130 23.10 -5.33 -37.24
CA VAL E 130 22.46 -4.23 -36.49
C VAL E 130 22.04 -4.63 -35.05
N THR E 131 22.41 -3.79 -34.08
CA THR E 131 21.87 -3.97 -32.71
C THR E 131 21.07 -2.78 -32.07
N ASP E 132 21.21 -1.59 -32.66
CA ASP E 132 20.63 -0.40 -32.07
C ASP E 132 19.16 -0.38 -32.42
N GLY E 133 18.40 0.03 -31.39
CA GLY E 133 16.94 0.05 -31.41
C GLY E 133 16.32 -1.30 -31.68
N VAL E 134 16.93 -2.36 -31.07
CA VAL E 134 16.31 -3.71 -31.03
C VAL E 134 15.74 -4.09 -29.67
N TYR E 135 14.50 -4.60 -29.74
CA TYR E 135 13.72 -5.10 -28.64
C TYR E 135 13.33 -6.48 -29.09
N GLU E 136 13.20 -7.41 -28.12
CA GLU E 136 12.78 -8.77 -28.37
C GLU E 136 11.75 -9.16 -27.27
N THR E 137 10.82 -10.06 -27.62
CA THR E 137 9.76 -10.46 -26.63
C THR E 137 10.29 -11.44 -25.53
N SER E 138 9.36 -12.10 -24.81
CA SER E 138 9.72 -13.35 -24.11
C SER E 138 9.46 -14.54 -25.01
N PHE E 139 9.31 -15.73 -24.38
CA PHE E 139 8.87 -16.86 -25.16
C PHE E 139 7.37 -16.92 -24.91
N LEU E 140 6.66 -17.26 -25.99
CA LEU E 140 5.25 -17.25 -25.81
C LEU E 140 4.71 -18.58 -26.18
N VAL E 141 3.95 -19.16 -25.26
CA VAL E 141 3.42 -20.52 -25.42
C VAL E 141 2.61 -20.82 -26.70
N ASN E 142 2.57 -22.08 -27.17
CA ASN E 142 1.58 -22.51 -28.22
C ASN E 142 0.61 -23.58 -27.68
N ARG E 143 -0.04 -24.35 -28.57
CA ARG E 143 -0.79 -25.53 -28.13
C ARG E 143 0.19 -26.68 -27.89
N ASP E 144 0.97 -27.02 -28.94
CA ASP E 144 1.90 -28.11 -28.94
C ASP E 144 3.18 -27.80 -28.11
N HIS E 145 2.97 -26.98 -27.11
CA HIS E 145 3.95 -26.70 -26.09
C HIS E 145 5.31 -26.29 -26.62
N SER E 146 5.36 -25.88 -27.91
CA SER E 146 6.50 -25.12 -28.40
C SER E 146 6.46 -23.68 -27.73
N PHE E 147 7.16 -22.78 -28.41
CA PHE E 147 7.06 -21.35 -28.20
C PHE E 147 7.17 -20.62 -29.53
N HIS E 148 6.60 -19.41 -29.54
CA HIS E 148 6.93 -18.37 -30.55
C HIS E 148 7.54 -17.14 -29.86
N LYS E 149 8.28 -16.38 -30.65
CA LYS E 149 9.01 -15.23 -30.19
C LYS E 149 9.16 -14.23 -31.36
N LEU E 150 9.01 -12.89 -31.06
CA LEU E 150 9.16 -11.71 -32.05
C LEU E 150 10.10 -10.55 -31.58
N SER E 151 11.01 -10.20 -32.52
CA SER E 151 11.87 -9.02 -32.30
C SER E 151 11.50 -7.77 -33.18
N TYR E 152 11.70 -6.59 -32.57
CA TYR E 152 11.31 -5.35 -33.15
C TYR E 152 12.51 -4.49 -33.56
N LEU E 153 12.52 -4.05 -34.84
CA LEU E 153 13.53 -3.12 -35.31
C LEU E 153 12.90 -1.74 -35.55
N THR E 154 13.43 -0.71 -34.89
CA THR E 154 13.14 0.65 -35.31
C THR E 154 14.00 0.94 -36.56
N PHE E 155 13.33 1.16 -37.73
CA PHE E 155 14.06 1.67 -38.89
C PHE E 155 13.51 2.98 -39.51
N ILE E 156 14.09 3.45 -40.65
CA ILE E 156 13.51 4.61 -41.38
C ILE E 156 13.34 4.29 -42.93
N PRO E 157 12.20 3.67 -43.39
CA PRO E 157 12.10 2.87 -44.65
C PRO E 157 12.80 3.46 -45.95
N SER E 158 14.16 3.49 -45.92
CA SER E 158 14.98 4.06 -47.04
C SER E 158 15.01 3.18 -48.29
N ASP E 159 16.15 3.25 -49.04
CA ASP E 159 16.29 2.58 -50.34
C ASP E 159 17.71 2.66 -50.92
N ASP E 160 18.13 1.61 -51.61
CA ASP E 160 17.59 0.29 -51.38
C ASP E 160 18.39 -0.32 -50.23
N ASP E 161 17.77 -0.15 -49.08
CA ASP E 161 18.09 -0.86 -47.91
C ASP E 161 17.44 -2.23 -48.09
N ILE E 162 18.29 -3.27 -47.91
CA ILE E 162 17.84 -4.65 -47.78
C ILE E 162 17.99 -5.12 -46.32
N TYR E 163 16.90 -5.71 -45.84
CA TYR E 163 16.73 -6.07 -44.46
C TYR E 163 16.60 -7.57 -44.31
N ASP E 164 17.51 -8.17 -43.50
CA ASP E 164 17.46 -9.60 -43.18
C ASP E 164 17.24 -9.84 -41.67
N CYS E 165 16.25 -10.72 -41.45
CA CYS E 165 16.06 -11.28 -40.14
C CYS E 165 16.79 -12.64 -40.05
N LYS E 166 17.66 -12.77 -39.03
CA LYS E 166 18.57 -13.92 -38.87
C LYS E 166 18.17 -14.80 -37.70
N VAL E 167 17.98 -16.08 -38.00
CA VAL E 167 17.71 -17.05 -36.93
C VAL E 167 18.66 -18.22 -36.81
N GLU E 168 19.19 -18.26 -35.59
CA GLU E 168 20.12 -19.24 -35.13
C GLU E 168 19.40 -20.03 -34.05
N HIS E 169 19.28 -21.34 -34.29
CA HIS E 169 18.77 -22.34 -33.31
C HIS E 169 19.40 -23.76 -33.56
N TRP E 170 19.68 -24.51 -32.49
CA TRP E 170 20.24 -25.90 -32.66
C TRP E 170 19.39 -26.72 -33.64
N GLY E 171 18.13 -26.31 -33.86
CA GLY E 171 17.20 -27.05 -34.74
C GLY E 171 17.63 -27.00 -36.24
N LEU E 172 18.54 -26.05 -36.50
CA LEU E 172 19.01 -25.75 -37.85
C LEU E 172 20.50 -26.07 -38.05
N GLU E 173 20.74 -26.98 -39.00
CA GLU E 173 22.02 -27.13 -39.70
C GLU E 173 22.78 -25.78 -39.79
N GLU E 174 22.23 -24.82 -40.59
CA GLU E 174 22.86 -23.49 -40.93
C GLU E 174 21.89 -22.32 -40.72
N PRO E 175 22.35 -21.18 -40.09
CA PRO E 175 21.37 -20.14 -39.64
C PRO E 175 20.48 -19.64 -40.78
N VAL E 176 19.19 -19.47 -40.49
CA VAL E 176 18.23 -18.97 -41.50
C VAL E 176 18.33 -17.47 -41.74
N LEU E 177 18.28 -17.07 -43.01
CA LEU E 177 18.11 -15.65 -43.33
C LEU E 177 16.69 -15.27 -43.88
N LYS E 178 15.95 -14.47 -43.08
CA LYS E 178 14.66 -13.93 -43.50
C LYS E 178 14.73 -12.55 -44.12
N HIS E 179 14.43 -12.55 -45.43
CA HIS E 179 14.78 -11.46 -46.32
C HIS E 179 13.58 -10.56 -46.61
N TRP E 180 13.69 -9.28 -46.24
CA TRP E 180 12.62 -8.31 -46.48
C TRP E 180 13.10 -6.98 -47.17
N GLU E 181 12.36 -6.49 -48.17
CA GLU E 181 12.68 -5.16 -48.77
C GLU E 181 11.43 -4.28 -49.14
N PRO E 182 11.48 -2.94 -48.86
CA PRO E 182 10.36 -2.05 -49.32
C PRO E 182 10.39 -1.76 -50.83
N LEU F 2 -2.54 0.15 -4.66
CA LEU F 2 -2.00 -0.76 -5.75
C LEU F 2 -2.56 -2.20 -5.59
N VAL F 3 -3.36 -2.63 -6.58
CA VAL F 3 -4.00 -3.95 -6.52
C VAL F 3 -3.08 -5.01 -7.11
N GLU F 4 -2.90 -6.10 -6.35
CA GLU F 4 -1.90 -7.15 -6.57
C GLU F 4 -2.38 -8.28 -7.52
N ARG F 5 -1.52 -8.63 -8.51
CA ARG F 5 -1.89 -9.74 -9.37
C ARG F 5 -1.44 -11.15 -8.80
N LEU F 6 -2.38 -12.09 -8.81
CA LEU F 6 -2.23 -13.36 -8.14
C LEU F 6 -2.05 -14.48 -9.14
N TYR F 7 -1.03 -15.33 -8.83
CA TYR F 7 -0.60 -16.53 -9.60
C TYR F 7 -1.15 -17.86 -9.08
N LEU F 8 -1.64 -18.68 -10.01
CA LEU F 8 -1.92 -20.10 -9.82
C LEU F 8 -0.62 -20.74 -9.45
N VAL F 9 -0.63 -21.65 -8.45
CA VAL F 9 0.65 -22.29 -8.04
C VAL F 9 0.82 -23.64 -8.72
N CYS F 10 2.07 -23.85 -9.18
CA CYS F 10 2.62 -25.14 -9.58
C CYS F 10 3.02 -25.96 -8.37
N GLY F 11 2.70 -27.25 -8.41
CA GLY F 11 2.97 -28.14 -7.27
C GLY F 11 4.10 -29.14 -7.42
N GLY F 12 5.03 -29.14 -6.46
CA GLY F 12 6.19 -30.02 -6.55
C GLY F 12 5.87 -31.52 -6.52
N GLU F 13 6.91 -32.34 -6.35
CA GLU F 13 6.84 -33.79 -6.41
C GLU F 13 7.33 -34.33 -5.11
N GLY F 14 7.60 -35.67 -5.11
CA GLY F 14 8.05 -36.40 -3.91
C GLY F 14 8.41 -37.84 -4.19
N GLU F 29 24.99 -31.13 -24.55
CA GLU F 29 24.32 -31.17 -26.05
C GLU F 29 23.05 -32.02 -26.01
N ARG F 30 22.54 -32.30 -24.86
CA ARG F 30 21.24 -33.00 -24.63
C ARG F 30 20.54 -32.04 -23.69
N HIS F 31 19.21 -31.83 -23.88
CA HIS F 31 18.49 -30.80 -23.16
C HIS F 31 17.19 -31.38 -22.74
N PHE F 32 16.95 -31.06 -21.46
CA PHE F 32 15.72 -31.55 -20.85
C PHE F 32 14.85 -30.37 -20.35
N VAL F 33 13.53 -30.37 -20.65
CA VAL F 33 12.67 -29.16 -20.55
C VAL F 33 11.34 -29.50 -19.84
N HIS F 34 11.03 -28.70 -18.78
CA HIS F 34 9.74 -28.91 -18.06
C HIS F 34 8.85 -27.61 -18.04
N GLN F 35 7.59 -27.70 -18.49
CA GLN F 35 6.75 -26.50 -18.47
C GLN F 35 5.62 -26.69 -17.49
N PHE F 36 5.13 -25.53 -16.97
CA PHE F 36 3.87 -25.35 -16.20
C PHE F 36 2.94 -24.36 -16.84
N LYS F 37 1.80 -24.88 -17.26
CA LYS F 37 0.83 -24.07 -17.95
C LYS F 37 -0.45 -24.18 -17.11
N GLY F 38 -0.66 -23.15 -16.26
CA GLY F 38 -1.95 -22.90 -15.57
C GLY F 38 -2.70 -21.93 -16.44
N GLU F 39 -4.00 -22.20 -16.63
CA GLU F 39 -4.84 -21.52 -17.64
C GLU F 39 -6.30 -21.29 -17.17
N CYS F 40 -6.68 -20.01 -16.99
CA CYS F 40 -8.08 -19.61 -16.66
C CYS F 40 -8.96 -19.44 -17.95
N TYR F 41 -10.10 -20.13 -18.00
CA TYR F 41 -11.00 -20.01 -19.15
C TYR F 41 -12.28 -19.32 -18.70
N PHE F 42 -12.45 -18.10 -19.22
CA PHE F 42 -13.64 -17.27 -18.97
C PHE F 42 -14.64 -17.34 -20.11
N THR F 43 -15.93 -17.34 -19.72
CA THR F 43 -17.09 -17.24 -20.63
C THR F 43 -18.20 -16.44 -19.90
N ASN F 44 -18.75 -15.41 -20.58
CA ASN F 44 -19.96 -14.67 -20.17
C ASN F 44 -19.81 -13.92 -18.82
N GLY F 45 -18.79 -13.07 -18.76
CA GLY F 45 -18.39 -12.45 -17.49
C GLY F 45 -17.44 -13.37 -16.73
N THR F 46 -17.76 -13.61 -15.47
CA THR F 46 -17.07 -14.58 -14.60
C THR F 46 -18.02 -15.72 -14.22
N GLN F 47 -19.07 -15.90 -15.03
CA GLN F 47 -20.21 -16.78 -14.73
C GLN F 47 -19.87 -18.27 -14.68
N ARG F 48 -19.08 -18.74 -15.65
CA ARG F 48 -18.62 -20.13 -15.65
C ARG F 48 -17.14 -20.21 -16.05
N ILE F 49 -16.31 -20.09 -15.02
CA ILE F 49 -14.85 -20.16 -15.12
C ILE F 49 -14.45 -21.64 -15.22
N ARG F 50 -13.45 -21.96 -16.05
CA ARG F 50 -12.87 -23.31 -16.06
C ARG F 50 -11.37 -23.18 -15.88
N LEU F 51 -10.86 -23.64 -14.72
CA LEU F 51 -9.41 -23.72 -14.43
C LEU F 51 -8.79 -25.02 -14.99
N VAL F 52 -7.68 -24.87 -15.73
CA VAL F 52 -6.86 -25.98 -16.31
C VAL F 52 -5.35 -25.82 -16.09
N THR F 53 -4.81 -26.74 -15.29
CA THR F 53 -3.40 -26.78 -15.00
C THR F 53 -2.75 -28.05 -15.68
N ARG F 54 -1.70 -27.83 -16.50
CA ARG F 54 -0.97 -28.92 -17.21
C ARG F 54 0.54 -28.88 -16.88
N TYR F 55 1.07 -30.10 -16.70
CA TYR F 55 2.48 -30.42 -16.34
C TYR F 55 3.09 -31.20 -17.52
N ILE F 56 4.20 -30.66 -18.03
CA ILE F 56 4.74 -31.11 -19.31
C ILE F 56 6.25 -31.45 -19.26
N TYR F 57 6.53 -32.75 -19.48
CA TYR F 57 7.90 -33.17 -19.76
C TYR F 57 8.17 -33.04 -21.29
N ASN F 58 9.26 -32.31 -21.58
CA ASN F 58 9.51 -31.87 -22.92
C ASN F 58 8.28 -31.27 -23.76
N ARG F 59 7.54 -32.21 -24.37
CA ARG F 59 6.34 -31.89 -25.12
C ARG F 59 5.23 -32.83 -24.62
N GLU F 60 5.59 -33.89 -23.90
CA GLU F 60 4.53 -34.74 -23.37
C GLU F 60 3.82 -34.04 -22.20
N GLU F 61 2.51 -33.89 -22.35
CA GLU F 61 1.69 -33.44 -21.26
C GLU F 61 1.35 -34.68 -20.45
N TYR F 62 1.85 -34.73 -19.21
CA TYR F 62 1.89 -35.98 -18.38
C TYR F 62 0.86 -36.07 -17.23
N LEU F 63 0.52 -34.93 -16.64
CA LEU F 63 -0.47 -34.85 -15.55
C LEU F 63 -1.13 -33.45 -15.69
N ARG F 64 -2.47 -33.42 -15.59
CA ARG F 64 -3.27 -32.21 -15.82
C ARG F 64 -4.46 -32.13 -14.85
N PHE F 65 -4.44 -31.16 -13.92
CA PHE F 65 -5.64 -30.75 -13.16
C PHE F 65 -6.60 -30.03 -14.10
N ASP F 66 -7.89 -30.40 -14.04
CA ASP F 66 -8.97 -29.73 -14.79
C ASP F 66 -10.25 -29.63 -13.90
N SER F 67 -10.78 -28.41 -13.78
CA SER F 67 -11.91 -28.08 -12.89
C SER F 67 -13.24 -28.81 -13.18
N ASP F 68 -13.49 -29.07 -14.46
CA ASP F 68 -14.68 -29.79 -14.90
C ASP F 68 -14.59 -31.27 -14.53
N VAL F 69 -13.37 -31.80 -14.41
CA VAL F 69 -13.20 -33.11 -13.79
C VAL F 69 -13.02 -32.95 -12.25
N GLY F 70 -12.28 -31.92 -11.81
CA GLY F 70 -12.22 -31.55 -10.38
C GLY F 70 -11.13 -32.17 -9.50
N GLU F 71 -10.39 -33.12 -10.07
CA GLU F 71 -9.20 -33.74 -9.43
C GLU F 71 -8.00 -33.67 -10.40
N TYR F 72 -6.84 -34.21 -9.98
CA TYR F 72 -5.71 -34.43 -10.88
C TYR F 72 -5.84 -35.81 -11.55
N ARG F 73 -5.27 -35.95 -12.74
CA ARG F 73 -5.28 -37.19 -13.50
C ARG F 73 -4.06 -37.20 -14.37
N ALA F 74 -3.60 -38.41 -14.66
CA ALA F 74 -2.49 -38.58 -15.57
C ALA F 74 -3.03 -38.41 -16.99
N VAL F 75 -2.12 -38.20 -17.93
CA VAL F 75 -2.50 -38.12 -19.33
C VAL F 75 -1.69 -39.13 -20.15
N THR F 76 -0.43 -39.29 -19.76
CA THR F 76 0.50 -40.25 -20.36
C THR F 76 1.18 -41.12 -19.27
N GLU F 77 1.49 -42.38 -19.63
CA GLU F 77 2.01 -43.35 -18.68
C GLU F 77 2.99 -42.71 -17.68
N LEU F 78 3.71 -41.66 -18.14
CA LEU F 78 4.77 -41.01 -17.39
C LEU F 78 4.29 -40.34 -16.08
N GLY F 79 3.00 -40.20 -15.99
CA GLY F 79 2.41 -39.45 -14.89
C GLY F 79 1.47 -40.22 -13.98
N ARG F 80 1.44 -41.54 -14.14
CA ARG F 80 0.56 -42.41 -13.36
C ARG F 80 0.88 -42.25 -11.90
N HIS F 81 2.15 -42.07 -11.63
CA HIS F 81 2.59 -41.92 -10.26
C HIS F 81 2.31 -40.50 -9.75
N SER F 82 2.47 -39.53 -10.65
CA SER F 82 2.25 -38.15 -10.28
C SER F 82 0.80 -37.82 -9.80
N ALA F 83 -0.21 -38.35 -10.51
CA ALA F 83 -1.65 -38.10 -10.20
C ALA F 83 -1.92 -38.26 -8.72
N GLU F 84 -1.70 -39.48 -8.24
CA GLU F 84 -1.95 -39.87 -6.86
C GLU F 84 -1.44 -38.83 -5.83
N TYR F 85 -0.21 -38.35 -6.04
CA TYR F 85 0.45 -37.59 -4.99
C TYR F 85 -0.20 -36.25 -4.91
N TYR F 86 -0.34 -35.62 -6.07
CA TYR F 86 -0.81 -34.24 -6.20
C TYR F 86 -2.22 -34.10 -5.64
N ASN F 87 -3.08 -35.04 -6.01
CA ASN F 87 -4.40 -35.16 -5.42
C ASN F 87 -4.39 -35.06 -3.89
N LYS F 88 -3.38 -35.65 -3.25
CA LYS F 88 -3.30 -35.66 -1.77
C LYS F 88 -2.74 -34.36 -1.13
N GLN F 89 -1.80 -33.70 -1.77
CA GLN F 89 -1.05 -32.66 -1.08
C GLN F 89 -1.38 -31.24 -1.52
N TYR F 90 -1.98 -31.14 -2.70
CA TYR F 90 -2.46 -29.89 -3.22
C TYR F 90 -3.98 -29.98 -3.27
N LEU F 91 -4.55 -30.31 -4.46
CA LEU F 91 -6.01 -30.41 -4.73
C LEU F 91 -6.96 -29.42 -3.98
N GLU F 92 -7.07 -29.57 -2.65
CA GLU F 92 -7.65 -28.55 -1.74
C GLU F 92 -7.34 -27.10 -2.19
N ARG F 93 -6.06 -26.75 -2.18
CA ARG F 93 -5.51 -25.47 -2.63
C ARG F 93 -5.77 -25.23 -4.13
N THR F 94 -6.04 -26.29 -4.87
CA THR F 94 -6.08 -26.19 -6.34
C THR F 94 -7.49 -26.00 -6.91
N ARG F 95 -8.46 -26.61 -6.25
CA ARG F 95 -9.87 -26.30 -6.48
C ARG F 95 -10.14 -24.85 -6.08
N ALA F 96 -9.63 -24.45 -4.90
CA ALA F 96 -9.82 -23.10 -4.37
C ALA F 96 -9.18 -21.97 -5.21
N GLU F 97 -8.15 -22.29 -6.01
CA GLU F 97 -7.48 -21.31 -6.91
C GLU F 97 -8.47 -20.61 -7.89
N LEU F 98 -9.35 -21.39 -8.52
CA LEU F 98 -10.37 -20.88 -9.45
C LEU F 98 -11.19 -19.76 -8.78
N ASP F 99 -11.59 -19.98 -7.53
CA ASP F 99 -12.29 -18.96 -6.75
C ASP F 99 -11.42 -17.85 -6.13
N THR F 100 -10.10 -17.91 -6.25
CA THR F 100 -9.22 -16.96 -5.50
C THR F 100 -8.11 -16.30 -6.32
N ALA F 101 -7.90 -16.78 -7.55
CA ALA F 101 -6.96 -16.12 -8.45
C ALA F 101 -7.18 -16.43 -9.95
N CYS F 102 -8.14 -17.28 -10.26
CA CYS F 102 -8.77 -17.15 -11.57
C CYS F 102 -9.78 -16.00 -11.48
N ARG F 103 -10.59 -16.05 -10.41
CA ARG F 103 -11.61 -15.03 -10.13
C ARG F 103 -10.88 -13.73 -9.85
N HIS F 104 -10.26 -13.64 -8.66
CA HIS F 104 -9.64 -12.39 -8.19
C HIS F 104 -8.83 -11.68 -9.26
N ASN F 105 -7.98 -12.39 -10.01
CA ASN F 105 -7.36 -11.78 -11.18
C ASN F 105 -8.34 -11.01 -12.16
N TYR F 106 -9.29 -11.75 -12.72
CA TYR F 106 -10.15 -11.24 -13.74
C TYR F 106 -10.98 -10.08 -13.19
N GLU F 107 -11.62 -10.29 -12.05
CA GLU F 107 -12.46 -9.31 -11.42
C GLU F 107 -11.69 -8.17 -10.75
N GLU F 108 -10.36 -8.14 -10.78
CA GLU F 108 -9.69 -7.03 -10.12
C GLU F 108 -8.50 -6.41 -10.85
N THR F 109 -8.09 -7.06 -11.95
CA THR F 109 -6.95 -6.55 -12.72
C THR F 109 -7.15 -6.59 -14.24
N GLU F 110 -8.08 -7.43 -14.71
CA GLU F 110 -8.43 -7.54 -16.14
C GLU F 110 -9.52 -6.53 -16.61
N VAL F 111 -10.63 -6.49 -15.86
CA VAL F 111 -11.59 -5.42 -15.87
C VAL F 111 -10.82 -4.10 -15.89
N PRO F 112 -10.17 -3.65 -14.77
CA PRO F 112 -9.46 -2.35 -14.97
C PRO F 112 -8.09 -2.31 -15.74
N THR F 113 -7.78 -3.31 -16.60
CA THR F 113 -6.84 -3.12 -17.75
C THR F 113 -7.30 -3.74 -19.07
N SER F 114 -6.97 -5.00 -19.29
CA SER F 114 -7.15 -5.59 -20.62
C SER F 114 -8.58 -5.49 -21.19
N LEU F 115 -9.56 -5.56 -20.32
CA LEU F 115 -10.91 -5.61 -20.78
C LEU F 115 -11.50 -4.21 -21.15
N ARG F 116 -10.74 -3.18 -20.73
CA ARG F 116 -11.03 -1.78 -20.95
C ARG F 116 -9.82 -1.15 -21.70
N ARG F 117 -9.31 -1.81 -22.74
CA ARG F 117 -8.33 -1.19 -23.64
C ARG F 117 -8.98 -1.15 -25.04
N LEU F 118 -8.97 0.04 -25.70
CA LEU F 118 -9.50 0.19 -27.08
C LEU F 118 -8.61 1.07 -27.98
N GLU F 119 -7.86 0.45 -28.87
CA GLU F 119 -6.96 1.24 -29.73
C GLU F 119 -7.51 1.47 -31.15
N GLN F 120 -7.70 2.78 -31.49
CA GLN F 120 -8.08 3.31 -32.87
C GLN F 120 -7.40 2.52 -34.02
N PRO F 121 -8.22 2.00 -34.99
CA PRO F 121 -7.62 1.45 -36.22
C PRO F 121 -7.28 2.43 -37.25
N ASN F 122 -6.00 2.45 -37.70
CA ASN F 122 -5.52 3.42 -38.65
C ASN F 122 -5.63 2.88 -40.08
N VAL F 123 -6.62 3.52 -40.79
CA VAL F 123 -7.00 3.13 -42.16
C VAL F 123 -6.21 3.97 -43.17
N ALA F 124 -5.96 3.38 -44.37
CA ALA F 124 -4.91 3.89 -45.27
C ALA F 124 -4.82 3.02 -46.56
N ILE F 125 -5.14 3.68 -47.71
CA ILE F 125 -5.07 3.06 -49.08
C ILE F 125 -3.82 3.55 -49.86
N SER F 126 -3.39 2.66 -50.82
CA SER F 126 -2.32 2.91 -51.81
C SER F 126 -2.25 1.75 -52.84
N LEU F 127 -1.75 2.15 -54.06
CA LEU F 127 -1.52 1.16 -55.10
C LEU F 127 -0.40 0.23 -54.65
N SER F 128 -0.64 -1.06 -54.83
CA SER F 128 0.39 -2.06 -54.63
C SER F 128 1.38 -2.02 -55.80
N ARG F 129 0.92 -1.47 -56.94
CA ARG F 129 1.67 -1.33 -58.24
C ARG F 129 1.98 -2.71 -58.93
N THR F 130 2.34 -2.75 -60.24
CA THR F 130 2.48 -4.04 -61.03
C THR F 130 3.58 -5.02 -60.58
N HIS F 136 -5.82 -3.92 -64.95
CA HIS F 136 -4.70 -3.06 -64.60
C HIS F 136 -4.08 -3.37 -63.23
N ASN F 137 -4.49 -2.68 -62.14
CA ASN F 137 -3.70 -2.73 -60.89
C ASN F 137 -4.37 -3.33 -59.60
N THR F 138 -3.73 -3.16 -58.43
CA THR F 138 -4.29 -3.67 -57.17
C THR F 138 -4.19 -2.63 -56.06
N LEU F 139 -5.29 -2.50 -55.32
CA LEU F 139 -5.42 -1.63 -54.14
C LEU F 139 -5.24 -2.44 -52.87
N VAL F 140 -4.77 -1.72 -51.83
CA VAL F 140 -4.48 -2.28 -50.53
C VAL F 140 -4.98 -1.31 -49.44
N CYS F 141 -6.19 -1.63 -48.93
CA CYS F 141 -6.58 -1.04 -47.66
C CYS F 141 -5.80 -1.61 -46.41
N SER F 142 -5.11 -0.72 -45.67
CA SER F 142 -4.16 -1.14 -44.60
C SER F 142 -4.54 -0.63 -43.25
N VAL F 143 -5.59 -1.27 -42.72
CA VAL F 143 -6.07 -1.14 -41.34
C VAL F 143 -5.08 -1.70 -40.30
N THR F 144 -4.45 -0.76 -39.52
CA THR F 144 -3.37 -1.11 -38.62
C THR F 144 -3.86 -0.91 -37.15
N ASP F 145 -2.88 -1.09 -36.22
CA ASP F 145 -2.89 -0.64 -34.82
C ASP F 145 -4.09 -0.74 -33.83
N PHE F 146 -5.09 -1.72 -34.29
CA PHE F 146 -6.25 -1.82 -33.41
C PHE F 146 -6.20 -2.73 -32.17
N TYR F 147 -7.18 -2.66 -31.29
CA TYR F 147 -7.31 -3.59 -30.18
C TYR F 147 -8.67 -3.29 -29.62
N PRO F 148 -9.53 -4.29 -29.32
CA PRO F 148 -9.53 -5.68 -29.72
C PRO F 148 -9.21 -6.11 -31.13
N ALA F 149 -9.17 -7.46 -31.26
CA ALA F 149 -9.11 -8.20 -32.52
C ALA F 149 -10.30 -7.91 -33.52
N LYS F 150 -11.47 -7.61 -32.93
CA LYS F 150 -12.71 -7.79 -33.67
C LYS F 150 -12.91 -6.65 -34.67
N ILE F 151 -12.97 -6.99 -35.95
CA ILE F 151 -12.95 -6.00 -37.02
C ILE F 151 -13.67 -6.44 -38.28
N LYS F 152 -14.14 -5.44 -39.04
CA LYS F 152 -14.84 -5.59 -40.35
C LYS F 152 -14.29 -4.56 -41.31
N VAL F 153 -14.04 -5.04 -42.54
CA VAL F 153 -13.32 -4.29 -43.58
C VAL F 153 -13.95 -4.59 -44.96
N ARG F 154 -14.57 -3.55 -45.56
CA ARG F 154 -15.33 -3.65 -46.84
C ARG F 154 -14.74 -2.77 -47.97
N TRP F 155 -14.98 -3.26 -49.22
CA TRP F 155 -14.51 -2.50 -50.36
C TRP F 155 -15.68 -2.05 -51.25
N PHE F 156 -15.99 -0.74 -51.21
CA PHE F 156 -17.01 -0.18 -52.06
C PHE F 156 -16.25 0.57 -53.15
N ARG F 157 -16.53 0.13 -54.39
CA ARG F 157 -16.29 0.96 -55.53
C ARG F 157 -17.66 1.46 -56.00
N ASN F 158 -17.75 2.81 -56.08
CA ASN F 158 -18.94 3.57 -56.44
C ASN F 158 -20.21 3.06 -55.71
N GLY F 159 -20.30 3.39 -54.42
CA GLY F 159 -21.49 3.09 -53.57
C GLY F 159 -21.77 1.64 -53.13
N GLN F 160 -21.53 0.69 -54.05
CA GLN F 160 -21.83 -0.75 -53.86
C GLN F 160 -20.63 -1.60 -53.42
N GLU F 161 -20.93 -2.74 -52.82
CA GLU F 161 -19.89 -3.61 -52.27
C GLU F 161 -19.33 -4.64 -53.28
N GLU F 162 -18.00 -4.56 -53.50
CA GLU F 162 -17.33 -5.46 -54.43
C GLU F 162 -17.03 -6.78 -53.75
N THR F 163 -17.62 -7.85 -54.31
CA THR F 163 -17.39 -9.25 -53.90
C THR F 163 -16.05 -9.78 -54.43
N VAL F 164 -15.87 -9.63 -55.75
CA VAL F 164 -14.79 -10.28 -56.52
C VAL F 164 -13.53 -9.45 -56.52
N GLY F 165 -12.38 -10.12 -56.61
CA GLY F 165 -11.07 -9.47 -56.53
C GLY F 165 -10.69 -9.08 -55.13
N VAL F 166 -11.44 -9.57 -54.12
CA VAL F 166 -11.06 -9.42 -52.70
C VAL F 166 -10.17 -10.59 -52.19
N SER F 167 -8.99 -10.22 -51.70
CA SER F 167 -8.03 -11.16 -51.25
C SER F 167 -7.40 -10.56 -50.00
N SER F 168 -8.08 -10.73 -48.87
CA SER F 168 -7.49 -10.38 -47.57
C SER F 168 -6.36 -11.31 -47.01
N THR F 169 -5.53 -10.74 -46.13
CA THR F 169 -4.67 -11.57 -45.29
C THR F 169 -5.43 -12.07 -44.05
N GLN F 170 -4.67 -12.73 -43.20
CA GLN F 170 -5.11 -13.08 -41.87
C GLN F 170 -5.07 -11.84 -40.96
N LEU F 171 -5.56 -12.04 -39.74
CA LEU F 171 -5.45 -11.02 -38.75
C LEU F 171 -4.00 -11.06 -38.16
N ILE F 172 -3.05 -10.35 -38.83
CA ILE F 172 -1.73 -10.19 -38.14
C ILE F 172 -1.80 -9.70 -36.65
N ARG F 173 -0.80 -10.02 -35.83
CA ARG F 173 -0.84 -9.74 -34.40
C ARG F 173 0.54 -9.38 -33.88
N ASN F 174 1.16 -8.38 -34.49
CA ASN F 174 2.44 -7.79 -34.04
C ASN F 174 2.91 -7.96 -32.57
N GLY F 175 1.92 -8.18 -31.67
CA GLY F 175 2.27 -8.66 -30.32
C GLY F 175 2.87 -7.60 -29.41
N ASP F 176 2.03 -6.57 -29.19
CA ASP F 176 2.38 -5.53 -28.23
C ASP F 176 1.09 -4.88 -27.80
N TRP F 177 0.00 -5.58 -28.16
CA TRP F 177 -1.39 -5.22 -27.90
C TRP F 177 -1.87 -4.37 -29.06
N THR F 178 -1.63 -4.82 -30.28
CA THR F 178 -1.92 -4.06 -31.48
C THR F 178 -2.27 -5.12 -32.50
N PHE F 179 -2.83 -4.74 -33.63
CA PHE F 179 -3.14 -5.73 -34.68
C PHE F 179 -2.92 -5.10 -36.06
N GLN F 180 -3.44 -5.80 -37.07
CA GLN F 180 -3.43 -5.25 -38.45
C GLN F 180 -4.02 -6.33 -39.31
N VAL F 181 -4.31 -5.94 -40.55
CA VAL F 181 -5.07 -6.77 -41.49
C VAL F 181 -4.92 -5.96 -42.73
N LEU F 182 -4.66 -6.61 -43.84
CA LEU F 182 -4.57 -5.93 -45.11
C LEU F 182 -5.55 -6.65 -46.00
N VAL F 183 -6.50 -5.89 -46.58
CA VAL F 183 -7.46 -6.48 -47.52
C VAL F 183 -7.19 -5.86 -48.87
N MET F 184 -7.14 -6.71 -49.90
CA MET F 184 -6.67 -6.29 -51.22
C MET F 184 -7.77 -6.28 -52.28
N LEU F 185 -7.93 -5.16 -52.99
CA LEU F 185 -8.85 -5.13 -54.11
C LEU F 185 -8.10 -5.03 -55.46
N GLU F 186 -8.33 -6.05 -56.32
CA GLU F 186 -7.85 -6.08 -57.72
C GLU F 186 -8.91 -5.32 -58.47
N MET F 187 -8.49 -4.25 -59.16
CA MET F 187 -9.40 -3.41 -59.96
C MET F 187 -8.73 -2.88 -61.23
N THR F 188 -9.53 -2.23 -62.08
CA THR F 188 -8.97 -1.48 -63.23
C THR F 188 -9.55 -0.05 -63.29
N PRO F 189 -8.69 0.95 -63.00
CA PRO F 189 -9.01 2.40 -63.05
C PRO F 189 -9.51 2.92 -64.42
N HIS F 190 -10.81 3.15 -64.52
CA HIS F 190 -11.36 4.03 -65.55
C HIS F 190 -11.38 5.40 -64.90
N GLN F 191 -11.69 6.44 -65.71
CA GLN F 191 -12.07 7.83 -65.30
C GLN F 191 -11.52 8.36 -63.94
N GLY F 192 -12.34 9.22 -63.28
CA GLY F 192 -12.21 9.49 -61.84
C GLY F 192 -13.23 8.68 -61.05
N GLU F 193 -12.79 7.54 -60.42
CA GLU F 193 -13.68 6.61 -59.61
C GLU F 193 -13.57 6.71 -58.05
N VAL F 194 -14.73 6.43 -57.40
CA VAL F 194 -14.93 6.62 -55.93
C VAL F 194 -14.66 5.27 -55.23
N TYR F 195 -13.41 5.02 -54.81
CA TYR F 195 -13.08 3.82 -54.01
C TYR F 195 -13.16 4.09 -52.51
N THR F 196 -13.68 3.09 -51.81
CA THR F 196 -14.05 3.23 -50.38
C THR F 196 -13.88 2.00 -49.45
N CYS F 197 -12.70 1.92 -48.84
CA CYS F 197 -12.44 1.07 -47.71
C CYS F 197 -13.25 1.59 -46.51
N HIS F 198 -14.26 0.81 -46.13
CA HIS F 198 -15.15 1.07 -44.97
C HIS F 198 -14.92 0.01 -43.81
N VAL F 199 -14.73 0.60 -42.57
CA VAL F 199 -14.08 -0.14 -41.43
C VAL F 199 -14.86 0.11 -40.08
N GLU F 200 -15.52 -1.03 -39.65
CA GLU F 200 -16.18 -1.08 -38.34
C GLU F 200 -15.42 -2.00 -37.33
N HIS F 201 -14.75 -1.32 -36.39
CA HIS F 201 -14.22 -1.85 -35.15
C HIS F 201 -15.13 -1.42 -33.98
N PRO F 202 -14.84 -1.87 -32.73
CA PRO F 202 -15.49 -1.24 -31.57
C PRO F 202 -14.57 -0.37 -30.65
N SER F 203 -13.55 0.27 -31.31
CA SER F 203 -13.02 1.55 -30.79
C SER F 203 -13.61 2.71 -31.72
N LEU F 204 -14.43 2.27 -32.67
CA LEU F 204 -15.07 3.19 -33.58
C LEU F 204 -16.57 3.05 -33.47
N LYS F 205 -17.15 3.97 -32.70
CA LYS F 205 -18.59 4.14 -32.67
C LYS F 205 -19.03 4.85 -33.94
N SER F 206 -18.07 5.36 -34.71
CA SER F 206 -18.40 5.84 -36.05
C SER F 206 -17.39 5.31 -37.11
N PRO F 207 -17.87 4.37 -38.00
CA PRO F 207 -17.12 3.76 -39.11
C PRO F 207 -16.19 4.68 -39.94
N ILE F 208 -14.86 4.47 -39.83
CA ILE F 208 -13.90 5.11 -40.76
C ILE F 208 -14.21 4.63 -42.18
N THR F 209 -14.23 5.60 -43.08
CA THR F 209 -14.44 5.35 -44.49
C THR F 209 -13.32 6.12 -45.16
N VAL F 210 -12.44 5.42 -45.87
CA VAL F 210 -11.34 6.09 -46.60
C VAL F 210 -11.67 6.14 -48.12
N GLU F 211 -11.08 7.11 -48.82
CA GLU F 211 -11.47 7.28 -50.21
C GLU F 211 -10.15 7.34 -51.01
N TRP F 212 -10.31 6.63 -52.19
CA TRP F 212 -9.22 6.68 -53.13
C TRP F 212 -9.73 7.16 -54.51
N GLU G 2 -3.34 -3.55 14.43
CA GLU G 2 -2.42 -4.72 14.58
C GLU G 2 -2.59 -5.77 13.44
N GLN G 3 -1.54 -6.57 13.18
CA GLN G 3 -1.54 -7.62 12.12
C GLN G 3 -2.46 -8.84 12.39
N VAL G 4 -2.11 -9.69 13.39
CA VAL G 4 -3.02 -10.75 13.94
C VAL G 4 -3.00 -10.77 15.48
N GLU G 5 -4.21 -10.81 16.07
CA GLU G 5 -4.40 -10.98 17.51
C GLU G 5 -5.15 -12.31 17.79
N GLN G 6 -4.58 -13.14 18.67
CA GLN G 6 -5.15 -14.47 18.93
C GLN G 6 -6.40 -14.49 19.87
N LEU G 7 -6.18 -14.79 21.16
CA LEU G 7 -7.24 -14.91 22.20
C LEU G 7 -8.17 -16.17 22.09
N PRO G 8 -8.52 -16.78 23.23
CA PRO G 8 -8.13 -16.35 24.59
C PRO G 8 -6.67 -16.60 24.91
N SER G 9 -6.14 -15.86 25.90
CA SER G 9 -4.71 -15.89 26.26
C SER G 9 -4.32 -17.24 26.87
N ILE G 10 -4.95 -17.56 28.02
CA ILE G 10 -4.91 -18.88 28.74
C ILE G 10 -6.32 -19.50 28.71
N LEU G 11 -6.40 -20.84 28.74
CA LEU G 11 -7.68 -21.55 28.62
C LEU G 11 -7.67 -22.90 29.34
N ARG G 12 -8.79 -23.19 29.99
CA ARG G 12 -9.06 -24.44 30.73
C ARG G 12 -10.44 -25.00 30.35
N VAL G 13 -10.53 -26.31 30.21
CA VAL G 13 -11.75 -26.96 29.79
C VAL G 13 -11.87 -28.33 30.48
N GLN G 14 -13.05 -28.65 31.02
CA GLN G 14 -13.23 -29.94 31.69
C GLN G 14 -13.22 -31.05 30.65
N GLU G 15 -12.45 -32.08 30.95
CA GLU G 15 -12.29 -33.27 30.13
C GLU G 15 -13.67 -33.81 29.74
N GLY G 16 -14.05 -33.48 28.50
CA GLY G 16 -15.35 -33.85 27.96
C GLY G 16 -16.29 -32.69 27.64
N SER G 17 -15.73 -31.47 27.67
CA SER G 17 -16.44 -30.26 27.21
C SER G 17 -16.07 -29.96 25.76
N SER G 18 -16.62 -28.86 25.24
CA SER G 18 -16.24 -28.28 23.95
C SER G 18 -15.43 -26.98 24.19
N ALA G 19 -14.37 -26.76 23.40
CA ALA G 19 -13.46 -25.61 23.62
C ALA G 19 -13.11 -24.77 22.36
N SER G 20 -13.08 -23.44 22.54
CA SER G 20 -13.06 -22.46 21.44
C SER G 20 -11.90 -21.42 21.48
N ILE G 21 -11.32 -21.11 20.32
CA ILE G 21 -10.22 -20.13 20.21
C ILE G 21 -10.54 -19.19 19.08
N ASN G 22 -10.56 -17.90 19.37
CA ASN G 22 -10.90 -16.88 18.36
C ASN G 22 -9.69 -16.33 17.62
N CYS G 23 -9.94 -15.62 16.52
CA CYS G 23 -8.89 -14.87 15.81
C CYS G 23 -9.46 -13.85 14.82
N SER G 24 -8.66 -12.81 14.59
CA SER G 24 -8.98 -11.71 13.65
C SER G 24 -7.69 -11.15 12.95
N TYR G 25 -7.85 -10.53 11.76
CA TYR G 25 -6.69 -10.12 10.92
C TYR G 25 -6.80 -8.72 10.29
N GLU G 26 -5.71 -8.24 9.69
CA GLU G 26 -5.75 -6.97 8.92
C GLU G 26 -6.59 -7.08 7.63
N ASP G 27 -6.19 -7.77 6.57
CA ASP G 27 -4.87 -8.23 6.22
C ASP G 27 -4.58 -7.80 4.75
N SER G 28 -5.56 -7.56 3.85
CA SER G 28 -7.01 -7.35 4.09
C SER G 28 -7.83 -8.61 3.89
N ALA G 29 -8.06 -9.01 2.65
CA ALA G 29 -8.49 -10.37 2.33
C ALA G 29 -7.20 -11.23 2.14
N SER G 30 -7.21 -12.48 2.62
CA SER G 30 -5.95 -13.17 2.84
C SER G 30 -5.88 -14.63 2.39
N ASN G 31 -7.04 -15.31 2.31
CA ASN G 31 -7.12 -16.68 1.69
C ASN G 31 -6.29 -17.87 2.22
N TYR G 32 -5.58 -17.70 3.34
CA TYR G 32 -5.02 -18.81 4.09
C TYR G 32 -4.80 -18.54 5.56
N PHE G 33 -5.54 -19.28 6.36
CA PHE G 33 -5.59 -19.15 7.81
C PHE G 33 -5.59 -20.59 8.33
N PRO G 34 -4.51 -21.02 9.02
CA PRO G 34 -4.55 -22.38 9.52
C PRO G 34 -4.21 -22.50 11.03
N TRP G 35 -4.00 -23.73 11.47
CA TRP G 35 -3.82 -24.01 12.89
C TRP G 35 -2.66 -24.99 13.22
N TYR G 36 -2.05 -24.76 14.38
CA TYR G 36 -0.91 -25.57 14.83
C TYR G 36 -1.06 -25.97 16.28
N LYS G 37 -0.69 -27.23 16.53
CA LYS G 37 -0.77 -27.91 17.83
C LYS G 37 0.66 -28.32 18.28
N GLN G 38 1.28 -27.43 19.06
CA GLN G 38 2.59 -27.69 19.67
C GLN G 38 2.33 -28.41 20.99
N GLU G 39 2.57 -29.73 20.98
CA GLU G 39 2.38 -30.62 22.13
C GLU G 39 3.42 -30.29 23.19
N PRO G 40 3.14 -30.65 24.45
CA PRO G 40 3.91 -30.00 25.48
C PRO G 40 5.32 -30.48 25.36
N GLY G 41 6.24 -29.54 25.26
CA GLY G 41 7.66 -29.84 24.99
C GLY G 41 8.00 -30.42 23.61
N GLU G 42 7.24 -30.02 22.58
CA GLU G 42 7.43 -30.54 21.22
C GLU G 42 7.55 -29.50 20.10
N ASN G 43 7.38 -29.95 18.85
CA ASN G 43 7.29 -29.08 17.66
C ASN G 43 5.84 -28.70 17.38
N PRO G 44 5.60 -27.57 16.67
CA PRO G 44 4.24 -27.32 16.14
C PRO G 44 3.94 -28.19 14.93
N LYS G 45 2.83 -28.92 15.00
CA LYS G 45 2.32 -29.71 13.89
C LYS G 45 1.05 -29.05 13.37
N LEU G 46 0.91 -29.04 12.04
CA LEU G 46 -0.26 -28.53 11.36
C LEU G 46 -1.41 -29.51 11.56
N ILE G 47 -2.57 -28.95 11.87
CA ILE G 47 -3.75 -29.72 12.25
C ILE G 47 -4.95 -29.46 11.36
N ILE G 48 -5.28 -28.18 11.12
CA ILE G 48 -6.38 -27.79 10.25
C ILE G 48 -6.22 -26.38 9.67
N ASP G 49 -6.60 -26.24 8.41
CA ASP G 49 -6.47 -24.99 7.64
C ASP G 49 -7.79 -24.57 6.96
N ILE G 50 -7.91 -23.29 6.64
CA ILE G 50 -8.97 -22.80 5.75
C ILE G 50 -8.51 -21.66 4.83
N ARG G 51 -9.15 -21.59 3.66
CA ARG G 51 -9.05 -20.47 2.70
C ARG G 51 -10.38 -19.71 2.62
N SER G 52 -10.38 -18.59 1.89
CA SER G 52 -11.58 -17.76 1.68
C SER G 52 -12.66 -18.45 0.83
N ASN G 53 -12.23 -19.45 0.04
CA ASN G 53 -13.09 -20.42 -0.67
C ASN G 53 -14.35 -20.78 0.10
N MET G 54 -14.18 -21.17 1.37
CA MET G 54 -15.32 -21.52 2.25
C MET G 54 -15.34 -20.76 3.59
N GLU G 55 -16.36 -21.04 4.40
CA GLU G 55 -16.50 -20.46 5.73
C GLU G 55 -16.57 -21.53 6.83
N ARG G 56 -17.00 -22.75 6.47
CA ARG G 56 -16.97 -23.88 7.41
C ARG G 56 -16.25 -25.15 6.89
N LYS G 57 -15.14 -25.51 7.55
CA LYS G 57 -14.55 -26.84 7.41
C LYS G 57 -14.62 -27.63 8.74
N GLN G 58 -15.04 -28.89 8.65
CA GLN G 58 -15.01 -29.80 9.78
C GLN G 58 -14.50 -31.19 9.40
N THR G 59 -13.39 -31.56 10.03
CA THR G 59 -12.55 -32.72 9.65
C THR G 59 -12.17 -33.54 10.88
N GLN G 60 -12.75 -34.76 10.96
CA GLN G 60 -12.34 -35.75 11.97
C GLN G 60 -12.22 -35.08 13.34
N GLY G 61 -13.36 -34.60 13.83
CA GLY G 61 -13.49 -34.06 15.21
C GLY G 61 -13.09 -32.61 15.42
N LEU G 62 -12.52 -32.03 14.35
CA LEU G 62 -12.08 -30.63 14.29
C LEU G 62 -12.98 -29.65 13.50
N ILE G 63 -13.33 -28.54 14.16
CA ILE G 63 -14.26 -27.57 13.60
C ILE G 63 -13.56 -26.21 13.44
N VAL G 64 -13.57 -25.70 12.21
CA VAL G 64 -12.99 -24.39 11.94
C VAL G 64 -13.98 -23.53 11.14
N LEU G 65 -14.19 -22.30 11.61
CA LEU G 65 -15.10 -21.34 10.99
C LEU G 65 -14.42 -20.01 10.63
N LEU G 66 -14.68 -19.53 9.40
CA LEU G 66 -14.21 -18.20 8.91
C LEU G 66 -15.33 -17.19 8.59
N ASP G 67 -15.16 -15.94 9.00
CA ASP G 67 -15.96 -14.86 8.48
C ASP G 67 -15.07 -13.81 7.83
N LYS G 68 -15.10 -13.80 6.48
CA LYS G 68 -14.30 -12.94 5.60
C LYS G 68 -14.38 -11.46 5.94
N LYS G 69 -15.61 -10.94 5.92
CA LYS G 69 -15.89 -9.50 5.93
C LYS G 69 -15.68 -8.91 7.32
N ALA G 70 -15.84 -9.76 8.35
CA ALA G 70 -15.56 -9.41 9.75
C ALA G 70 -14.07 -9.37 10.06
N LYS G 71 -13.29 -9.95 9.13
CA LYS G 71 -11.91 -10.33 9.36
C LYS G 71 -11.81 -11.07 10.72
N ARG G 72 -12.43 -12.25 10.79
CA ARG G 72 -12.62 -12.96 12.04
C ARG G 72 -12.84 -14.43 11.78
N PHE G 73 -12.05 -15.25 12.47
CA PHE G 73 -12.19 -16.71 12.42
C PHE G 73 -11.88 -17.39 13.75
N SER G 74 -12.12 -18.70 13.79
CA SER G 74 -12.08 -19.44 15.06
C SER G 74 -12.01 -20.97 14.94
N LEU G 75 -11.53 -21.60 16.02
CA LEU G 75 -11.43 -23.06 16.15
C LEU G 75 -12.30 -23.64 17.31
N HIS G 76 -12.98 -24.77 17.03
CA HIS G 76 -13.86 -25.46 18.02
C HIS G 76 -13.65 -26.98 17.99
N ILE G 77 -13.66 -27.60 19.17
CA ILE G 77 -13.54 -29.08 19.31
C ILE G 77 -14.65 -29.62 20.21
N THR G 78 -15.08 -30.85 19.91
CA THR G 78 -16.15 -31.53 20.64
C THR G 78 -15.57 -32.58 21.61
N ASP G 79 -16.38 -32.99 22.60
CA ASP G 79 -16.05 -34.03 23.64
C ASP G 79 -14.55 -34.34 23.84
N THR G 80 -13.90 -33.35 24.44
CA THR G 80 -12.44 -33.26 24.53
C THR G 80 -11.85 -34.35 25.42
N GLN G 81 -10.51 -34.46 25.37
CA GLN G 81 -9.69 -35.34 26.21
C GLN G 81 -8.52 -34.52 26.79
N PRO G 82 -7.57 -35.16 27.50
CA PRO G 82 -6.26 -34.46 27.55
C PRO G 82 -5.47 -34.67 26.26
N GLY G 83 -5.92 -35.63 25.43
CA GLY G 83 -5.28 -35.98 24.14
C GLY G 83 -5.17 -34.80 23.20
N ASP G 84 -5.87 -33.73 23.55
CA ASP G 84 -5.93 -32.51 22.76
C ASP G 84 -5.39 -31.32 23.55
N SER G 85 -4.53 -31.55 24.53
CA SER G 85 -4.15 -30.52 25.46
C SER G 85 -2.80 -29.89 25.10
N ALA G 86 -2.80 -29.04 24.07
CA ALA G 86 -1.56 -28.42 23.58
C ALA G 86 -1.63 -26.88 23.50
N MET G 87 -0.48 -26.25 23.31
CA MET G 87 -0.39 -24.84 22.93
C MET G 87 -0.74 -24.67 21.44
N TYR G 88 -1.95 -24.17 21.17
CA TYR G 88 -2.47 -24.06 19.81
C TYR G 88 -2.11 -22.72 19.17
N PHE G 89 -1.69 -22.75 17.90
CA PHE G 89 -1.16 -21.55 17.25
C PHE G 89 -1.88 -21.12 15.98
N CYS G 90 -2.24 -19.82 15.94
CA CYS G 90 -3.13 -19.21 14.94
C CYS G 90 -2.35 -18.31 14.02
N ALA G 91 -2.50 -18.52 12.72
CA ALA G 91 -1.84 -17.66 11.74
C ALA G 91 -2.65 -17.52 10.49
N ALA G 92 -2.19 -16.64 9.63
CA ALA G 92 -2.97 -16.23 8.47
C ALA G 92 -2.03 -15.62 7.45
N SER G 93 -2.27 -15.86 6.16
CA SER G 93 -1.38 -15.36 5.12
C SER G 93 -2.00 -15.23 3.75
N ARG G 94 -1.42 -14.35 2.94
CA ARG G 94 -1.88 -14.15 1.56
C ARG G 94 -1.51 -15.35 0.73
N ARG G 95 -2.55 -16.13 0.44
CA ARG G 95 -2.42 -17.51 -0.04
C ARG G 95 -1.29 -17.76 -1.00
N GLY G 96 -1.05 -16.83 -1.91
CA GLY G 96 -0.19 -17.13 -3.03
C GLY G 96 -0.88 -16.72 -4.30
N SER G 97 -0.30 -15.75 -5.01
CA SER G 97 0.97 -15.10 -4.68
C SER G 97 1.25 -14.48 -3.31
N GLY G 98 2.54 -14.29 -3.08
CA GLY G 98 3.01 -13.49 -1.99
C GLY G 98 4.41 -12.95 -2.24
N GLY G 99 4.72 -11.93 -1.45
CA GLY G 99 6.08 -11.39 -1.29
C GLY G 99 6.27 -10.94 0.15
N SER G 100 5.60 -9.85 0.52
CA SER G 100 5.69 -9.24 1.85
C SER G 100 4.87 -10.04 2.89
N ASN G 101 3.57 -10.21 2.61
CA ASN G 101 2.63 -11.00 3.44
C ASN G 101 2.47 -12.38 2.86
N TYR G 102 3.51 -12.83 2.18
CA TYR G 102 3.53 -14.17 1.63
C TYR G 102 3.07 -15.17 2.69
N LYS G 103 3.96 -15.56 3.61
CA LYS G 103 3.55 -16.52 4.63
C LYS G 103 3.87 -16.15 6.05
N LEU G 104 2.92 -16.57 6.91
CA LEU G 104 2.89 -16.65 8.40
C LEU G 104 3.99 -15.93 9.22
N THR G 105 3.72 -14.93 10.09
CA THR G 105 2.45 -14.48 10.78
C THR G 105 2.39 -14.97 12.22
N PHE G 106 1.42 -15.82 12.55
CA PHE G 106 1.24 -16.44 13.88
C PHE G 106 0.84 -15.47 14.98
N GLY G 107 -0.36 -15.70 15.51
CA GLY G 107 -0.83 -15.02 16.71
C GLY G 107 -0.04 -15.45 17.94
N LYS G 108 -0.28 -14.73 19.05
CA LYS G 108 0.42 -14.88 20.34
C LYS G 108 0.48 -16.32 20.90
N GLY G 109 -0.61 -17.06 20.66
CA GLY G 109 -0.76 -18.42 21.13
C GLY G 109 -1.91 -18.64 22.09
N THR G 110 -2.22 -19.93 22.29
CA THR G 110 -3.24 -20.43 23.25
C THR G 110 -2.69 -21.72 23.92
N LEU G 111 -3.19 -22.06 25.13
CA LEU G 111 -2.86 -23.34 25.83
C LEU G 111 -3.95 -23.87 26.83
N LEU G 112 -4.56 -24.98 26.44
CA LEU G 112 -5.43 -25.81 27.30
C LEU G 112 -4.67 -27.13 27.67
N THR G 113 -5.23 -28.12 28.38
CA THR G 113 -6.57 -28.23 28.98
C THR G 113 -6.57 -27.46 30.30
N ASN G 120 -13.65 -42.56 40.82
CA ASN G 120 -13.60 -43.08 42.18
C ASN G 120 -12.42 -42.49 42.97
N PRO G 121 -12.31 -41.14 43.01
CA PRO G 121 -11.07 -40.51 43.52
C PRO G 121 -11.00 -40.66 45.04
N ASP G 122 -10.23 -41.65 45.48
CA ASP G 122 -10.04 -42.00 46.93
C ASP G 122 -8.74 -41.32 47.46
N PRO G 123 -8.83 -40.01 47.91
CA PRO G 123 -7.60 -39.29 48.27
C PRO G 123 -6.84 -39.86 49.49
N ALA G 124 -5.52 -39.62 49.50
CA ALA G 124 -4.61 -40.08 50.56
C ALA G 124 -3.32 -39.26 50.59
N VAL G 125 -2.88 -38.87 51.79
CA VAL G 125 -1.53 -38.30 52.03
C VAL G 125 -0.59 -39.44 52.53
N TYR G 126 0.65 -39.46 52.03
CA TYR G 126 1.63 -40.52 52.30
C TYR G 126 3.03 -39.96 52.64
N GLN G 127 3.83 -40.75 53.37
CA GLN G 127 5.25 -40.48 53.61
C GLN G 127 6.13 -41.42 52.75
N LEU G 128 7.34 -40.97 52.40
CA LEU G 128 8.28 -41.82 51.67
C LEU G 128 9.74 -41.59 52.15
N ARG G 129 10.47 -42.69 52.38
CA ARG G 129 11.89 -42.64 52.78
C ARG G 129 12.84 -42.96 51.59
N ASP G 130 14.12 -42.63 51.77
CA ASP G 130 15.16 -42.78 50.72
C ASP G 130 15.82 -44.17 50.78
N SER G 131 16.09 -44.76 49.61
CA SER G 131 16.68 -46.13 49.53
C SER G 131 18.15 -46.27 50.01
N LYS G 132 18.88 -45.15 50.07
CA LYS G 132 20.20 -45.07 50.70
C LYS G 132 20.08 -44.71 52.20
N SER G 133 19.11 -43.84 52.54
CA SER G 133 18.82 -43.38 53.93
C SER G 133 17.39 -42.87 54.12
N SER G 137 12.03 -34.86 53.79
CA SER G 137 11.75 -35.92 52.82
C SER G 137 10.39 -35.69 52.13
N VAL G 138 10.16 -36.42 51.04
CA VAL G 138 9.03 -36.18 50.13
C VAL G 138 7.67 -36.58 50.70
N CYS G 139 6.67 -35.76 50.39
CA CYS G 139 5.32 -36.05 50.81
C CYS G 139 4.45 -36.13 49.58
N LEU G 140 4.01 -37.34 49.22
CA LEU G 140 3.08 -37.51 48.10
C LEU G 140 1.66 -37.02 48.50
N PHE G 141 0.86 -36.63 47.51
CA PHE G 141 -0.59 -36.33 47.67
C PHE G 141 -1.24 -36.85 46.40
N THR G 142 -2.15 -37.80 46.57
CA THR G 142 -2.57 -38.66 45.46
C THR G 142 -4.08 -38.93 45.43
N ASP G 143 -4.54 -39.38 44.24
CA ASP G 143 -5.90 -39.87 43.98
C ASP G 143 -7.03 -38.81 44.19
N PHE G 144 -6.67 -37.54 44.00
CA PHE G 144 -7.54 -36.39 44.34
C PHE G 144 -8.39 -35.85 43.18
N ASP G 145 -9.42 -35.06 43.53
CA ASP G 145 -10.44 -34.60 42.60
C ASP G 145 -10.05 -33.29 41.92
N SER G 146 -10.40 -33.17 40.62
CA SER G 146 -10.01 -32.04 39.71
C SER G 146 -10.70 -30.70 40.05
N GLN G 147 -10.28 -30.11 41.16
CA GLN G 147 -10.96 -28.98 41.82
C GLN G 147 -10.16 -28.44 43.00
N THR G 148 -9.43 -29.33 43.71
CA THR G 148 -8.66 -28.92 44.89
C THR G 148 -7.50 -27.92 44.58
N ASN G 149 -7.18 -27.12 45.60
CA ASN G 149 -6.21 -26.01 45.50
C ASN G 149 -4.80 -26.39 45.98
N VAL G 150 -3.81 -25.98 45.18
CA VAL G 150 -2.40 -26.36 45.32
C VAL G 150 -1.48 -25.20 44.86
N SER G 151 -0.55 -24.69 45.69
CA SER G 151 -0.36 -25.04 47.10
C SER G 151 0.40 -23.93 47.87
N GLN G 152 1.68 -23.73 47.54
CA GLN G 152 2.60 -22.76 48.20
C GLN G 152 2.64 -22.86 49.73
N ASP G 157 12.04 -22.19 53.38
CA ASP G 157 12.47 -23.39 54.12
C ASP G 157 11.72 -24.68 53.74
N VAL G 158 10.69 -24.56 52.90
CA VAL G 158 9.91 -25.70 52.39
C VAL G 158 9.70 -25.55 50.88
N TYR G 159 9.95 -26.62 50.14
CA TYR G 159 9.86 -26.63 48.68
C TYR G 159 8.63 -27.36 48.18
N ILE G 160 7.68 -26.58 47.64
CA ILE G 160 6.30 -27.02 47.42
C ILE G 160 5.94 -27.01 45.92
N THR G 161 5.64 -28.20 45.38
CA THR G 161 5.55 -28.39 43.91
C THR G 161 4.23 -27.92 43.30
N ASP G 162 3.72 -28.72 42.36
CA ASP G 162 2.39 -28.54 41.78
C ASP G 162 1.74 -29.91 41.49
N LYS G 163 0.66 -29.90 40.73
CA LYS G 163 -0.07 -31.13 40.41
C LYS G 163 0.11 -31.56 38.95
N CYS G 164 -0.19 -32.85 38.67
CA CYS G 164 -0.40 -33.38 37.29
C CYS G 164 -1.09 -34.78 37.19
N VAL G 165 -1.34 -35.21 35.94
CA VAL G 165 -2.27 -36.31 35.57
C VAL G 165 -1.75 -37.81 35.68
N LEU G 166 -1.33 -38.43 34.55
CA LEU G 166 -0.93 -39.86 34.38
C LEU G 166 -2.08 -40.84 34.11
N SER G 175 -6.20 -40.72 38.05
CA SER G 175 -5.03 -40.19 37.33
C SER G 175 -4.52 -38.89 37.97
N ASN G 176 -4.24 -38.86 39.28
CA ASN G 176 -3.76 -37.60 39.90
C ASN G 176 -2.77 -37.71 41.08
N SER G 177 -1.86 -36.72 41.13
CA SER G 177 -0.71 -36.63 42.09
C SER G 177 -0.15 -35.18 42.31
N ALA G 178 0.53 -34.96 43.45
CA ALA G 178 1.23 -33.69 43.78
C ALA G 178 2.25 -33.93 44.89
N VAL G 179 3.33 -33.12 44.92
CA VAL G 179 4.50 -33.35 45.83
C VAL G 179 4.90 -32.09 46.65
N ALA G 180 5.67 -32.28 47.72
CA ALA G 180 6.27 -31.21 48.56
C ALA G 180 7.15 -31.83 49.66
N TRP G 181 8.14 -31.06 50.15
CA TRP G 181 9.20 -31.59 51.08
C TRP G 181 10.01 -30.56 51.90
N SER G 182 10.71 -31.08 52.93
CA SER G 182 11.79 -30.39 53.66
C SER G 182 12.42 -31.37 54.65
N PHE G 187 9.03 -29.90 60.47
CA PHE G 187 8.37 -30.65 59.39
C PHE G 187 7.33 -31.58 59.99
N ALA G 188 6.27 -31.83 59.24
CA ALA G 188 5.18 -32.75 59.64
C ALA G 188 4.40 -33.17 58.40
N CYS G 189 4.51 -34.43 57.99
CA CYS G 189 3.96 -34.91 56.70
C CYS G 189 2.41 -35.11 56.67
N ALA G 190 1.74 -34.17 57.33
CA ALA G 190 0.32 -34.23 57.64
C ALA G 190 -0.15 -32.82 58.05
N ASN G 191 0.79 -32.00 58.57
CA ASN G 191 0.66 -30.53 58.62
C ASN G 191 1.25 -29.91 57.33
N ALA G 192 1.31 -30.73 56.27
CA ALA G 192 2.09 -30.49 55.05
C ALA G 192 1.46 -29.44 54.13
N PHE G 193 0.17 -29.62 53.84
CA PHE G 193 -0.61 -28.75 52.96
C PHE G 193 -1.54 -27.90 53.82
N ASN G 194 -0.93 -26.91 54.50
CA ASN G 194 -1.60 -25.98 55.47
C ASN G 194 -1.87 -24.53 54.97
N ASN G 195 -1.29 -24.19 53.80
CA ASN G 195 -1.68 -22.98 53.07
CA ASN G 195 -1.68 -22.97 53.06
C ASN G 195 -2.74 -23.30 52.02
N SER G 196 -2.68 -24.52 51.50
CA SER G 196 -3.68 -25.10 50.59
C SER G 196 -5.13 -25.21 51.14
N ILE G 197 -6.00 -25.77 50.29
CA ILE G 197 -7.40 -26.10 50.64
C ILE G 197 -7.62 -27.60 50.34
N ILE G 198 -7.67 -28.39 51.41
CA ILE G 198 -7.74 -29.87 51.39
C ILE G 198 -9.18 -30.38 51.40
N PRO G 199 -9.46 -31.53 50.73
CA PRO G 199 -10.84 -32.01 50.65
C PRO G 199 -11.36 -32.56 51.99
N ASP G 201 -11.64 -35.04 56.04
CA ASP G 201 -12.06 -35.98 54.99
C ASP G 201 -11.05 -37.11 54.72
N THR G 202 -9.95 -36.79 54.03
CA THR G 202 -9.03 -37.75 53.41
C THR G 202 -7.92 -38.32 54.33
N PHE G 203 -7.30 -39.42 53.88
CA PHE G 203 -6.35 -40.23 54.67
C PHE G 203 -5.18 -39.48 55.28
N PHE G 204 -4.66 -40.00 56.39
CA PHE G 204 -3.48 -39.49 57.07
C PHE G 204 -2.66 -40.63 57.68
N ALA H 2 12.86 -34.99 6.30
CA ALA H 2 12.56 -34.28 7.59
C ALA H 2 13.57 -33.15 7.88
N VAL H 3 13.55 -32.64 9.13
CA VAL H 3 14.13 -31.34 9.45
C VAL H 3 15.40 -31.33 10.33
N THR H 4 15.31 -31.73 11.61
CA THR H 4 16.51 -31.74 12.52
C THR H 4 17.18 -30.36 12.78
N GLN H 5 18.08 -30.28 13.75
CA GLN H 5 18.83 -29.05 14.05
C GLN H 5 19.83 -29.33 15.18
N SER H 6 21.10 -29.08 14.90
CA SER H 6 22.14 -29.11 15.93
C SER H 6 22.65 -27.69 16.16
N PRO H 7 22.94 -27.29 17.42
CA PRO H 7 22.57 -27.95 18.64
C PRO H 7 21.10 -28.21 18.83
N ARG H 8 20.81 -29.07 19.81
CA ARG H 8 19.48 -29.31 20.35
C ARG H 8 19.29 -28.56 21.68
N ASN H 9 20.39 -28.41 22.44
CA ASN H 9 20.51 -27.41 23.51
C ASN H 9 21.96 -26.96 23.61
N LYS H 10 22.18 -25.67 23.89
CA LYS H 10 23.50 -25.17 24.22
C LYS H 10 23.36 -24.25 25.44
N VAL H 11 24.43 -24.15 26.23
CA VAL H 11 24.54 -23.12 27.27
C VAL H 11 25.67 -22.20 26.85
N ALA H 12 25.47 -20.90 26.98
CA ALA H 12 26.40 -19.89 26.42
C ALA H 12 27.13 -19.07 27.48
N VAL H 13 27.99 -18.17 26.98
CA VAL H 13 28.75 -17.21 27.79
C VAL H 13 28.67 -15.83 27.16
N THR H 14 28.22 -14.85 27.96
CA THR H 14 28.06 -13.46 27.53
C THR H 14 29.28 -12.93 26.77
N GLY H 15 29.02 -12.39 25.57
CA GLY H 15 30.06 -11.89 24.67
C GLY H 15 30.66 -12.99 23.82
N GLY H 16 29.94 -14.11 23.72
CA GLY H 16 30.34 -15.29 22.95
C GLY H 16 29.62 -15.42 21.63
N LYS H 17 30.05 -16.43 20.87
CA LYS H 17 29.47 -16.74 19.57
C LYS H 17 28.52 -17.96 19.65
N VAL H 18 27.41 -17.91 18.92
CA VAL H 18 26.43 -18.98 18.88
C VAL H 18 26.00 -19.22 17.42
N THR H 19 25.82 -20.49 17.07
CA THR H 19 25.47 -20.92 15.73
C THR H 19 24.43 -22.03 15.89
N LEU H 20 23.31 -21.91 15.21
CA LEU H 20 22.40 -23.04 15.14
C LEU H 20 22.21 -23.35 13.67
N SER H 21 22.59 -24.56 13.23
CA SER H 21 22.33 -24.95 11.84
C SER H 21 20.94 -25.59 11.75
N CYS H 22 20.56 -26.05 10.56
CA CYS H 22 19.23 -26.61 10.44
C CYS H 22 19.12 -27.89 9.63
N ASP H 23 19.29 -27.78 8.32
CA ASP H 23 19.27 -28.95 7.46
C ASP H 23 17.92 -29.63 7.32
N GLN H 24 17.06 -29.09 6.48
CA GLN H 24 15.93 -29.85 5.97
C GLN H 24 16.41 -30.77 4.88
N THR H 25 15.71 -31.87 4.64
CA THR H 25 16.00 -32.72 3.47
C THR H 25 14.81 -32.91 2.54
N ASN H 26 13.83 -31.99 2.65
CA ASN H 26 12.53 -32.03 1.95
C ASN H 26 12.64 -31.38 0.59
N ASN H 27 13.82 -30.81 0.31
CA ASN H 27 14.12 -30.13 -0.94
C ASN H 27 13.37 -28.80 -1.03
N HIS H 28 12.99 -28.26 0.14
CA HIS H 28 12.15 -27.08 0.19
C HIS H 28 12.88 -25.82 -0.06
N ASN H 29 12.07 -24.83 -0.36
CA ASN H 29 12.46 -23.58 -0.94
C ASN H 29 12.72 -22.53 0.15
N ASN H 30 11.81 -22.47 1.12
CA ASN H 30 11.80 -21.41 2.09
C ASN H 30 11.99 -21.96 3.51
N MET H 31 13.02 -21.49 4.20
CA MET H 31 13.32 -21.83 5.60
C MET H 31 13.24 -20.61 6.53
N TYR H 32 12.80 -20.83 7.77
CA TYR H 32 12.61 -19.72 8.74
C TYR H 32 13.18 -20.07 10.09
N TRP H 33 13.77 -19.09 10.75
CA TRP H 33 14.12 -19.18 12.17
C TRP H 33 13.16 -18.41 13.08
N TYR H 34 12.37 -19.14 13.87
CA TYR H 34 11.50 -18.55 14.90
C TYR H 34 12.09 -18.67 16.31
N ARG H 35 11.68 -17.79 17.23
CA ARG H 35 12.05 -17.90 18.66
C ARG H 35 10.82 -17.89 19.55
N GLN H 36 10.67 -18.94 20.34
CA GLN H 36 9.49 -19.08 21.20
C GLN H 36 9.75 -18.80 22.69
N ASP H 37 9.27 -17.64 23.12
CA ASP H 37 9.36 -17.18 24.50
C ASP H 37 7.92 -17.05 25.03
N THR H 38 7.57 -17.77 26.11
CA THR H 38 6.20 -17.70 26.67
C THR H 38 5.93 -16.31 27.21
N GLY H 39 4.78 -15.79 26.83
CA GLY H 39 4.47 -14.38 26.93
C GLY H 39 4.42 -13.79 25.53
N HIS H 40 5.51 -13.98 24.77
CA HIS H 40 5.72 -13.24 23.52
C HIS H 40 5.43 -14.02 22.20
N GLY H 41 5.20 -15.34 22.34
CA GLY H 41 4.63 -16.17 21.28
C GLY H 41 5.64 -16.90 20.41
N LEU H 42 5.46 -16.78 19.09
CA LEU H 42 6.35 -17.34 18.04
C LEU H 42 6.88 -16.28 17.06
N ARG H 43 7.97 -15.64 17.48
CA ARG H 43 8.54 -14.50 16.77
C ARG H 43 9.58 -14.91 15.69
N LEU H 44 9.52 -14.24 14.55
CA LEU H 44 10.40 -14.55 13.44
C LEU H 44 11.62 -13.66 13.47
N ILE H 45 12.77 -14.30 13.45
CA ILE H 45 14.05 -13.61 13.55
C ILE H 45 14.49 -13.13 12.15
N HIS H 46 14.57 -14.07 11.23
CA HIS H 46 14.98 -13.86 9.87
C HIS H 46 14.38 -14.98 9.07
N TYR H 47 14.56 -14.92 7.76
CA TYR H 47 14.14 -16.00 6.89
C TYR H 47 14.81 -15.93 5.54
N SER H 48 14.39 -16.83 4.66
CA SER H 48 14.84 -16.84 3.29
C SER H 48 13.81 -17.50 2.41
N TYR H 49 14.01 -17.28 1.10
CA TYR H 49 13.28 -17.92 0.00
C TYR H 49 14.21 -18.80 -0.86
N GLY H 50 15.50 -18.84 -0.54
CA GLY H 50 16.41 -19.61 -1.35
C GLY H 50 17.86 -19.49 -0.98
N ALA H 51 18.64 -20.39 -1.55
CA ALA H 51 20.06 -20.47 -1.33
C ALA H 51 20.75 -19.15 -1.63
N GLY H 52 21.01 -18.34 -0.62
CA GLY H 52 21.78 -17.12 -0.86
C GLY H 52 21.29 -15.87 -0.17
N SER H 53 20.00 -15.61 -0.26
CA SER H 53 19.46 -14.41 0.36
C SER H 53 18.80 -14.68 1.71
N THR H 54 18.86 -13.70 2.59
CA THR H 54 18.21 -13.78 3.91
C THR H 54 17.48 -12.43 4.20
N GLU H 55 16.18 -12.52 4.51
CA GLU H 55 15.35 -11.35 4.81
C GLU H 55 15.22 -11.11 6.30
N LYS H 56 15.07 -9.85 6.70
CA LYS H 56 14.80 -9.51 8.11
C LYS H 56 13.36 -9.88 8.49
N GLY H 57 13.14 -10.21 9.75
CA GLY H 57 11.85 -10.77 10.14
C GLY H 57 11.00 -9.77 10.88
N ASP H 58 10.74 -10.07 12.14
CA ASP H 58 10.05 -9.18 13.05
C ASP H 58 11.03 -8.70 14.11
N ILE H 59 11.85 -9.61 14.65
CA ILE H 59 12.66 -9.32 15.82
C ILE H 59 14.18 -9.49 15.64
N PRO H 60 14.74 -8.96 14.52
CA PRO H 60 16.10 -9.30 14.15
C PRO H 60 17.22 -8.50 14.84
N ASP H 61 16.94 -7.91 16.00
CA ASP H 61 17.90 -7.06 16.71
C ASP H 61 18.97 -7.89 17.42
N GLY H 62 20.17 -7.85 16.87
CA GLY H 62 21.30 -8.66 17.33
C GLY H 62 21.37 -10.07 16.73
N TYR H 63 20.58 -10.32 15.69
CA TYR H 63 20.45 -11.64 15.03
C TYR H 63 20.78 -11.59 13.52
N LYS H 64 22.06 -11.71 13.16
CA LYS H 64 22.44 -11.77 11.74
C LYS H 64 22.26 -13.22 11.24
N ALA H 65 21.39 -13.44 10.25
CA ALA H 65 21.10 -14.83 9.76
C ALA H 65 21.63 -15.13 8.35
N SER H 66 22.10 -16.38 8.16
CA SER H 66 22.89 -16.82 6.97
C SER H 66 22.49 -18.18 6.36
N ARG H 67 22.30 -18.23 5.05
CA ARG H 67 21.78 -19.44 4.41
C ARG H 67 22.66 -19.86 3.26
N PRO H 68 23.63 -20.77 3.49
CA PRO H 68 24.59 -21.05 2.43
C PRO H 68 24.10 -22.02 1.36
N SER H 69 22.95 -22.67 1.52
CA SER H 69 22.41 -23.54 0.47
C SER H 69 21.02 -24.04 0.78
N GLN H 70 20.46 -24.73 -0.20
CA GLN H 70 19.16 -25.36 -0.14
C GLN H 70 18.88 -26.07 1.17
N LYS H 71 19.87 -26.84 1.61
CA LYS H 71 19.76 -27.73 2.74
C LYS H 71 19.92 -26.97 4.07
N GLU H 72 20.94 -26.10 4.13
CA GLU H 72 21.33 -25.38 5.35
C GLU H 72 20.86 -23.91 5.50
N PHE H 73 20.24 -23.61 6.65
CA PHE H 73 19.93 -22.26 7.09
C PHE H 73 20.43 -22.11 8.53
N SER H 74 21.39 -21.21 8.73
CA SER H 74 22.02 -20.96 10.04
C SER H 74 21.63 -19.61 10.64
N LEU H 75 21.38 -19.62 11.95
CA LEU H 75 21.09 -18.42 12.73
C LEU H 75 22.32 -18.06 13.55
N ILE H 76 22.75 -16.82 13.44
CA ILE H 76 23.99 -16.42 14.10
C ILE H 76 23.76 -15.28 15.07
N LEU H 77 24.30 -15.45 16.28
CA LEU H 77 24.30 -14.42 17.30
C LEU H 77 25.75 -14.04 17.53
N GLU H 78 26.19 -12.98 16.82
CA GLU H 78 27.56 -12.42 16.96
C GLU H 78 28.03 -12.29 18.44
N LEU H 79 27.29 -11.51 19.23
CA LEU H 79 27.66 -11.12 20.60
C LEU H 79 26.50 -11.42 21.57
N ALA H 80 26.69 -12.43 22.41
CA ALA H 80 25.64 -12.91 23.33
C ALA H 80 25.29 -11.92 24.47
N THR H 81 24.02 -11.95 24.90
CA THR H 81 23.49 -11.22 26.08
C THR H 81 22.41 -12.05 26.80
N PRO H 82 22.19 -11.82 28.14
CA PRO H 82 21.22 -12.65 28.90
C PRO H 82 19.84 -12.74 28.25
N SER H 83 19.45 -11.65 27.58
CA SER H 83 18.13 -11.53 26.94
C SER H 83 18.04 -12.20 25.55
N GLN H 84 19.14 -12.85 25.13
CA GLN H 84 19.12 -13.68 23.93
C GLN H 84 18.69 -15.11 24.25
N THR H 85 18.39 -15.34 25.52
CA THR H 85 18.02 -16.65 26.01
C THR H 85 16.56 -16.93 25.71
N SER H 86 16.34 -18.10 25.12
CA SER H 86 15.01 -18.62 24.81
C SER H 86 15.07 -20.04 24.19
N VAL H 87 13.93 -20.45 23.63
CA VAL H 87 13.81 -21.60 22.71
C VAL H 87 14.10 -21.04 21.31
N TYR H 88 14.34 -21.90 20.32
CA TYR H 88 14.55 -21.51 18.93
C TYR H 88 14.10 -22.63 18.03
N PHE H 89 13.31 -22.29 17.01
CA PHE H 89 12.78 -23.29 16.09
C PHE H 89 13.14 -23.05 14.63
N CYS H 90 13.06 -24.14 13.87
CA CYS H 90 13.37 -24.11 12.46
C CYS H 90 12.15 -24.57 11.76
N ALA H 91 12.10 -24.30 10.47
CA ALA H 91 11.06 -24.83 9.62
C ALA H 91 11.42 -24.61 8.18
N SER H 92 10.94 -25.51 7.34
CA SER H 92 11.06 -25.38 5.90
C SER H 92 9.70 -25.67 5.25
N GLY H 93 9.37 -24.91 4.19
CA GLY H 93 8.24 -25.18 3.27
C GLY H 93 8.52 -24.54 1.86
N GLY H 94 7.74 -25.00 0.89
CA GLY H 94 7.95 -24.58 -0.43
C GLY H 94 7.32 -25.43 -1.50
N LEU H 95 7.77 -25.29 -2.76
CA LEU H 95 7.69 -26.38 -3.71
C LEU H 95 6.29 -27.01 -3.95
N GLY H 96 5.18 -26.28 -3.99
CA GLY H 96 4.97 -24.89 -3.60
C GLY H 96 3.83 -24.85 -2.58
N GLY H 97 4.21 -24.84 -1.26
CA GLY H 97 3.33 -24.78 -0.06
C GLY H 97 2.16 -25.75 -0.18
N ASP H 98 1.12 -25.61 0.64
CA ASP H 98 1.05 -24.76 1.82
C ASP H 98 1.34 -25.77 2.88
N GLU H 99 1.72 -25.33 4.10
CA GLU H 99 2.21 -26.17 5.27
C GLU H 99 3.65 -25.84 5.63
N GLN H 100 3.86 -25.35 6.84
CA GLN H 100 5.21 -25.18 7.30
C GLN H 100 5.55 -26.46 8.03
N TYR H 101 6.79 -26.92 7.84
CA TYR H 101 7.31 -28.12 8.49
C TYR H 101 8.38 -27.66 9.43
N PHE H 102 8.00 -27.60 10.69
CA PHE H 102 8.85 -27.19 11.79
C PHE H 102 9.74 -28.34 12.28
N GLY H 103 10.91 -27.97 12.78
CA GLY H 103 11.88 -28.95 13.30
C GLY H 103 11.65 -29.26 14.77
N PRO H 104 12.50 -30.12 15.36
CA PRO H 104 12.37 -30.61 16.72
C PRO H 104 12.55 -29.57 17.84
N GLY H 105 13.44 -28.59 17.67
CA GLY H 105 13.58 -27.48 18.63
C GLY H 105 14.98 -27.33 19.18
N THR H 106 15.28 -26.19 19.80
CA THR H 106 16.64 -25.87 20.27
C THR H 106 16.68 -24.93 21.45
N ARG H 107 17.08 -25.45 22.61
CA ARG H 107 16.99 -24.70 23.86
C ARG H 107 18.28 -23.95 24.17
N LEU H 108 18.26 -22.62 24.06
CA LEU H 108 19.43 -21.84 24.45
C LEU H 108 19.31 -21.24 25.87
N THR H 109 20.48 -20.95 26.45
CA THR H 109 20.61 -20.27 27.75
C THR H 109 21.87 -19.40 27.70
N VAL H 110 21.75 -18.10 27.97
CA VAL H 110 22.93 -17.23 28.12
C VAL H 110 23.09 -16.85 29.60
N LEU H 111 24.33 -16.57 30.02
CA LEU H 111 24.60 -16.10 31.40
C LEU H 111 25.63 -14.99 31.39
N GLU H 112 25.51 -14.05 32.33
CA GLU H 112 26.53 -13.00 32.49
C GLU H 112 27.64 -13.47 33.41
N ASP H 113 27.43 -14.63 34.06
CA ASP H 113 28.43 -15.31 34.88
C ASP H 113 28.41 -16.84 34.66
N LEU H 114 29.41 -17.56 35.20
CA LEU H 114 29.40 -19.04 35.19
C LEU H 114 29.41 -19.67 36.59
N LYS H 115 29.25 -18.81 37.59
CA LYS H 115 29.46 -19.11 39.03
C LYS H 115 28.52 -20.17 39.64
N ASN H 116 27.21 -19.90 39.66
CA ASN H 116 26.19 -20.86 40.12
C ASN H 116 25.70 -21.75 38.95
N VAL H 117 26.50 -22.77 38.64
CA VAL H 117 26.18 -23.77 37.61
C VAL H 117 26.46 -25.17 38.19
N PHE H 118 25.45 -26.04 38.15
CA PHE H 118 25.50 -27.36 38.78
C PHE H 118 24.75 -28.42 37.95
N PRO H 119 25.00 -29.73 38.21
CA PRO H 119 24.16 -30.83 37.68
C PRO H 119 23.03 -31.25 38.67
N PRO H 120 22.23 -32.31 38.36
CA PRO H 120 21.23 -32.77 39.32
C PRO H 120 21.56 -34.09 40.07
N GLU H 121 21.14 -34.14 41.34
CA GLU H 121 21.17 -35.33 42.21
C GLU H 121 19.82 -36.02 42.12
N VAL H 122 19.87 -37.29 41.73
CA VAL H 122 18.68 -38.06 41.37
C VAL H 122 18.37 -39.10 42.45
N ALA H 123 17.48 -38.70 43.36
CA ALA H 123 16.98 -39.58 44.43
C ALA H 123 15.64 -40.25 44.07
N VAL H 124 15.62 -41.58 44.17
CA VAL H 124 14.41 -42.40 43.92
C VAL H 124 13.86 -42.85 45.27
N PHE H 125 12.56 -42.63 45.47
CA PHE H 125 11.86 -42.93 46.74
C PHE H 125 10.88 -44.11 46.57
N GLU H 126 10.74 -44.86 47.66
CA GLU H 126 9.95 -46.07 47.68
C GLU H 126 8.65 -45.86 48.50
N PRO H 127 7.48 -46.20 47.89
CA PRO H 127 6.14 -45.80 48.39
C PRO H 127 5.84 -46.37 49.75
N SER H 128 4.89 -45.81 50.47
CA SER H 128 4.50 -46.39 51.77
C SER H 128 3.72 -47.69 51.56
N GLU H 129 3.83 -48.61 52.54
CA GLU H 129 3.03 -49.85 52.59
C GLU H 129 1.56 -49.47 52.78
N ALA H 130 1.34 -48.32 53.42
CA ALA H 130 0.03 -47.66 53.59
C ALA H 130 -0.71 -47.41 52.26
N GLU H 131 0.03 -47.21 51.17
CA GLU H 131 -0.53 -47.04 49.82
C GLU H 131 -0.99 -48.39 49.24
N ILE H 132 -0.12 -49.40 49.36
CA ILE H 132 -0.28 -50.73 48.73
C ILE H 132 -1.51 -51.50 49.28
N SER H 133 -1.73 -51.35 50.59
CA SER H 133 -2.88 -51.92 51.30
C SER H 133 -4.23 -51.30 50.93
N HIS H 134 -4.22 -49.99 50.63
CA HIS H 134 -5.44 -49.16 50.53
C HIS H 134 -5.90 -48.94 49.07
N THR H 135 -4.96 -48.63 48.18
CA THR H 135 -5.33 -48.43 46.78
C THR H 135 -4.99 -49.63 45.88
N GLN H 136 -4.45 -50.71 46.47
CA GLN H 136 -4.03 -51.96 45.78
C GLN H 136 -3.06 -51.75 44.59
N LYS H 137 -2.32 -50.63 44.59
CA LYS H 137 -1.23 -50.35 43.62
C LYS H 137 -0.08 -49.59 44.29
N ALA H 138 1.05 -49.50 43.58
CA ALA H 138 2.29 -48.93 44.15
C ALA H 138 2.84 -47.80 43.29
N THR H 139 3.35 -46.76 43.96
CA THR H 139 3.70 -45.47 43.31
C THR H 139 5.13 -44.92 43.65
N LEU H 140 6.08 -45.10 42.71
CA LEU H 140 7.49 -44.74 42.91
C LEU H 140 7.73 -43.27 42.57
N VAL H 141 8.49 -42.57 43.40
CA VAL H 141 8.69 -41.11 43.24
C VAL H 141 10.15 -40.75 42.89
N CYS H 142 10.38 -40.06 41.77
CA CYS H 142 11.70 -39.52 41.48
C CYS H 142 11.77 -38.04 41.74
N LEU H 143 12.95 -37.62 42.19
CA LEU H 143 13.19 -36.25 42.59
C LEU H 143 14.56 -35.80 42.10
N ALA H 144 14.67 -34.54 41.72
CA ALA H 144 15.91 -33.95 41.21
C ALA H 144 16.09 -32.54 41.76
N THR H 145 17.18 -32.30 42.47
CA THR H 145 17.38 -31.03 43.15
C THR H 145 18.78 -30.49 43.00
N GLY H 146 18.87 -29.16 42.98
CA GLY H 146 20.14 -28.46 43.06
C GLY H 146 20.90 -28.40 41.75
N PHE H 147 20.20 -28.06 40.67
CA PHE H 147 20.79 -27.96 39.34
C PHE H 147 20.58 -26.59 38.70
N TYR H 148 21.49 -26.20 37.81
CA TYR H 148 21.44 -24.93 37.04
C TYR H 148 22.14 -25.12 35.68
N PRO H 149 21.44 -24.87 34.56
CA PRO H 149 20.08 -24.27 34.51
C PRO H 149 18.92 -25.27 34.34
N ASP H 150 17.71 -24.73 34.19
CA ASP H 150 16.45 -25.49 34.40
C ASP H 150 16.08 -26.59 33.39
N HIS H 151 16.85 -26.71 32.29
CA HIS H 151 16.55 -27.69 31.23
C HIS H 151 17.19 -29.12 31.33
N VAL H 152 16.44 -30.04 31.97
CA VAL H 152 16.78 -31.47 32.07
C VAL H 152 15.60 -32.38 31.67
N GLU H 153 15.91 -33.46 30.93
CA GLU H 153 14.89 -34.44 30.47
C GLU H 153 15.00 -35.76 31.28
N LEU H 154 13.92 -36.13 31.96
CA LEU H 154 13.90 -37.28 32.86
C LEU H 154 13.11 -38.44 32.25
N SER H 155 13.41 -39.67 32.64
CA SER H 155 12.67 -40.84 32.13
C SER H 155 12.67 -42.02 33.10
N TRP H 156 11.89 -43.04 32.76
CA TRP H 156 11.80 -44.25 33.56
C TRP H 156 12.13 -45.48 32.75
N TRP H 157 12.78 -46.44 33.41
CA TRP H 157 13.39 -47.60 32.81
C TRP H 157 13.17 -48.92 33.57
N VAL H 158 12.44 -49.82 32.91
CA VAL H 158 12.03 -51.09 33.50
C VAL H 158 12.43 -52.27 32.64
N ASN H 159 13.30 -53.09 33.22
CA ASN H 159 13.68 -54.39 32.69
C ASN H 159 14.22 -54.54 31.23
N GLY H 160 15.12 -53.67 30.76
CA GLY H 160 15.59 -52.44 31.40
C GLY H 160 15.36 -51.39 30.33
N LYS H 161 14.07 -51.27 29.95
CA LYS H 161 13.59 -50.38 28.89
C LYS H 161 12.85 -49.14 29.43
N GLU H 162 12.87 -48.04 28.62
CA GLU H 162 12.08 -46.81 28.86
C GLU H 162 10.58 -47.10 28.82
N VAL H 163 9.87 -46.75 29.89
CA VAL H 163 8.43 -47.03 29.95
C VAL H 163 7.60 -45.80 30.26
N HIS H 164 6.47 -45.65 29.57
CA HIS H 164 5.69 -44.40 29.62
C HIS H 164 4.43 -44.41 30.51
N SER H 165 3.67 -45.50 30.48
CA SER H 165 2.53 -45.73 31.38
C SER H 165 2.75 -45.19 32.79
N GLY H 166 1.73 -44.55 33.33
CA GLY H 166 1.71 -44.11 34.70
C GLY H 166 2.88 -43.25 35.11
N VAL H 167 3.23 -42.30 34.26
CA VAL H 167 4.34 -41.42 34.55
C VAL H 167 3.88 -39.96 34.52
N CYS H 168 3.78 -39.36 35.71
CA CYS H 168 3.62 -37.93 35.80
C CYS H 168 4.95 -37.27 36.13
N THR H 169 5.11 -36.03 35.69
CA THR H 169 6.37 -35.29 35.83
C THR H 169 6.06 -33.78 35.86
N ASP H 170 6.79 -33.00 36.68
CA ASP H 170 6.83 -31.51 36.62
C ASP H 170 6.84 -31.04 35.17
N PRO H 171 5.71 -30.50 34.68
CA PRO H 171 5.80 -30.08 33.30
C PRO H 171 6.77 -28.91 33.17
N GLN H 172 6.94 -28.15 34.26
CA GLN H 172 8.04 -27.19 34.43
C GLN H 172 8.62 -27.37 35.87
N PRO H 173 9.94 -27.10 36.07
CA PRO H 173 10.60 -27.13 37.40
C PRO H 173 10.24 -25.96 38.31
N LEU H 174 10.77 -25.94 39.53
CA LEU H 174 10.47 -24.87 40.51
C LEU H 174 11.70 -24.23 41.11
N LYS H 175 11.77 -22.89 41.04
CA LYS H 175 12.83 -22.08 41.66
C LYS H 175 12.84 -22.38 43.14
N GLU H 176 14.02 -22.68 43.67
CA GLU H 176 14.17 -22.99 45.11
C GLU H 176 14.03 -21.72 45.98
N GLN H 177 14.96 -20.77 45.85
CA GLN H 177 14.89 -19.48 46.56
C GLN H 177 14.91 -18.28 45.59
N PRO H 178 13.70 -17.76 45.16
CA PRO H 178 13.69 -16.53 44.33
C PRO H 178 14.09 -15.27 45.10
N ASP H 182 21.30 -16.76 40.97
CA ASP H 182 21.83 -17.92 41.70
C ASP H 182 20.74 -18.69 42.45
N SER H 183 19.52 -18.69 41.88
CA SER H 183 18.35 -19.39 42.44
C SER H 183 18.14 -20.74 41.76
N ARG H 184 18.92 -21.72 42.21
CA ARG H 184 18.90 -23.10 41.70
C ARG H 184 17.46 -23.64 41.53
N TYR H 185 17.29 -24.54 40.56
CA TYR H 185 15.97 -25.11 40.24
C TYR H 185 15.79 -26.52 40.81
N ALA H 186 14.53 -26.95 40.89
CA ALA H 186 14.14 -28.25 41.44
C ALA H 186 13.10 -28.92 40.53
N LEU H 187 13.11 -30.27 40.51
CA LEU H 187 12.23 -31.08 39.65
C LEU H 187 11.59 -32.26 40.41
N SER H 188 10.50 -32.81 39.86
CA SER H 188 9.83 -33.98 40.43
C SER H 188 9.22 -34.89 39.35
N SER H 189 8.96 -36.14 39.74
CA SER H 189 8.36 -37.17 38.88
C SER H 189 7.65 -38.28 39.65
N ARG H 190 6.88 -39.09 38.90
CA ARG H 190 6.07 -40.19 39.43
C ARG H 190 6.11 -41.39 38.48
N LEU H 191 6.07 -42.58 39.06
CA LEU H 191 5.83 -43.82 38.31
C LEU H 191 4.85 -44.71 39.10
N ARG H 192 4.13 -45.57 38.37
CA ARG H 192 3.12 -46.44 38.98
C ARG H 192 2.88 -47.70 38.14
N VAL H 193 2.83 -48.83 38.84
CA VAL H 193 2.18 -50.05 38.36
C VAL H 193 1.46 -50.72 39.53
N SER H 194 0.93 -51.92 39.27
CA SER H 194 0.33 -52.77 40.29
C SER H 194 1.38 -53.26 41.30
N ALA H 195 0.93 -53.66 42.49
CA ALA H 195 1.83 -54.23 43.48
C ALA H 195 1.99 -55.77 43.32
N THR H 196 2.02 -56.23 42.06
CA THR H 196 2.51 -57.58 41.65
C THR H 196 3.86 -57.40 40.92
N PHE H 197 4.29 -56.15 40.82
CA PHE H 197 5.54 -55.80 40.22
C PHE H 197 6.44 -55.28 41.31
N TRP H 198 5.97 -54.31 42.10
CA TRP H 198 6.79 -53.65 43.14
C TRP H 198 7.12 -54.58 44.33
N GLN H 199 6.52 -55.76 44.33
CA GLN H 199 6.86 -56.79 45.29
C GLN H 199 7.84 -57.77 44.64
N ASN H 200 7.60 -58.06 43.37
CA ASN H 200 8.44 -58.94 42.55
C ASN H 200 9.91 -58.41 42.32
N PRO H 201 10.95 -59.21 42.65
CA PRO H 201 12.30 -58.69 42.63
C PRO H 201 12.85 -58.47 41.21
N ARG H 202 12.72 -59.48 40.33
CA ARG H 202 13.31 -59.51 38.97
C ARG H 202 12.89 -58.38 38.04
N ASN H 203 12.02 -57.51 38.55
CA ASN H 203 11.71 -56.24 37.92
C ASN H 203 12.69 -55.13 38.36
N HIS H 204 13.25 -54.48 37.35
CA HIS H 204 14.36 -53.56 37.49
C HIS H 204 13.84 -52.15 37.11
N PHE H 205 13.64 -51.33 38.14
CA PHE H 205 13.19 -49.97 37.97
C PHE H 205 14.39 -49.04 37.95
N ARG H 206 14.44 -48.12 36.98
CA ARG H 206 15.42 -47.02 37.03
C ARG H 206 14.87 -45.65 36.57
N CYS H 207 15.02 -44.64 37.46
CA CYS H 207 14.77 -43.21 37.15
C CYS H 207 16.03 -42.64 36.53
N GLN H 208 15.86 -41.78 35.52
CA GLN H 208 16.98 -41.32 34.71
C GLN H 208 16.87 -39.88 34.31
N VAL H 209 17.59 -39.02 35.01
CA VAL H 209 17.79 -37.64 34.58
C VAL H 209 18.78 -37.63 33.39
N GLN H 210 18.54 -36.79 32.38
CA GLN H 210 19.55 -36.38 31.35
C GLN H 210 19.76 -34.86 31.40
N PHE H 211 20.92 -34.43 31.88
CA PHE H 211 21.21 -33.01 32.07
C PHE H 211 22.20 -32.56 30.98
N TYR H 212 21.91 -31.41 30.34
CA TYR H 212 22.78 -30.78 29.29
C TYR H 212 23.54 -29.56 29.84
N GLY H 213 24.49 -29.80 30.73
CA GLY H 213 25.38 -28.74 31.21
C GLY H 213 26.45 -28.32 30.23
N LEU H 214 27.66 -28.09 30.76
CA LEU H 214 28.80 -27.72 29.93
C LEU H 214 29.19 -28.93 29.08
N SER H 215 29.58 -28.65 27.85
CA SER H 215 30.06 -29.69 26.93
C SER H 215 31.59 -29.98 27.14
N GLU H 216 32.26 -30.43 26.08
CA GLU H 216 33.70 -30.70 26.06
C GLU H 216 34.55 -29.43 26.30
N ASN H 217 34.83 -28.65 25.22
CA ASN H 217 35.69 -27.46 25.27
C ASN H 217 35.02 -26.22 25.90
N ASP H 218 35.13 -26.11 27.23
CA ASP H 218 34.47 -25.07 28.03
C ASP H 218 35.36 -24.72 29.21
N GLU H 219 35.83 -23.46 29.19
CA GLU H 219 36.84 -22.99 30.15
C GLU H 219 36.36 -23.07 31.61
N TRP H 220 36.76 -24.15 32.30
CA TRP H 220 36.40 -24.35 33.71
C TRP H 220 37.43 -23.72 34.64
N THR H 221 36.92 -23.04 35.68
CA THR H 221 37.77 -22.30 36.62
C THR H 221 37.84 -22.93 38.02
N GLN H 222 36.69 -23.20 38.64
CA GLN H 222 36.58 -23.64 40.04
C GLN H 222 37.23 -25.01 40.32
N ASP H 223 37.58 -25.26 41.58
CA ASP H 223 38.17 -26.54 41.97
C ASP H 223 37.16 -27.59 42.51
N ARG H 224 35.85 -27.35 42.32
CA ARG H 224 34.83 -28.41 42.48
C ARG H 224 34.65 -29.15 41.15
N ALA H 225 33.95 -30.30 41.21
CA ALA H 225 33.82 -31.22 40.06
C ALA H 225 33.19 -30.52 38.83
N LYS H 226 33.84 -30.63 37.65
CA LYS H 226 33.31 -29.98 36.42
C LYS H 226 31.84 -30.35 36.14
N PRO H 227 30.94 -29.33 36.05
CA PRO H 227 29.53 -29.57 35.68
C PRO H 227 29.44 -29.67 34.18
N VAL H 228 28.84 -30.75 33.69
CA VAL H 228 28.89 -31.08 32.27
C VAL H 228 27.69 -31.89 31.85
N THR H 229 27.56 -32.14 30.56
CA THR H 229 26.45 -32.96 30.02
C THR H 229 26.61 -34.41 30.51
N GLN H 230 25.65 -34.89 31.31
CA GLN H 230 25.71 -36.23 31.91
C GLN H 230 24.34 -36.80 32.25
N ILE H 231 24.17 -38.10 32.03
CA ILE H 231 23.01 -38.86 32.53
C ILE H 231 23.27 -39.06 34.04
N VAL H 232 22.24 -38.93 34.87
CA VAL H 232 22.30 -39.22 36.32
C VAL H 232 21.19 -40.21 36.66
N SER H 233 21.55 -41.32 37.33
CA SER H 233 20.60 -42.41 37.65
C SER H 233 20.45 -42.69 39.12
N ALA H 234 19.41 -43.48 39.40
CA ALA H 234 19.14 -44.17 40.67
C ALA H 234 18.08 -45.25 40.39
N GLU H 235 18.24 -46.40 41.02
CA GLU H 235 17.38 -47.57 40.76
C GLU H 235 16.87 -48.23 42.05
N ALA H 236 15.86 -49.10 41.88
CA ALA H 236 15.38 -49.98 42.95
C ALA H 236 14.78 -51.30 42.42
N TRP H 237 14.78 -52.34 43.28
CA TRP H 237 14.22 -53.66 42.97
C TRP H 237 13.00 -53.93 43.83
N GLY H 238 12.17 -54.90 43.40
CA GLY H 238 10.90 -55.19 44.05
C GLY H 238 11.02 -55.89 45.38
N ARG H 239 10.45 -55.28 46.42
CA ARG H 239 10.57 -55.80 47.81
C ARG H 239 9.22 -56.10 48.42
#